data_7UG3
#
_entry.id   7UG3
#
_cell.length_a   85.070
_cell.length_b   90.830
_cell.length_c   103.860
_cell.angle_alpha   90.000
_cell.angle_beta   93.874
_cell.angle_gamma   90.000
#
_symmetry.space_group_name_H-M   'P 1 21 1'
#
loop_
_entity.id
_entity.type
_entity.pdbx_description
1 polymer 'Adenosylmethionine-8-amino-7-oxononanoate aminotransferase'
2 non-polymer 'SODIUM ION'
3 water water
#
_entity_poly.entity_id   1
_entity_poly.type   'polypeptide(L)'
_entity_poly.pdbx_seq_one_letter_code
;MAHHHHHHHMTLDDLAFDRRHIWHPYTSMTSPLPVYPVVSAHGCELSLAGGEQLVDGMSSWWAAIHGYNHPRLNAALKGQ
IDQMSHVMFGGITHPPAVALCRQLVAMTPASLECVFLADSGSVAVEVAMKMALQYWQAKGEPRRRFLTFRNGYHGDTFGA
MSVCDPQNSMHSLWQGYLPDNLFAPAPQSRFDGEWDEMDMVPFARLMAAHRHEIAAVILEPIVQGAGGMRMYHPEWLKRV
RKMCDREGILLIADEIATGFGRTGKLFACEHAGITADILCLGKALTGGTMTLSAAITTRTVAETISNGEAGCFMHGPTFM
GNPLACAVASESLRLLESGEWQPQVAAIEAQLQAELAPARGSALVADVRVLGAIGVVETRRPVNMAALQRFFVEQGVWIR
PFGRLIYLMPPYIITPEQLTRLTRAVNQAVQDETFFSE
;
_entity_poly.pdbx_strand_id   A,B,C,D
#
# COMPACT_ATOMS: atom_id res chain seq x y z
N MET A 10 -14.40 54.35 4.58
CA MET A 10 -15.11 53.47 3.65
CA MET A 10 -15.16 53.48 3.68
C MET A 10 -15.84 54.30 2.59
N THR A 11 -15.64 53.91 1.34
CA THR A 11 -16.17 54.63 0.20
C THR A 11 -17.33 53.84 -0.40
N LEU A 12 -18.05 54.49 -1.34
CA LEU A 12 -19.10 53.77 -2.05
C LEU A 12 -18.55 52.58 -2.83
N ASP A 13 -17.37 52.74 -3.44
CA ASP A 13 -16.75 51.65 -4.17
C ASP A 13 -16.37 50.49 -3.26
N ASP A 14 -15.93 50.80 -2.02
CA ASP A 14 -15.69 49.77 -1.02
C ASP A 14 -16.95 48.95 -0.74
N LEU A 15 -18.09 49.64 -0.54
CA LEU A 15 -19.36 48.94 -0.31
C LEU A 15 -19.73 48.08 -1.51
N ALA A 16 -19.54 48.60 -2.72
CA ALA A 16 -19.86 47.84 -3.93
C ALA A 16 -18.94 46.63 -4.06
N PHE A 17 -17.67 46.80 -3.66
CA PHE A 17 -16.73 45.68 -3.72
C PHE A 17 -17.11 44.61 -2.69
N ASP A 18 -17.43 45.03 -1.46
CA ASP A 18 -17.87 44.09 -0.43
C ASP A 18 -19.08 43.32 -0.90
N ARG A 19 -20.09 44.04 -1.43
N ARG A 19 -20.09 44.03 -1.44
CA ARG A 19 -21.32 43.43 -1.91
CA ARG A 19 -21.32 43.38 -1.87
C ARG A 19 -21.05 42.38 -2.98
C ARG A 19 -21.05 42.37 -2.99
N ARG A 20 -20.16 42.70 -3.93
CA ARG A 20 -19.92 41.84 -5.08
C ARG A 20 -18.92 40.72 -4.83
N HIS A 21 -18.03 40.86 -3.85
CA HIS A 21 -16.88 39.95 -3.73
C HIS A 21 -16.67 39.35 -2.36
N ILE A 22 -17.42 39.75 -1.33
CA ILE A 22 -17.13 39.35 0.05
C ILE A 22 -18.37 38.67 0.63
N TRP A 23 -18.25 37.39 0.97
CA TRP A 23 -19.34 36.71 1.67
C TRP A 23 -19.45 37.16 3.11
N HIS A 24 -20.68 37.34 3.56
CA HIS A 24 -20.98 37.51 4.97
C HIS A 24 -21.80 36.34 5.48
N PRO A 25 -21.82 36.10 6.80
CA PRO A 25 -22.54 34.95 7.34
C PRO A 25 -24.01 34.96 6.92
N TYR A 26 -24.52 33.76 6.60
CA TYR A 26 -25.96 33.53 6.37
C TYR A 26 -26.58 34.54 5.39
N THR A 27 -25.80 34.99 4.41
CA THR A 27 -26.34 35.83 3.35
C THR A 27 -26.01 35.26 1.99
N SER A 28 -26.83 35.62 1.00
CA SER A 28 -26.62 35.24 -0.37
C SER A 28 -25.58 36.16 -1.02
N MET A 29 -25.12 35.74 -2.20
CA MET A 29 -24.28 36.58 -3.04
C MET A 29 -25.05 37.26 -4.17
N THR A 30 -26.15 36.65 -4.63
CA THR A 30 -26.97 37.26 -5.68
C THR A 30 -27.91 38.32 -5.13
N SER A 31 -28.30 38.21 -3.86
CA SER A 31 -29.20 39.17 -3.22
C SER A 31 -28.80 39.34 -1.76
N PRO A 32 -27.63 39.93 -1.51
CA PRO A 32 -27.23 40.20 -0.13
C PRO A 32 -28.12 41.27 0.50
N LEU A 33 -28.38 41.13 1.78
CA LEU A 33 -29.00 42.20 2.53
C LEU A 33 -27.98 43.32 2.77
N PRO A 34 -28.44 44.55 3.01
CA PRO A 34 -27.49 45.64 3.26
C PRO A 34 -26.60 45.35 4.46
N VAL A 35 -25.35 45.79 4.37
CA VAL A 35 -24.42 45.68 5.48
C VAL A 35 -23.98 47.08 5.87
N TYR A 36 -23.68 47.26 7.16
CA TYR A 36 -23.36 48.56 7.71
C TYR A 36 -21.86 48.69 7.91
N PRO A 37 -21.24 49.76 7.41
CA PRO A 37 -19.79 49.89 7.56
C PRO A 37 -19.43 50.35 8.96
N VAL A 38 -18.74 49.48 9.71
CA VAL A 38 -18.17 49.84 11.01
C VAL A 38 -16.67 50.05 10.83
N VAL A 39 -16.14 51.18 11.31
CA VAL A 39 -14.73 51.49 11.12
C VAL A 39 -13.93 51.46 12.43
N SER A 40 -14.60 51.52 13.58
CA SER A 40 -13.92 51.47 14.88
C SER A 40 -14.97 51.15 15.92
N ALA A 41 -14.50 50.93 17.14
CA ALA A 41 -15.39 50.53 18.23
C ALA A 41 -14.73 50.90 19.54
N HIS A 42 -15.54 51.38 20.48
CA HIS A 42 -15.03 51.80 21.77
CA HIS A 42 -15.02 51.76 21.78
C HIS A 42 -16.08 51.49 22.84
N GLY A 43 -15.62 51.03 24.00
CA GLY A 43 -16.55 50.80 25.11
C GLY A 43 -17.64 49.83 24.71
N CYS A 44 -18.90 50.30 24.79
CA CYS A 44 -20.04 49.47 24.42
C CYS A 44 -20.69 49.96 23.12
N GLU A 45 -19.91 50.63 22.27
CA GLU A 45 -20.41 51.27 21.06
C GLU A 45 -19.58 50.90 19.83
N LEU A 46 -20.26 50.80 18.69
CA LEU A 46 -19.66 50.63 17.37
C LEU A 46 -19.74 51.96 16.63
N SER A 47 -18.69 52.29 15.87
CA SER A 47 -18.66 53.56 15.14
C SER A 47 -18.82 53.28 13.64
N LEU A 48 -19.92 53.77 13.05
CA LEU A 48 -20.14 53.61 11.63
C LEU A 48 -19.27 54.61 10.86
N ALA A 49 -19.02 54.28 9.58
CA ALA A 49 -18.21 55.15 8.73
C ALA A 49 -18.75 56.57 8.70
N GLY A 50 -20.07 56.74 8.83
CA GLY A 50 -20.66 58.06 8.85
C GLY A 50 -20.53 58.82 10.15
N GLY A 51 -19.88 58.24 11.17
CA GLY A 51 -19.76 58.88 12.46
C GLY A 51 -20.81 58.52 13.48
N GLU A 52 -21.90 57.85 13.08
CA GLU A 52 -22.93 57.45 14.02
C GLU A 52 -22.39 56.41 14.99
N GLN A 53 -22.77 56.54 16.27
CA GLN A 53 -22.45 55.52 17.27
C GLN A 53 -23.68 54.64 17.52
N LEU A 54 -23.43 53.32 17.61
CA LEU A 54 -24.47 52.34 17.90
C LEU A 54 -24.16 51.68 19.23
N VAL A 55 -25.16 51.59 20.11
CA VAL A 55 -25.02 50.79 21.32
C VAL A 55 -25.04 49.31 20.94
N ASP A 56 -23.99 48.56 21.34
CA ASP A 56 -23.89 47.15 20.98
C ASP A 56 -24.73 46.28 21.91
N GLY A 57 -25.62 45.48 21.34
CA GLY A 57 -26.39 44.52 22.13
C GLY A 57 -26.00 43.07 21.90
N MET A 58 -24.99 42.82 21.04
CA MET A 58 -24.67 41.48 20.57
C MET A 58 -23.32 40.94 21.07
N SER A 59 -22.45 41.78 21.63
CA SER A 59 -21.08 41.36 22.02
C SER A 59 -20.36 40.66 20.86
N SER A 60 -20.72 41.04 19.63
CA SER A 60 -20.16 40.44 18.42
C SER A 60 -20.37 38.92 18.42
N TRP A 61 -21.57 38.52 18.87
CA TRP A 61 -21.97 37.13 19.13
C TRP A 61 -21.14 36.59 20.29
N TRP A 62 -21.62 36.89 21.51
CA TRP A 62 -21.13 36.32 22.77
C TRP A 62 -19.83 36.92 23.28
N ALA A 63 -18.81 37.07 22.41
CA ALA A 63 -17.43 37.03 22.89
C ALA A 63 -16.93 38.33 23.53
N ALA A 64 -17.43 39.50 23.07
CA ALA A 64 -16.90 40.78 23.52
C ALA A 64 -17.48 41.21 24.89
N ILE A 65 -17.23 40.37 25.90
CA ILE A 65 -17.86 40.57 27.21
C ILE A 65 -17.31 41.81 27.91
N HIS A 66 -16.08 42.23 27.56
CA HIS A 66 -15.44 43.40 28.16
C HIS A 66 -15.64 44.64 27.30
N GLY A 67 -16.50 44.54 26.28
CA GLY A 67 -16.68 45.65 25.38
C GLY A 67 -15.58 45.70 24.33
N TYR A 68 -15.42 46.88 23.77
CA TYR A 68 -14.57 47.09 22.60
C TYR A 68 -13.41 48.01 22.96
N ASN A 69 -12.29 47.84 22.26
CA ASN A 69 -11.11 48.71 22.44
C ASN A 69 -10.76 48.81 23.92
N HIS A 70 -10.66 47.67 24.56
CA HIS A 70 -10.41 47.64 26.00
C HIS A 70 -8.93 47.86 26.30
N PRO A 71 -8.58 48.84 27.16
CA PRO A 71 -7.17 49.18 27.36
C PRO A 71 -6.30 48.03 27.85
N ARG A 72 -6.83 47.17 28.73
CA ARG A 72 -6.02 46.07 29.25
C ARG A 72 -5.83 45.00 28.19
N LEU A 73 -6.86 44.77 27.37
CA LEU A 73 -6.73 43.78 26.32
C LEU A 73 -5.75 44.27 25.25
N ASN A 74 -5.84 45.57 24.94
CA ASN A 74 -4.94 46.17 23.96
C ASN A 74 -3.48 46.03 24.41
N ALA A 75 -3.20 46.34 25.69
CA ALA A 75 -1.84 46.30 26.20
C ALA A 75 -1.31 44.87 26.29
N ALA A 76 -2.17 43.91 26.59
CA ALA A 76 -1.76 42.51 26.55
C ALA A 76 -1.32 42.12 25.14
N LEU A 77 -2.12 42.48 24.13
CA LEU A 77 -1.77 42.14 22.75
C LEU A 77 -0.46 42.80 22.35
N LYS A 78 -0.34 44.09 22.62
CA LYS A 78 0.84 44.83 22.16
C LYS A 78 2.08 44.35 22.91
N GLY A 79 1.92 44.00 24.18
CA GLY A 79 3.07 43.50 24.95
C GLY A 79 3.55 42.17 24.42
N GLN A 80 2.63 41.33 23.91
CA GLN A 80 3.06 40.05 23.36
C GLN A 80 3.68 40.22 21.98
N ILE A 81 3.09 41.10 21.14
CA ILE A 81 3.68 41.40 19.84
C ILE A 81 5.15 41.77 19.98
N ASP A 82 5.49 42.49 21.05
CA ASP A 82 6.88 42.93 21.25
C ASP A 82 7.83 41.77 21.49
N GLN A 83 7.33 40.64 21.98
CA GLN A 83 8.17 39.47 22.21
C GLN A 83 8.12 38.52 21.02
N MET A 84 6.90 38.10 20.66
CA MET A 84 6.62 37.32 19.45
C MET A 84 5.12 37.17 19.30
N SER A 85 4.64 37.35 18.06
CA SER A 85 3.23 37.13 17.79
C SER A 85 2.92 35.64 17.75
N HIS A 86 3.86 34.85 17.23
CA HIS A 86 3.59 33.43 17.04
C HIS A 86 4.89 32.63 16.95
N VAL A 87 4.83 31.41 17.50
CA VAL A 87 5.81 30.36 17.22
C VAL A 87 5.04 29.06 17.28
N MET A 88 5.52 28.07 16.55
CA MET A 88 4.88 26.76 16.55
C MET A 88 4.94 26.13 17.94
N PHE A 89 4.02 25.20 18.16
CA PHE A 89 3.83 24.50 19.41
C PHE A 89 4.34 23.07 19.34
N GLY A 90 4.88 22.66 18.19
CA GLY A 90 5.40 21.31 18.09
C GLY A 90 6.84 21.22 18.57
N GLY A 91 7.03 20.59 19.74
CA GLY A 91 8.35 20.54 20.35
C GLY A 91 8.69 21.76 21.17
N ILE A 92 7.76 22.71 21.27
CA ILE A 92 8.00 24.02 21.87
C ILE A 92 6.85 24.37 22.80
N THR A 93 7.19 24.97 23.94
CA THR A 93 6.22 25.69 24.75
C THR A 93 6.72 27.11 24.99
N HIS A 94 5.85 27.95 25.52
CA HIS A 94 6.14 29.37 25.66
C HIS A 94 5.34 29.95 26.83
N PRO A 95 5.75 31.11 27.35
CA PRO A 95 5.11 31.66 28.57
C PRO A 95 3.61 31.91 28.40
N PRO A 96 3.14 32.44 27.25
CA PRO A 96 1.69 32.68 27.15
C PRO A 96 0.86 31.41 27.26
N ALA A 97 1.31 30.30 26.64
CA ALA A 97 0.51 29.08 26.73
C ALA A 97 0.45 28.57 28.17
N VAL A 98 1.58 28.62 28.87
CA VAL A 98 1.59 28.18 30.26
C VAL A 98 0.70 29.06 31.12
N ALA A 99 0.77 30.38 30.92
CA ALA A 99 0.02 31.28 31.79
C ALA A 99 -1.49 31.09 31.59
N LEU A 100 -1.93 30.96 30.33
CA LEU A 100 -3.34 30.71 30.06
C LEU A 100 -3.78 29.36 30.60
N CYS A 101 -2.98 28.28 30.34
CA CYS A 101 -3.44 26.97 30.80
C CYS A 101 -3.50 26.89 32.33
N ARG A 102 -2.55 27.55 33.01
CA ARG A 102 -2.62 27.65 34.46
C ARG A 102 -3.96 28.26 34.90
N GLN A 103 -4.38 29.34 34.23
CA GLN A 103 -5.65 29.96 34.57
C GLN A 103 -6.82 29.02 34.28
N LEU A 104 -6.80 28.36 33.10
CA LEU A 104 -7.93 27.51 32.73
C LEU A 104 -8.07 26.31 33.68
N VAL A 105 -6.93 25.73 34.08
CA VAL A 105 -6.95 24.62 35.02
C VAL A 105 -7.43 25.08 36.39
N ALA A 106 -6.96 26.27 36.84
CA ALA A 106 -7.29 26.71 38.20
C ALA A 106 -8.75 27.12 38.32
N MET A 107 -9.33 27.70 37.26
CA MET A 107 -10.68 28.25 37.37
C MET A 107 -11.76 27.22 37.13
N THR A 108 -11.39 26.04 36.62
CA THR A 108 -12.33 24.95 36.37
C THR A 108 -12.26 23.95 37.50
N PRO A 109 -13.32 23.12 37.67
CA PRO A 109 -13.26 22.06 38.69
C PRO A 109 -11.99 21.23 38.63
N ALA A 110 -11.64 20.62 39.76
CA ALA A 110 -10.35 19.96 39.93
C ALA A 110 -10.18 18.80 38.95
N SER A 111 -11.28 18.15 38.56
CA SER A 111 -11.15 17.00 37.66
C SER A 111 -10.72 17.42 36.25
N LEU A 112 -11.01 18.67 35.86
CA LEU A 112 -10.68 19.17 34.52
C LEU A 112 -9.28 19.78 34.54
N GLU A 113 -8.28 19.06 33.98
CA GLU A 113 -6.89 19.46 34.20
C GLU A 113 -5.94 19.29 33.00
N CYS A 114 -6.40 18.80 31.85
CA CYS A 114 -5.54 18.66 30.67
C CYS A 114 -6.13 19.51 29.57
N VAL A 115 -5.32 20.43 29.05
CA VAL A 115 -5.79 21.46 28.12
C VAL A 115 -5.25 21.15 26.73
N PHE A 116 -6.16 21.14 25.74
CA PHE A 116 -5.83 21.06 24.32
C PHE A 116 -6.27 22.38 23.71
N LEU A 117 -5.31 23.22 23.36
CA LEU A 117 -5.59 24.50 22.74
C LEU A 117 -5.89 24.30 21.27
N ALA A 118 -6.79 25.14 20.75
CA ALA A 118 -7.14 25.05 19.33
C ALA A 118 -7.51 26.44 18.80
N ASP A 119 -7.78 26.48 17.47
CA ASP A 119 -8.01 27.72 16.75
C ASP A 119 -9.41 28.31 17.00
N SER A 120 -10.45 27.49 16.82
CA SER A 120 -11.81 28.01 16.76
C SER A 120 -12.73 27.12 17.57
N GLY A 121 -13.96 27.63 17.79
CA GLY A 121 -14.93 26.88 18.57
C GLY A 121 -15.21 25.51 17.99
N SER A 122 -15.48 25.47 16.68
CA SER A 122 -15.84 24.21 16.05
C SER A 122 -14.70 23.21 16.13
N VAL A 123 -13.45 23.68 16.10
CA VAL A 123 -12.34 22.75 16.16
C VAL A 123 -12.22 22.16 17.57
N ALA A 124 -12.54 22.95 18.60
CA ALA A 124 -12.49 22.43 19.96
C ALA A 124 -13.54 21.34 20.16
N VAL A 125 -14.72 21.51 19.58
CA VAL A 125 -15.74 20.47 19.68
C VAL A 125 -15.30 19.23 18.91
N GLU A 126 -14.75 19.43 17.70
CA GLU A 126 -14.26 18.29 16.94
C GLU A 126 -13.15 17.57 17.68
N VAL A 127 -12.28 18.33 18.35
CA VAL A 127 -11.19 17.71 19.12
C VAL A 127 -11.76 16.92 20.28
N ALA A 128 -12.80 17.46 20.94
CA ALA A 128 -13.44 16.74 22.03
C ALA A 128 -14.02 15.41 21.56
N MET A 129 -14.67 15.42 20.38
CA MET A 129 -15.27 14.19 19.87
C MET A 129 -14.20 13.21 19.44
N LYS A 130 -13.10 13.70 18.86
CA LYS A 130 -11.99 12.83 18.53
C LYS A 130 -11.37 12.23 19.78
N MET A 131 -11.29 13.01 20.87
CA MET A 131 -10.84 12.46 22.13
C MET A 131 -11.75 11.32 22.58
N ALA A 132 -13.07 11.51 22.44
CA ALA A 132 -14.01 10.48 22.87
C ALA A 132 -13.85 9.22 22.02
N LEU A 133 -13.64 9.38 20.72
CA LEU A 133 -13.42 8.22 19.85
C LEU A 133 -12.15 7.47 20.26
N GLN A 134 -11.06 8.20 20.50
CA GLN A 134 -9.81 7.57 20.87
C GLN A 134 -9.87 6.96 22.26
N TYR A 135 -10.70 7.53 23.13
CA TYR A 135 -10.89 6.99 24.47
C TYR A 135 -11.43 5.56 24.41
N TRP A 136 -12.49 5.35 23.64
CA TRP A 136 -13.07 4.02 23.53
C TRP A 136 -12.23 3.11 22.66
N GLN A 137 -11.61 3.65 21.60
CA GLN A 137 -10.72 2.84 20.77
C GLN A 137 -9.60 2.22 21.60
N ALA A 138 -9.05 2.97 22.56
CA ALA A 138 -7.96 2.46 23.38
C ALA A 138 -8.42 1.45 24.41
N LYS A 139 -9.68 1.53 24.84
CA LYS A 139 -10.27 0.59 25.78
C LYS A 139 -10.78 -0.68 25.10
N GLY A 140 -10.38 -0.92 23.85
CA GLY A 140 -10.83 -2.09 23.12
C GLY A 140 -12.31 -2.12 22.83
N GLU A 141 -13.01 -1.02 23.04
CA GLU A 141 -14.46 -0.95 22.89
C GLU A 141 -14.79 0.23 21.99
N PRO A 142 -14.43 0.14 20.71
CA PRO A 142 -14.60 1.29 19.81
C PRO A 142 -16.05 1.68 19.63
N ARG A 143 -16.37 2.89 20.08
CA ARG A 143 -17.70 3.50 19.93
C ARG A 143 -17.60 4.70 19.01
N ARG A 144 -18.59 4.86 18.14
CA ARG A 144 -18.48 5.80 17.02
C ARG A 144 -19.65 6.78 16.92
N ARG A 145 -20.65 6.68 17.78
CA ARG A 145 -21.82 7.55 17.70
C ARG A 145 -21.85 8.53 18.86
N PHE A 146 -22.42 9.70 18.59
CA PHE A 146 -22.64 10.73 19.58
C PHE A 146 -24.14 10.98 19.72
N LEU A 147 -24.56 11.22 20.96
CA LEU A 147 -25.95 11.56 21.25
C LEU A 147 -26.01 13.05 21.52
N THR A 148 -26.86 13.74 20.79
CA THR A 148 -27.12 15.16 21.00
C THR A 148 -28.63 15.35 21.13
N PHE A 149 -29.01 16.58 21.44
CA PHE A 149 -30.41 16.93 21.60
C PHE A 149 -30.83 17.85 20.47
N ARG A 150 -32.00 17.57 19.91
CA ARG A 150 -32.58 18.43 18.88
C ARG A 150 -33.85 19.11 19.42
N ASN A 181 -25.61 10.10 14.02
CA ASN A 181 -25.83 10.66 15.35
C ASN A 181 -27.24 10.33 15.86
N LEU A 182 -27.34 10.16 17.18
CA LEU A 182 -28.60 9.94 17.86
C LEU A 182 -29.12 11.27 18.40
N PHE A 183 -30.38 11.57 18.15
CA PHE A 183 -30.97 12.86 18.51
C PHE A 183 -32.10 12.62 19.49
N ALA A 184 -31.91 13.11 20.72
CA ALA A 184 -32.99 12.95 21.67
C ALA A 184 -33.86 14.20 21.65
N PRO A 185 -35.18 14.03 21.85
CA PRO A 185 -36.06 15.21 21.94
C PRO A 185 -35.57 16.15 23.02
N ALA A 186 -35.56 17.44 22.70
CA ALA A 186 -35.21 18.45 23.70
C ALA A 186 -36.22 18.39 24.84
N PRO A 187 -35.79 18.61 26.09
CA PRO A 187 -36.74 18.56 27.21
C PRO A 187 -37.70 19.74 27.15
N GLN A 188 -38.99 19.45 27.36
CA GLN A 188 -40.06 20.42 27.19
C GLN A 188 -40.31 21.28 28.42
N SER A 189 -39.88 20.84 29.61
CA SER A 189 -40.08 21.63 30.83
C SER A 189 -39.49 23.02 30.66
N ARG A 190 -40.26 24.04 31.06
CA ARG A 190 -39.75 25.39 30.97
C ARG A 190 -38.52 25.53 31.83
N PHE A 191 -37.48 26.17 31.27
CA PHE A 191 -36.15 26.10 31.88
C PHE A 191 -36.15 26.67 33.30
N ASP A 192 -36.93 27.73 33.53
CA ASP A 192 -36.98 28.39 34.83
C ASP A 192 -38.21 28.01 35.62
N GLY A 193 -38.95 27.00 35.16
CA GLY A 193 -40.15 26.56 35.84
C GLY A 193 -40.00 25.18 36.45
N GLU A 194 -41.14 24.52 36.67
CA GLU A 194 -41.15 23.23 37.34
C GLU A 194 -40.67 22.12 36.41
N TRP A 195 -40.08 21.12 37.03
CA TRP A 195 -39.47 19.99 36.32
C TRP A 195 -40.43 18.82 36.24
N ASP A 196 -40.49 18.21 35.06
CA ASP A 196 -41.25 16.98 34.84
C ASP A 196 -40.26 15.93 34.36
N GLU A 197 -39.92 14.98 35.23
CA GLU A 197 -38.90 13.98 34.91
C GLU A 197 -39.26 13.13 33.70
N MET A 198 -40.52 13.15 33.25
CA MET A 198 -40.91 12.48 32.02
C MET A 198 -40.13 13.02 30.82
N ASP A 199 -39.57 14.23 30.93
CA ASP A 199 -38.69 14.77 29.89
C ASP A 199 -37.54 13.83 29.54
N MET A 200 -37.04 13.08 30.53
CA MET A 200 -35.85 12.27 30.34
C MET A 200 -36.15 10.89 29.76
N VAL A 201 -37.43 10.49 29.69
CA VAL A 201 -37.75 9.14 29.25
C VAL A 201 -37.29 8.85 27.82
N PRO A 202 -37.49 9.75 26.83
CA PRO A 202 -36.95 9.45 25.49
C PRO A 202 -35.43 9.35 25.48
N PHE A 203 -34.74 10.26 26.18
CA PHE A 203 -33.29 10.21 26.27
C PHE A 203 -32.81 8.89 26.88
N ALA A 204 -33.41 8.50 28.01
CA ALA A 204 -33.00 7.28 28.69
C ALA A 204 -33.25 6.06 27.81
N ARG A 205 -34.31 6.10 27.02
CA ARG A 205 -34.60 5.01 26.10
C ARG A 205 -33.54 4.92 25.02
N LEU A 206 -33.16 6.05 24.43
CA LEU A 206 -32.13 6.05 23.39
C LEU A 206 -30.77 5.66 23.96
N MET A 207 -30.40 6.24 25.11
CA MET A 207 -29.09 5.93 25.69
C MET A 207 -28.97 4.45 26.02
N ALA A 208 -30.01 3.85 26.60
CA ALA A 208 -29.94 2.45 26.97
C ALA A 208 -29.96 1.55 25.74
N ALA A 209 -30.78 1.90 24.73
CA ALA A 209 -30.84 1.10 23.51
C ALA A 209 -29.52 1.12 22.74
N HIS A 210 -28.72 2.19 22.88
CA HIS A 210 -27.50 2.35 22.11
C HIS A 210 -26.25 2.50 22.99
N ARG A 211 -26.30 2.01 24.23
CA ARG A 211 -25.26 2.30 25.21
C ARG A 211 -23.87 1.86 24.76
N HIS A 212 -23.78 0.87 23.87
CA HIS A 212 -22.50 0.33 23.43
C HIS A 212 -22.00 0.98 22.15
N GLU A 213 -22.79 1.86 21.54
CA GLU A 213 -22.36 2.64 20.39
C GLU A 213 -22.04 4.08 20.73
N ILE A 214 -22.42 4.57 21.91
CA ILE A 214 -22.35 5.99 22.25
C ILE A 214 -20.99 6.26 22.90
N ALA A 215 -20.16 7.03 22.19
CA ALA A 215 -18.89 7.48 22.76
C ALA A 215 -19.08 8.61 23.75
N ALA A 216 -20.07 9.48 23.49
CA ALA A 216 -20.24 10.67 24.29
C ALA A 216 -21.61 11.27 24.00
N VAL A 217 -22.16 11.90 25.03
CA VAL A 217 -23.24 12.87 24.89
C VAL A 217 -22.58 14.22 24.73
N ILE A 218 -23.07 15.00 23.75
CA ILE A 218 -22.60 16.36 23.53
C ILE A 218 -23.78 17.31 23.77
N LEU A 219 -23.56 18.35 24.58
CA LEU A 219 -24.63 19.32 24.77
C LEU A 219 -24.04 20.66 25.16
N GLU A 220 -24.88 21.72 24.97
CA GLU A 220 -24.66 23.03 25.58
C GLU A 220 -25.44 23.11 26.90
N PRO A 221 -24.79 23.49 28.00
CA PRO A 221 -25.51 23.52 29.30
C PRO A 221 -26.51 24.67 29.35
N ILE A 222 -27.78 24.29 29.46
CA ILE A 222 -28.91 25.20 29.67
C ILE A 222 -29.26 25.96 28.39
N VAL A 223 -28.41 26.91 28.00
CA VAL A 223 -28.70 27.77 26.86
C VAL A 223 -28.13 27.14 25.59
N GLN A 224 -28.98 27.01 24.55
CA GLN A 224 -28.62 26.39 23.29
C GLN A 224 -28.25 27.48 22.28
N GLY A 225 -27.02 27.98 22.40
CA GLY A 225 -26.56 29.01 21.48
C GLY A 225 -26.57 28.55 20.04
N ALA A 226 -26.38 27.25 19.82
CA ALA A 226 -26.51 26.64 18.51
C ALA A 226 -27.82 25.86 18.35
N GLY A 227 -28.82 26.12 19.20
CA GLY A 227 -30.12 25.52 19.08
C GLY A 227 -31.29 26.50 19.19
N GLY A 228 -31.26 27.55 18.36
CA GLY A 228 -32.33 28.52 18.36
C GLY A 228 -32.47 29.32 19.64
N MET A 229 -31.38 29.43 20.42
CA MET A 229 -31.37 30.17 21.68
C MET A 229 -32.38 29.62 22.69
N ARG A 230 -32.77 28.36 22.52
CA ARG A 230 -33.67 27.70 23.45
C ARG A 230 -32.94 27.38 24.75
N MET A 231 -33.73 27.24 25.82
CA MET A 231 -33.17 27.07 27.15
C MET A 231 -33.83 25.87 27.82
N TYR A 232 -33.01 25.03 28.44
CA TYR A 232 -33.47 23.77 29.00
C TYR A 232 -33.30 23.78 30.52
N HIS A 233 -34.12 22.96 31.17
CA HIS A 233 -34.15 22.89 32.62
C HIS A 233 -32.87 22.28 33.18
N PRO A 234 -32.29 22.86 34.24
CA PRO A 234 -31.04 22.31 34.81
C PRO A 234 -31.18 20.88 35.30
N GLU A 235 -32.35 20.48 35.78
CA GLU A 235 -32.53 19.10 36.19
C GLU A 235 -32.28 18.13 35.03
N TRP A 236 -32.61 18.54 33.79
CA TRP A 236 -32.28 17.71 32.63
C TRP A 236 -30.78 17.48 32.54
N LEU A 237 -30.00 18.55 32.68
CA LEU A 237 -28.54 18.44 32.66
C LEU A 237 -28.02 17.58 33.81
N LYS A 238 -28.59 17.76 35.01
CA LYS A 238 -28.23 16.91 36.14
C LYS A 238 -28.48 15.44 35.83
N ARG A 239 -29.63 15.12 35.21
CA ARG A 239 -29.95 13.73 34.94
C ARG A 239 -29.05 13.14 33.86
N VAL A 240 -28.71 13.94 32.84
CA VAL A 240 -27.78 13.48 31.80
C VAL A 240 -26.46 13.02 32.42
N ARG A 241 -25.87 13.87 33.28
CA ARG A 241 -24.62 13.54 33.96
C ARG A 241 -24.72 12.22 34.72
N LYS A 242 -25.83 11.99 35.44
CA LYS A 242 -25.95 10.78 36.24
C LYS A 242 -26.11 9.55 35.35
N MET A 243 -26.83 9.69 34.24
CA MET A 243 -26.98 8.59 33.31
C MET A 243 -25.66 8.29 32.60
N CYS A 244 -24.91 9.33 32.25
CA CYS A 244 -23.57 9.13 31.68
C CYS A 244 -22.67 8.41 32.67
N ASP A 245 -22.76 8.77 33.95
CA ASP A 245 -21.91 8.14 34.97
C ASP A 245 -22.20 6.65 35.08
N ARG A 246 -23.48 6.26 35.11
CA ARG A 246 -23.86 4.86 35.24
C ARG A 246 -23.36 4.03 34.07
N GLU A 247 -23.31 4.61 32.87
CA GLU A 247 -22.92 3.88 31.67
C GLU A 247 -21.43 3.98 31.36
N GLY A 248 -20.69 4.86 32.04
CA GLY A 248 -19.33 5.13 31.67
C GLY A 248 -19.18 6.01 30.45
N ILE A 249 -20.28 6.62 29.99
CA ILE A 249 -20.28 7.44 28.79
C ILE A 249 -19.75 8.83 29.11
N LEU A 250 -18.87 9.33 28.23
CA LEU A 250 -18.32 10.67 28.42
C LEU A 250 -19.38 11.73 28.18
N LEU A 251 -19.29 12.82 28.95
CA LEU A 251 -20.12 14.00 28.76
C LEU A 251 -19.24 15.14 28.25
N ILE A 252 -19.55 15.63 27.04
CA ILE A 252 -18.89 16.79 26.45
C ILE A 252 -19.81 17.98 26.62
N ALA A 253 -19.36 18.98 27.36
CA ALA A 253 -20.10 20.23 27.54
C ALA A 253 -19.47 21.29 26.63
N ASP A 254 -20.25 21.75 25.65
CA ASP A 254 -19.84 22.88 24.80
C ASP A 254 -20.29 24.15 25.51
N GLU A 255 -19.34 24.83 26.16
CA GLU A 255 -19.57 26.13 26.79
C GLU A 255 -18.88 27.24 26.02
N ILE A 256 -18.78 27.07 24.70
CA ILE A 256 -18.20 28.10 23.85
C ILE A 256 -19.06 29.36 23.86
N ALA A 257 -20.37 29.21 23.97
CA ALA A 257 -21.29 30.34 24.09
C ALA A 257 -21.63 30.69 25.54
N THR A 258 -21.83 29.69 26.40
CA THR A 258 -22.35 29.92 27.75
C THR A 258 -21.25 30.24 28.77
N GLY A 259 -19.99 30.06 28.41
CA GLY A 259 -18.92 30.07 29.40
C GLY A 259 -18.62 31.49 29.87
N PHE A 260 -17.84 31.54 30.96
CA PHE A 260 -17.23 32.80 31.43
C PHE A 260 -18.30 33.82 31.84
N GLY A 261 -19.30 33.35 32.59
CA GLY A 261 -20.18 34.22 33.33
C GLY A 261 -21.48 34.59 32.63
N ARG A 262 -21.63 34.23 31.35
CA ARG A 262 -22.70 34.77 30.55
C ARG A 262 -24.08 34.44 31.12
N THR A 263 -24.25 33.24 31.69
CA THR A 263 -25.55 32.83 32.25
C THR A 263 -25.70 33.18 33.72
N GLY A 264 -24.77 33.97 34.28
CA GLY A 264 -24.78 34.31 35.69
C GLY A 264 -23.94 33.38 36.54
N LYS A 265 -23.40 32.30 35.97
CA LYS A 265 -22.44 31.42 36.63
C LYS A 265 -21.15 31.47 35.82
N LEU A 266 -20.01 31.24 36.49
CA LEU A 266 -18.75 31.23 35.75
C LEU A 266 -18.81 30.27 34.57
N PHE A 267 -19.31 29.05 34.82
CA PHE A 267 -19.65 28.11 33.75
C PHE A 267 -21.07 27.65 33.97
N ALA A 268 -21.83 27.54 32.87
CA ALA A 268 -23.25 27.25 32.97
C ALA A 268 -23.52 25.86 33.54
N CYS A 269 -22.53 24.96 33.46
CA CYS A 269 -22.69 23.66 34.13
C CYS A 269 -23.06 23.83 35.61
N GLU A 270 -22.63 24.94 36.23
CA GLU A 270 -22.90 25.11 37.66
C GLU A 270 -24.41 25.18 37.95
N HIS A 271 -25.23 25.55 36.97
CA HIS A 271 -26.67 25.60 37.21
C HIS A 271 -27.23 24.23 37.55
N ALA A 272 -26.57 23.16 37.08
CA ALA A 272 -26.95 21.79 37.43
C ALA A 272 -26.03 21.17 38.47
N GLY A 273 -24.92 21.84 38.82
CA GLY A 273 -24.03 21.27 39.82
C GLY A 273 -23.24 20.09 39.31
N ILE A 274 -22.97 20.05 38.00
CA ILE A 274 -22.28 18.92 37.38
C ILE A 274 -20.99 19.40 36.72
N THR A 275 -20.09 18.45 36.48
CA THR A 275 -18.86 18.69 35.76
C THR A 275 -18.78 17.73 34.58
N ALA A 276 -18.40 18.27 33.43
CA ALA A 276 -18.23 17.48 32.22
C ALA A 276 -16.94 16.67 32.25
N ASP A 277 -16.87 15.66 31.37
CA ASP A 277 -15.62 14.94 31.16
C ASP A 277 -14.69 15.70 30.23
N ILE A 278 -15.28 16.42 29.27
CA ILE A 278 -14.55 17.31 28.38
C ILE A 278 -15.36 18.62 28.30
N LEU A 279 -14.68 19.74 28.49
CA LEU A 279 -15.29 21.07 28.48
C LEU A 279 -14.68 21.87 27.36
N CYS A 280 -15.53 22.43 26.48
CA CYS A 280 -15.06 23.22 25.36
C CYS A 280 -15.36 24.69 25.58
N LEU A 281 -14.37 25.52 25.22
CA LEU A 281 -14.37 26.93 25.56
C LEU A 281 -13.86 27.70 24.36
N GLY A 282 -14.32 28.94 24.26
CA GLY A 282 -13.90 29.81 23.19
C GLY A 282 -14.52 31.17 23.38
N LYS A 283 -14.58 31.92 22.27
CA LYS A 283 -15.25 33.23 22.18
C LYS A 283 -14.84 34.18 23.29
N ALA A 284 -15.60 34.24 24.39
CA ALA A 284 -15.25 35.15 25.48
C ALA A 284 -13.89 34.83 26.11
N LEU A 285 -13.34 33.65 25.77
CA LEU A 285 -11.97 33.31 26.16
C LEU A 285 -11.00 34.45 25.88
N THR A 286 -11.06 35.02 24.66
CA THR A 286 -10.14 36.07 24.24
C THR A 286 -10.69 37.47 24.45
N GLY A 287 -11.82 37.60 25.12
CA GLY A 287 -12.47 38.90 25.17
C GLY A 287 -13.08 39.33 23.86
N GLY A 288 -13.25 38.40 22.92
CA GLY A 288 -13.76 38.73 21.60
C GLY A 288 -12.80 39.55 20.77
N THR A 289 -11.48 39.34 20.94
CA THR A 289 -10.50 40.08 20.15
C THR A 289 -10.01 39.33 18.93
N MET A 290 -9.97 38.00 19.03
CA MET A 290 -9.42 37.13 18.01
C MET A 290 -9.77 35.71 18.42
N THR A 291 -9.75 34.78 17.44
CA THR A 291 -10.23 33.43 17.73
C THR A 291 -9.19 32.63 18.51
N LEU A 292 -9.70 31.82 19.44
CA LEU A 292 -8.95 30.80 20.18
C LEU A 292 -9.98 29.90 20.84
N SER A 293 -9.62 28.64 21.05
CA SER A 293 -10.53 27.74 21.75
C SER A 293 -9.73 26.76 22.58
N ALA A 294 -10.44 26.00 23.42
CA ALA A 294 -9.75 24.98 24.20
C ALA A 294 -10.72 23.85 24.51
N ALA A 295 -10.17 22.62 24.56
CA ALA A 295 -10.87 21.47 25.13
C ALA A 295 -10.08 21.05 26.36
N ILE A 296 -10.74 21.02 27.52
CA ILE A 296 -10.12 20.62 28.77
C ILE A 296 -10.76 19.31 29.20
N THR A 297 -9.93 18.34 29.58
CA THR A 297 -10.51 17.07 30.00
C THR A 297 -9.85 16.61 31.29
N THR A 298 -10.30 15.44 31.73
CA THR A 298 -9.79 14.75 32.90
C THR A 298 -8.50 14.00 32.57
N ARG A 299 -7.76 13.67 33.64
CA ARG A 299 -6.55 12.89 33.47
C ARG A 299 -6.87 11.49 32.96
N THR A 300 -8.02 10.94 33.35
CA THR A 300 -8.39 9.59 32.91
C THR A 300 -8.61 9.56 31.40
N VAL A 301 -9.35 10.54 30.87
CA VAL A 301 -9.49 10.66 29.42
C VAL A 301 -8.12 10.80 28.77
N ALA A 302 -7.32 11.75 29.24
CA ALA A 302 -6.03 12.05 28.60
C ALA A 302 -5.09 10.87 28.63
N GLU A 303 -5.07 10.12 29.73
CA GLU A 303 -4.17 8.97 29.84
C GLU A 303 -4.67 7.81 28.98
N THR A 304 -5.99 7.59 28.95
CA THR A 304 -6.53 6.50 28.16
C THR A 304 -6.24 6.71 26.68
N ILE A 305 -6.33 7.96 26.22
CA ILE A 305 -6.00 8.27 24.83
C ILE A 305 -4.55 7.91 24.54
N SER A 306 -3.63 8.57 25.24
CA SER A 306 -2.20 8.40 25.06
C SER A 306 -1.73 6.97 25.23
N GLY A 316 1.80 20.75 9.83
CA GLY A 316 1.32 20.58 11.19
C GLY A 316 0.37 21.68 11.61
N PRO A 317 -0.23 21.54 12.80
CA PRO A 317 -1.17 22.57 13.28
C PRO A 317 -0.47 23.91 13.49
N THR A 318 -0.27 24.67 12.40
CA THR A 318 0.56 25.87 12.47
C THR A 318 0.23 26.77 13.66
N PHE A 319 -1.06 27.03 13.95
CA PHE A 319 -1.41 28.07 14.89
C PHE A 319 -1.86 27.56 16.26
N MET A 320 -1.77 26.27 16.52
CA MET A 320 -2.03 25.74 17.85
C MET A 320 -1.16 26.44 18.89
N GLY A 321 -1.79 26.92 19.96
CA GLY A 321 -1.09 27.57 21.04
C GLY A 321 -0.65 28.99 20.78
N ASN A 322 -1.16 29.64 19.71
CA ASN A 322 -0.70 30.95 19.26
C ASN A 322 -0.40 31.92 20.41
N PRO A 323 0.87 32.32 20.59
CA PRO A 323 1.23 33.23 21.70
C PRO A 323 0.35 34.47 21.81
N LEU A 324 0.00 35.10 20.68
CA LEU A 324 -0.75 36.33 20.75
C LEU A 324 -2.14 36.09 21.34
N ALA A 325 -2.84 35.07 20.83
CA ALA A 325 -4.17 34.77 21.32
C ALA A 325 -4.13 34.35 22.78
N CYS A 326 -3.10 33.54 23.17
CA CYS A 326 -3.02 33.13 24.57
C CYS A 326 -2.82 34.35 25.47
N ALA A 327 -2.03 35.33 25.00
CA ALA A 327 -1.69 36.48 25.82
C ALA A 327 -2.94 37.31 26.12
N VAL A 328 -3.77 37.55 25.10
CA VAL A 328 -4.99 38.34 25.34
C VAL A 328 -6.03 37.51 26.09
N ALA A 329 -6.07 36.20 25.86
CA ALA A 329 -7.02 35.38 26.63
C ALA A 329 -6.68 35.41 28.12
N SER A 330 -5.38 35.38 28.45
CA SER A 330 -4.96 35.45 29.85
C SER A 330 -5.43 36.75 30.50
N GLU A 331 -5.37 37.86 29.75
CA GLU A 331 -5.80 39.13 30.31
C GLU A 331 -7.31 39.19 30.43
N SER A 332 -8.03 38.62 29.44
CA SER A 332 -9.49 38.53 29.56
C SER A 332 -9.89 37.78 30.83
N LEU A 333 -9.24 36.65 31.11
CA LEU A 333 -9.53 35.90 32.32
C LEU A 333 -9.13 36.68 33.58
N ARG A 334 -7.98 37.37 33.52
CA ARG A 334 -7.59 38.24 34.63
C ARG A 334 -8.66 39.28 34.93
N LEU A 335 -9.29 39.82 33.88
CA LEU A 335 -10.37 40.79 34.09
C LEU A 335 -11.53 40.19 34.88
N LEU A 336 -11.80 38.90 34.69
CA LEU A 336 -12.86 38.22 35.44
C LEU A 336 -12.47 37.86 36.87
N GLU A 337 -11.17 37.79 37.19
CA GLU A 337 -10.76 37.33 38.52
C GLU A 337 -11.25 38.24 39.64
N SER A 338 -11.52 39.51 39.36
CA SER A 338 -12.08 40.41 40.37
C SER A 338 -13.49 40.01 40.79
N GLY A 339 -14.17 39.18 40.01
CA GLY A 339 -15.54 38.81 40.30
C GLY A 339 -16.57 39.87 39.97
N GLU A 340 -16.15 41.00 39.41
CA GLU A 340 -17.07 42.08 39.08
C GLU A 340 -18.10 41.66 38.03
N TRP A 341 -17.79 40.66 37.20
CA TRP A 341 -18.78 40.15 36.24
C TRP A 341 -20.05 39.69 36.93
N GLN A 342 -19.94 39.22 38.20
CA GLN A 342 -21.12 38.66 38.87
C GLN A 342 -22.22 39.71 39.08
N PRO A 343 -21.98 40.84 39.73
CA PRO A 343 -23.07 41.82 39.89
C PRO A 343 -23.39 42.56 38.61
N GLN A 344 -22.42 42.73 37.71
CA GLN A 344 -22.73 43.28 36.39
C GLN A 344 -23.77 42.41 35.69
N VAL A 345 -23.53 41.10 35.66
CA VAL A 345 -24.42 40.20 34.92
C VAL A 345 -25.76 40.08 35.63
N ALA A 346 -25.74 40.05 36.97
CA ALA A 346 -26.98 39.99 37.73
C ALA A 346 -27.84 41.23 37.49
N ALA A 347 -27.21 42.41 37.39
CA ALA A 347 -27.95 43.64 37.12
C ALA A 347 -28.54 43.63 35.72
N ILE A 348 -27.77 43.12 34.75
CA ILE A 348 -28.26 43.01 33.37
C ILE A 348 -29.45 42.07 33.32
N GLU A 349 -29.34 40.95 34.03
CA GLU A 349 -30.41 39.95 34.04
C GLU A 349 -31.70 40.54 34.58
N ALA A 350 -31.63 41.22 35.73
CA ALA A 350 -32.82 41.81 36.34
C ALA A 350 -33.39 42.91 35.46
N GLN A 351 -32.53 43.67 34.76
CA GLN A 351 -33.05 44.71 33.90
C GLN A 351 -33.68 44.11 32.65
N LEU A 352 -33.04 43.07 32.10
CA LEU A 352 -33.64 42.32 31.00
C LEU A 352 -35.00 41.74 31.39
N GLN A 353 -35.08 41.09 32.57
CA GLN A 353 -36.36 40.51 33.00
C GLN A 353 -37.45 41.57 33.04
N ALA A 354 -37.14 42.76 33.55
CA ALA A 354 -38.13 43.81 33.77
C ALA A 354 -38.52 44.48 32.47
N GLU A 355 -37.52 44.81 31.63
CA GLU A 355 -37.82 45.62 30.44
C GLU A 355 -38.30 44.77 29.27
N LEU A 356 -37.99 43.45 29.27
CA LEU A 356 -38.52 42.55 28.23
C LEU A 356 -39.86 41.95 28.59
N ALA A 357 -40.21 41.92 29.88
CA ALA A 357 -41.47 41.33 30.33
C ALA A 357 -42.70 41.81 29.57
N PRO A 358 -42.87 43.10 29.27
CA PRO A 358 -44.07 43.52 28.51
C PRO A 358 -44.14 42.93 27.11
N ALA A 359 -43.01 42.58 26.48
CA ALA A 359 -43.09 41.98 25.16
C ALA A 359 -43.89 40.69 25.16
N ARG A 360 -43.99 40.01 26.32
CA ARG A 360 -44.84 38.83 26.42
C ARG A 360 -46.28 39.16 26.09
N GLY A 361 -46.67 40.41 26.29
CA GLY A 361 -48.02 40.86 26.00
C GLY A 361 -48.28 41.17 24.55
N SER A 362 -47.26 41.03 23.70
CA SER A 362 -47.40 41.32 22.28
C SER A 362 -47.88 40.08 21.53
N ALA A 363 -48.92 40.26 20.70
CA ALA A 363 -49.48 39.15 19.93
C ALA A 363 -48.44 38.49 19.02
N LEU A 364 -47.38 39.20 18.66
CA LEU A 364 -46.35 38.66 17.79
C LEU A 364 -45.28 37.87 18.53
N VAL A 365 -45.34 37.82 19.87
CA VAL A 365 -44.29 37.22 20.68
C VAL A 365 -44.79 35.88 21.21
N ALA A 366 -44.04 34.80 20.88
CA ALA A 366 -44.34 33.48 21.43
C ALA A 366 -43.71 33.29 22.80
N ASP A 367 -42.50 33.81 22.98
CA ASP A 367 -41.80 33.57 24.24
C ASP A 367 -40.80 34.69 24.50
N VAL A 368 -40.64 34.99 25.79
CA VAL A 368 -39.52 35.78 26.29
C VAL A 368 -38.80 34.90 27.32
N ARG A 369 -37.48 34.77 27.17
CA ARG A 369 -36.72 33.98 28.12
C ARG A 369 -35.41 34.70 28.37
N VAL A 370 -35.07 34.82 29.65
CA VAL A 370 -33.92 35.60 30.11
C VAL A 370 -33.13 34.73 31.07
N LEU A 371 -31.81 34.67 30.87
CA LEU A 371 -30.92 34.02 31.84
C LEU A 371 -29.59 34.75 31.81
N GLY A 372 -29.11 35.20 32.97
CA GLY A 372 -27.89 35.99 33.01
C GLY A 372 -27.98 37.17 32.05
N ALA A 373 -26.90 37.40 31.29
CA ALA A 373 -26.87 38.51 30.34
C ALA A 373 -27.26 38.05 28.93
N ILE A 374 -28.37 37.28 28.88
CA ILE A 374 -29.00 36.81 27.65
C ILE A 374 -30.49 37.12 27.75
N GLY A 375 -31.02 37.86 26.76
CA GLY A 375 -32.47 38.03 26.74
C GLY A 375 -32.98 37.70 25.35
N VAL A 376 -33.93 36.77 25.26
CA VAL A 376 -34.41 36.26 23.99
C VAL A 376 -35.88 36.56 23.85
N VAL A 377 -36.25 37.14 22.72
CA VAL A 377 -37.65 37.31 22.31
C VAL A 377 -37.84 36.47 21.07
N GLU A 378 -38.60 35.38 21.20
CA GLU A 378 -38.94 34.52 20.08
C GLU A 378 -40.31 34.96 19.55
N THR A 379 -40.37 35.30 18.28
CA THR A 379 -41.60 35.77 17.66
C THR A 379 -42.36 34.63 17.00
N ARG A 380 -43.62 34.91 16.65
CA ARG A 380 -44.48 33.91 16.02
C ARG A 380 -44.27 33.85 14.51
N ARG A 381 -43.73 34.91 13.93
CA ARG A 381 -43.43 35.01 12.52
CA ARG A 381 -43.43 35.03 12.51
C ARG A 381 -42.02 35.55 12.34
N PRO A 382 -41.34 35.18 11.26
CA PRO A 382 -39.95 35.62 11.08
C PRO A 382 -39.88 37.09 10.72
N VAL A 383 -38.73 37.69 11.05
CA VAL A 383 -38.56 39.13 10.87
C VAL A 383 -38.28 39.46 9.41
N ASN A 384 -38.73 40.63 8.99
CA ASN A 384 -38.26 41.31 7.78
C ASN A 384 -36.89 41.89 8.10
N MET A 385 -35.82 41.24 7.61
CA MET A 385 -34.47 41.53 8.09
C MET A 385 -34.02 42.94 7.71
N ALA A 386 -34.23 43.32 6.45
CA ALA A 386 -33.80 44.64 5.99
C ALA A 386 -34.49 45.75 6.78
N ALA A 387 -35.83 45.71 6.85
CA ALA A 387 -36.60 46.76 7.50
C ALA A 387 -36.33 46.83 9.01
N LEU A 388 -36.27 45.66 9.68
CA LEU A 388 -36.01 45.66 11.12
C LEU A 388 -34.58 46.10 11.43
N GLN A 389 -33.59 45.65 10.64
CA GLN A 389 -32.21 46.07 10.90
C GLN A 389 -32.05 47.57 10.73
N ARG A 390 -32.72 48.15 9.72
CA ARG A 390 -32.66 49.60 9.51
C ARG A 390 -33.24 50.35 10.69
N PHE A 391 -34.38 49.87 11.21
CA PHE A 391 -35.00 50.49 12.37
C PHE A 391 -34.06 50.49 13.57
N PHE A 392 -33.37 49.37 13.81
CA PHE A 392 -32.45 49.31 14.93
C PHE A 392 -31.30 50.29 14.76
N VAL A 393 -30.71 50.32 13.57
CA VAL A 393 -29.61 51.25 13.31
C VAL A 393 -30.08 52.69 13.45
N GLU A 394 -31.25 53.01 12.89
CA GLU A 394 -31.80 54.36 13.03
C GLU A 394 -32.04 54.72 14.49
N GLN A 395 -32.31 53.74 15.35
CA GLN A 395 -32.49 53.96 16.78
C GLN A 395 -31.17 54.05 17.52
N GLY A 396 -30.06 53.85 16.83
CA GLY A 396 -28.76 53.95 17.46
C GLY A 396 -28.30 52.73 18.22
N VAL A 397 -28.82 51.55 17.87
CA VAL A 397 -28.50 50.30 18.57
C VAL A 397 -28.09 49.26 17.54
N TRP A 398 -27.19 48.36 17.95
CA TRP A 398 -26.79 47.24 17.12
C TRP A 398 -27.40 45.98 17.72
N ILE A 399 -28.49 45.53 17.10
CA ILE A 399 -29.17 44.28 17.41
C ILE A 399 -29.31 43.51 16.10
N ARG A 400 -28.80 42.27 16.08
CA ARG A 400 -28.74 41.45 14.87
C ARG A 400 -29.72 40.29 15.01
N PRO A 401 -30.97 40.46 14.57
CA PRO A 401 -31.96 39.38 14.69
C PRO A 401 -31.72 38.31 13.63
N PHE A 402 -32.42 37.19 13.81
CA PHE A 402 -32.34 36.06 12.91
C PHE A 402 -33.64 35.28 13.01
N GLY A 403 -34.23 34.97 11.85
CA GLY A 403 -35.49 34.26 11.75
C GLY A 403 -36.54 34.77 12.71
N ARG A 404 -36.93 33.93 13.68
CA ARG A 404 -37.94 34.30 14.67
C ARG A 404 -37.32 34.71 16.00
N LEU A 405 -36.06 35.15 15.98
CA LEU A 405 -35.32 35.47 17.19
C LEU A 405 -34.85 36.92 17.15
N ILE A 406 -35.21 37.69 18.19
CA ILE A 406 -34.65 39.00 18.47
C ILE A 406 -34.08 38.92 19.87
N TYR A 407 -32.75 38.99 19.98
CA TYR A 407 -32.13 38.67 21.25
C TYR A 407 -30.99 39.63 21.54
N LEU A 408 -30.69 39.72 22.85
CA LEU A 408 -29.70 40.62 23.39
C LEU A 408 -28.69 39.80 24.18
N MET A 409 -27.41 40.12 23.98
CA MET A 409 -26.32 39.54 24.76
C MET A 409 -25.24 40.61 24.86
N PRO A 410 -25.52 41.67 25.62
CA PRO A 410 -24.67 42.84 25.57
C PRO A 410 -23.37 42.59 26.32
N PRO A 411 -22.37 43.45 26.11
CA PRO A 411 -21.16 43.39 26.93
C PRO A 411 -21.48 43.63 28.40
N TYR A 412 -20.64 43.04 29.27
CA TYR A 412 -20.94 43.14 30.70
C TYR A 412 -20.84 44.57 31.22
N ILE A 413 -20.14 45.44 30.47
CA ILE A 413 -19.85 46.79 30.92
C ILE A 413 -20.97 47.75 30.51
N ILE A 414 -22.05 47.21 29.95
CA ILE A 414 -23.09 48.10 29.43
C ILE A 414 -23.75 48.83 30.60
N THR A 415 -24.07 50.12 30.38
CA THR A 415 -24.73 50.95 31.39
C THR A 415 -26.22 50.69 31.40
N PRO A 416 -26.92 51.05 32.50
CA PRO A 416 -28.39 50.96 32.51
C PRO A 416 -29.04 51.70 31.37
N GLU A 417 -28.56 52.90 31.05
CA GLU A 417 -29.20 53.72 30.02
C GLU A 417 -28.97 53.12 28.64
N GLN A 418 -27.75 52.66 28.36
CA GLN A 418 -27.49 51.96 27.10
C GLN A 418 -28.39 50.75 26.95
N LEU A 419 -28.58 49.99 28.05
CA LEU A 419 -29.35 48.76 27.97
C LEU A 419 -30.83 49.05 27.80
N THR A 420 -31.32 50.15 28.40
CA THR A 420 -32.72 50.50 28.20
C THR A 420 -32.99 50.87 26.74
N ARG A 421 -32.01 51.46 26.05
CA ARG A 421 -32.18 51.73 24.63
C ARG A 421 -32.37 50.43 23.86
N LEU A 422 -31.61 49.38 24.24
CA LEU A 422 -31.74 48.09 23.59
C LEU A 422 -33.12 47.47 23.81
N THR A 423 -33.59 47.46 25.08
CA THR A 423 -34.87 46.82 25.38
C THR A 423 -36.05 47.61 24.82
N ARG A 424 -35.96 48.95 24.83
CA ARG A 424 -37.06 49.74 24.27
C ARG A 424 -37.19 49.48 22.77
N ALA A 425 -36.05 49.41 22.07
CA ALA A 425 -36.09 49.13 20.64
C ALA A 425 -36.72 47.77 20.35
N VAL A 426 -36.39 46.75 21.15
CA VAL A 426 -36.95 45.43 20.95
C VAL A 426 -38.45 45.46 21.18
N ASN A 427 -38.88 46.09 22.29
CA ASN A 427 -40.31 46.18 22.58
C ASN A 427 -41.07 46.92 21.49
N GLN A 428 -40.52 48.04 21.00
CA GLN A 428 -41.14 48.73 19.87
C GLN A 428 -41.22 47.80 18.66
N ALA A 429 -40.15 47.04 18.42
CA ALA A 429 -40.10 46.19 17.23
C ALA A 429 -41.24 45.18 17.21
N VAL A 430 -41.45 44.47 18.33
CA VAL A 430 -42.41 43.36 18.37
C VAL A 430 -43.84 43.83 18.59
N GLN A 431 -44.08 45.13 18.65
CA GLN A 431 -45.45 45.66 18.61
C GLN A 431 -45.84 46.10 17.22
N ASP A 432 -44.91 46.06 16.25
CA ASP A 432 -45.16 46.56 14.90
C ASP A 432 -45.12 45.38 13.92
N GLU A 433 -46.27 45.09 13.32
CA GLU A 433 -46.42 44.03 12.32
C GLU A 433 -45.60 44.29 11.07
N THR A 434 -45.20 45.55 10.85
CA THR A 434 -44.47 45.90 9.64
C THR A 434 -43.10 45.24 9.59
N PHE A 435 -42.56 44.83 10.75
CA PHE A 435 -41.23 44.25 10.83
C PHE A 435 -41.24 42.73 10.70
N PHE A 436 -42.36 42.14 10.23
CA PHE A 436 -42.49 40.69 10.17
C PHE A 436 -43.13 40.26 8.86
N SER A 437 -42.62 39.15 8.33
CA SER A 437 -43.18 38.51 7.16
C SER A 437 -44.45 37.76 7.54
N GLU A 438 -44.97 36.94 6.61
CA GLU A 438 -46.07 36.03 6.93
C GLU A 438 -45.52 34.63 7.17
N MET B 10 10.51 31.68 32.05
CA MET B 10 10.01 30.32 32.22
CA MET B 10 9.97 30.35 32.26
C MET B 10 10.76 29.62 33.35
N THR B 11 10.03 28.98 34.25
CA THR B 11 10.59 28.29 35.41
C THR B 11 10.52 26.77 35.22
N LEU B 12 11.27 26.07 36.08
CA LEU B 12 11.17 24.60 36.13
C LEU B 12 9.74 24.15 36.41
N ASP B 13 9.05 24.84 37.32
CA ASP B 13 7.65 24.51 37.57
C ASP B 13 6.77 24.75 36.34
N ASP B 14 7.02 25.82 35.60
CA ASP B 14 6.29 26.06 34.36
C ASP B 14 6.46 24.87 33.39
N LEU B 15 7.68 24.32 33.31
CA LEU B 15 7.89 23.21 32.39
C LEU B 15 7.18 21.95 32.90
N ALA B 16 7.19 21.74 34.23
CA ALA B 16 6.44 20.62 34.80
C ALA B 16 4.95 20.76 34.55
N PHE B 17 4.43 21.99 34.71
CA PHE B 17 3.00 22.24 34.46
C PHE B 17 2.64 21.96 33.01
N ASP B 18 3.45 22.46 32.07
CA ASP B 18 3.20 22.21 30.65
C ASP B 18 3.21 20.71 30.36
N ARG B 19 4.19 20.00 30.92
CA ARG B 19 4.31 18.55 30.68
C ARG B 19 3.08 17.81 31.17
N ARG B 20 2.57 18.20 32.34
CA ARG B 20 1.47 17.49 32.98
C ARG B 20 0.10 17.93 32.49
N HIS B 21 -0.04 19.14 31.95
CA HIS B 21 -1.36 19.71 31.71
C HIS B 21 -1.60 20.27 30.32
N ILE B 22 -0.58 20.34 29.46
CA ILE B 22 -0.71 21.03 28.19
C ILE B 22 -0.41 20.05 27.07
N TRP B 23 -1.41 19.78 26.23
CA TRP B 23 -1.23 18.96 25.05
C TRP B 23 -0.42 19.70 24.00
N HIS B 24 0.50 18.98 23.39
CA HIS B 24 1.19 19.49 22.21
C HIS B 24 0.90 18.59 21.02
N PRO B 25 1.04 19.11 19.80
CA PRO B 25 0.75 18.30 18.61
C PRO B 25 1.54 17.01 18.59
N TYR B 26 0.85 15.92 18.25
CA TYR B 26 1.48 14.66 17.90
C TYR B 26 2.31 14.08 19.05
N THR B 27 1.92 14.38 20.29
CA THR B 27 2.55 13.80 21.46
C THR B 27 1.50 13.31 22.43
N SER B 28 1.87 12.31 23.21
CA SER B 28 1.04 11.78 24.28
C SER B 28 1.14 12.68 25.52
N MET B 29 0.23 12.43 26.47
CA MET B 29 0.30 13.08 27.77
C MET B 29 0.77 12.13 28.88
N THR B 30 0.86 10.83 28.60
CA THR B 30 1.46 9.89 29.54
C THR B 30 2.96 9.77 29.36
N SER B 31 3.44 9.90 28.12
CA SER B 31 4.87 9.85 27.83
C SER B 31 5.23 10.94 26.83
N PRO B 32 5.06 12.21 27.21
CA PRO B 32 5.40 13.29 26.28
C PRO B 32 6.90 13.36 26.05
N LEU B 33 7.26 13.90 24.90
CA LEU B 33 8.65 14.20 24.60
C LEU B 33 9.03 15.57 25.14
N PRO B 34 10.31 15.81 25.41
CA PRO B 34 10.71 17.12 25.94
C PRO B 34 10.38 18.22 24.96
N VAL B 35 9.95 19.35 25.51
CA VAL B 35 9.67 20.53 24.72
C VAL B 35 10.66 21.62 25.11
N TYR B 36 10.94 22.49 24.17
CA TYR B 36 11.92 23.54 24.41
C TYR B 36 11.21 24.85 24.67
N PRO B 37 11.58 25.58 25.72
CA PRO B 37 10.89 26.83 26.04
C PRO B 37 11.40 27.95 25.15
N VAL B 38 10.53 28.45 24.27
CA VAL B 38 10.81 29.63 23.45
C VAL B 38 10.11 30.81 24.12
N VAL B 39 10.86 31.90 24.35
CA VAL B 39 10.27 33.06 25.03
C VAL B 39 10.10 34.26 24.11
N SER B 40 10.85 34.35 23.01
CA SER B 40 10.74 35.45 22.07
C SER B 40 11.34 34.98 20.75
N ALA B 41 11.24 35.84 19.75
CA ALA B 41 11.72 35.49 18.42
C ALA B 41 11.96 36.78 17.66
N HIS B 42 12.96 36.73 16.77
CA HIS B 42 13.39 37.90 16.01
CA HIS B 42 13.37 37.90 16.01
C HIS B 42 14.06 37.42 14.73
N GLY B 43 13.75 38.08 13.62
CA GLY B 43 14.43 37.74 12.38
C GLY B 43 14.12 36.30 11.99
N CYS B 44 15.18 35.51 11.76
CA CYS B 44 15.05 34.08 11.47
C CYS B 44 15.47 33.23 12.67
N GLU B 45 15.32 33.78 13.89
CA GLU B 45 15.80 33.13 15.11
C GLU B 45 14.71 33.04 16.18
N LEU B 46 14.76 31.93 16.92
CA LEU B 46 13.99 31.74 18.15
C LEU B 46 14.93 31.91 19.34
N SER B 47 14.45 32.58 20.39
CA SER B 47 15.21 32.75 21.62
C SER B 47 14.66 31.79 22.68
N LEU B 48 15.51 30.90 23.16
CA LEU B 48 15.15 30.00 24.24
C LEU B 48 15.18 30.75 25.58
N ALA B 49 14.44 30.20 26.56
CA ALA B 49 14.42 30.77 27.92
C ALA B 49 15.83 30.88 28.50
N GLY B 50 16.67 29.90 28.23
CA GLY B 50 18.02 30.01 28.73
C GLY B 50 18.88 31.03 28.03
N GLY B 51 18.39 31.65 26.95
CA GLY B 51 19.17 32.63 26.20
C GLY B 51 19.76 32.13 24.89
N GLU B 52 19.67 30.83 24.61
CA GLU B 52 20.17 30.29 23.35
C GLU B 52 19.33 30.78 22.17
N GLN B 53 20.02 31.11 21.07
CA GLN B 53 19.37 31.48 19.83
C GLN B 53 19.39 30.31 18.84
N LEU B 54 18.25 30.09 18.18
CA LEU B 54 18.09 28.99 17.23
C LEU B 54 17.76 29.55 15.85
N VAL B 55 18.51 29.13 14.82
CA VAL B 55 18.09 29.45 13.46
C VAL B 55 16.84 28.64 13.13
N ASP B 56 15.78 29.34 12.72
CA ASP B 56 14.52 28.66 12.41
C ASP B 56 14.58 28.09 11.00
N GLY B 57 14.35 26.79 10.89
CA GLY B 57 14.23 26.17 9.57
C GLY B 57 12.81 25.76 9.19
N MET B 58 11.81 26.09 10.04
CA MET B 58 10.45 25.56 9.90
C MET B 58 9.38 26.59 9.55
N SER B 59 9.66 27.89 9.69
CA SER B 59 8.67 28.94 9.50
C SER B 59 7.41 28.65 10.32
N SER B 60 7.62 28.03 11.50
CA SER B 60 6.52 27.64 12.39
C SER B 60 5.47 26.84 11.61
N TRP B 61 5.96 25.95 10.73
CA TRP B 61 5.18 25.17 9.77
C TRP B 61 4.56 26.12 8.74
N TRP B 62 5.36 26.41 7.70
CA TRP B 62 4.98 27.14 6.49
C TRP B 62 4.83 28.65 6.69
N ALA B 63 4.12 29.07 7.74
CA ALA B 63 3.43 30.36 7.70
C ALA B 63 4.35 31.57 7.86
N ALA B 64 5.45 31.45 8.63
CA ALA B 64 6.24 32.62 9.03
C ALA B 64 7.26 33.00 7.95
N ILE B 65 6.73 33.36 6.77
CA ILE B 65 7.60 33.54 5.60
C ILE B 65 8.43 34.82 5.68
N HIS B 66 8.00 35.79 6.49
CA HIS B 66 8.74 37.02 6.70
C HIS B 66 9.56 36.98 7.97
N GLY B 67 9.67 35.80 8.59
CA GLY B 67 10.41 35.71 9.82
C GLY B 67 9.54 36.10 11.00
N TYR B 68 10.22 36.47 12.08
CA TYR B 68 9.62 36.72 13.38
C TYR B 68 9.80 38.17 13.78
N ASN B 69 8.84 38.69 14.54
CA ASN B 69 8.90 40.05 15.06
C ASN B 69 9.16 41.05 13.93
N HIS B 70 8.42 40.90 12.84
CA HIS B 70 8.60 41.78 11.70
C HIS B 70 8.02 43.17 12.01
N PRO B 71 8.81 44.24 11.86
CA PRO B 71 8.32 45.59 12.24
C PRO B 71 7.05 46.00 11.53
N ARG B 72 6.89 45.61 10.26
CA ARG B 72 5.72 46.04 9.49
C ARG B 72 4.48 45.25 9.89
N LEU B 73 4.62 43.93 10.10
CA LEU B 73 3.49 43.16 10.62
C LEU B 73 3.09 43.67 12.00
N ASN B 74 4.10 43.95 12.85
CA ASN B 74 3.84 44.48 14.18
C ASN B 74 3.03 45.76 14.10
N ALA B 75 3.47 46.69 13.25
CA ALA B 75 2.82 47.99 13.15
C ALA B 75 1.42 47.87 12.57
N ALA B 76 1.20 46.90 11.69
CA ALA B 76 -0.14 46.70 11.16
C ALA B 76 -1.08 46.22 12.25
N LEU B 77 -0.62 45.25 13.06
CA LEU B 77 -1.42 44.77 14.17
C LEU B 77 -1.73 45.90 15.14
N LYS B 78 -0.69 46.61 15.59
CA LYS B 78 -0.89 47.67 16.57
C LYS B 78 -1.83 48.73 16.05
N GLY B 79 -1.72 49.07 14.76
CA GLY B 79 -2.56 50.13 14.21
C GLY B 79 -4.02 49.72 14.16
N GLN B 80 -4.27 48.43 13.87
CA GLN B 80 -5.66 47.97 13.85
C GLN B 80 -6.21 47.86 15.27
N ILE B 81 -5.38 47.41 16.22
CA ILE B 81 -5.80 47.36 17.63
C ILE B 81 -6.32 48.71 18.08
N ASP B 82 -5.63 49.77 17.64
CA ASP B 82 -6.03 51.12 18.02
C ASP B 82 -7.43 51.48 17.53
N GLN B 83 -7.89 50.87 16.44
CA GLN B 83 -9.22 51.17 15.91
C GLN B 83 -10.27 50.22 16.47
N MET B 84 -10.04 48.90 16.29
CA MET B 84 -10.81 47.82 16.89
C MET B 84 -10.16 46.49 16.58
N SER B 85 -9.97 45.67 17.61
CA SER B 85 -9.46 44.31 17.39
C SER B 85 -10.47 43.48 16.63
N HIS B 86 -11.76 43.65 16.95
CA HIS B 86 -12.75 42.76 16.37
C HIS B 86 -14.14 43.38 16.43
N VAL B 87 -14.91 43.11 15.38
CA VAL B 87 -16.35 43.28 15.37
C VAL B 87 -16.93 42.16 14.52
N MET B 88 -18.18 41.77 14.83
CA MET B 88 -18.84 40.72 14.05
C MET B 88 -19.04 41.16 12.60
N PHE B 89 -19.17 40.14 11.73
CA PHE B 89 -19.31 40.28 10.29
C PHE B 89 -20.74 40.07 9.83
N GLY B 90 -21.66 39.78 10.76
CA GLY B 90 -23.06 39.59 10.40
C GLY B 90 -23.73 40.94 10.27
N GLY B 91 -24.05 41.33 9.03
CA GLY B 91 -24.70 42.61 8.79
C GLY B 91 -23.77 43.79 8.83
N ILE B 92 -22.46 43.53 8.96
CA ILE B 92 -21.43 44.54 9.13
C ILE B 92 -20.25 44.22 8.20
N THR B 93 -19.67 45.26 7.62
CA THR B 93 -18.37 45.14 6.98
C THR B 93 -17.45 46.25 7.50
N HIS B 94 -16.16 46.13 7.21
CA HIS B 94 -15.20 47.04 7.82
C HIS B 94 -13.97 47.18 6.91
N PRO B 95 -13.15 48.23 7.11
CA PRO B 95 -12.05 48.53 6.17
C PRO B 95 -11.04 47.39 6.05
N PRO B 96 -10.66 46.70 7.14
CA PRO B 96 -9.67 45.63 6.97
C PRO B 96 -10.14 44.51 6.07
N ALA B 97 -11.42 44.11 6.19
CA ALA B 97 -11.89 43.02 5.35
C ALA B 97 -11.88 43.40 3.87
N VAL B 98 -12.32 44.64 3.57
CA VAL B 98 -12.36 45.09 2.19
C VAL B 98 -10.94 45.22 1.62
N ALA B 99 -10.00 45.73 2.43
CA ALA B 99 -8.63 45.90 1.95
C ALA B 99 -7.99 44.55 1.65
N LEU B 100 -8.24 43.56 2.53
CA LEU B 100 -7.67 42.22 2.33
C LEU B 100 -8.30 41.53 1.12
N CYS B 101 -9.62 41.60 1.01
CA CYS B 101 -10.27 40.90 -0.12
C CYS B 101 -9.89 41.54 -1.44
N ARG B 102 -9.75 42.87 -1.47
CA ARG B 102 -9.25 43.50 -2.69
C ARG B 102 -7.90 42.91 -3.11
N GLN B 103 -6.99 42.72 -2.14
CA GLN B 103 -5.69 42.13 -2.47
C GLN B 103 -5.84 40.69 -2.96
N LEU B 104 -6.67 39.89 -2.29
CA LEU B 104 -6.82 38.48 -2.66
C LEU B 104 -7.41 38.34 -4.05
N VAL B 105 -8.41 39.17 -4.38
CA VAL B 105 -9.02 39.11 -5.70
C VAL B 105 -8.04 39.61 -6.76
N ALA B 106 -7.26 40.65 -6.42
CA ALA B 106 -6.38 41.23 -7.42
C ALA B 106 -5.20 40.32 -7.73
N MET B 107 -4.69 39.59 -6.73
CA MET B 107 -3.47 38.82 -6.92
C MET B 107 -3.71 37.43 -7.49
N THR B 108 -4.98 36.95 -7.49
CA THR B 108 -5.38 35.67 -8.06
C THR B 108 -5.90 35.86 -9.48
N PRO B 109 -5.96 34.76 -10.28
CA PRO B 109 -6.51 34.88 -11.65
C PRO B 109 -7.91 35.49 -11.69
N ALA B 110 -8.23 36.09 -12.85
CA ALA B 110 -9.44 36.89 -13.02
C ALA B 110 -10.71 36.13 -12.60
N SER B 111 -10.76 34.83 -12.88
CA SER B 111 -11.96 34.05 -12.59
C SER B 111 -12.19 33.83 -11.10
N LEU B 112 -11.17 33.99 -10.26
CA LEU B 112 -11.30 33.81 -8.82
C LEU B 112 -11.59 35.17 -8.19
N GLU B 113 -12.85 35.39 -7.76
CA GLU B 113 -13.28 36.75 -7.38
C GLU B 113 -14.23 36.84 -6.18
N CYS B 114 -14.73 35.74 -5.60
CA CYS B 114 -15.60 35.82 -4.43
C CYS B 114 -14.88 35.18 -3.27
N VAL B 115 -14.74 35.93 -2.16
CA VAL B 115 -13.92 35.53 -1.02
C VAL B 115 -14.82 35.16 0.15
N PHE B 116 -14.59 33.98 0.74
CA PHE B 116 -15.24 33.56 1.97
C PHE B 116 -14.14 33.48 3.02
N LEU B 117 -14.14 34.43 3.95
CA LEU B 117 -13.13 34.44 4.99
C LEU B 117 -13.49 33.45 6.08
N ALA B 118 -12.45 32.80 6.66
CA ALA B 118 -12.69 31.87 7.73
C ALA B 118 -11.52 31.92 8.72
N ASP B 119 -11.63 31.13 9.79
CA ASP B 119 -10.62 31.15 10.85
C ASP B 119 -9.40 30.29 10.49
N SER B 120 -9.64 29.04 10.13
CA SER B 120 -8.56 28.07 10.10
C SER B 120 -8.57 27.38 8.74
N GLY B 121 -7.40 26.81 8.40
CA GLY B 121 -7.27 26.15 7.11
C GLY B 121 -8.32 25.07 6.89
N SER B 122 -8.53 24.22 7.90
CA SER B 122 -9.48 23.12 7.74
C SER B 122 -10.89 23.63 7.49
N VAL B 123 -11.26 24.76 8.11
CA VAL B 123 -12.59 25.32 7.90
C VAL B 123 -12.74 25.82 6.47
N ALA B 124 -11.67 26.43 5.93
CA ALA B 124 -11.77 26.91 4.55
C ALA B 124 -11.94 25.75 3.57
N VAL B 125 -11.31 24.61 3.85
CA VAL B 125 -11.51 23.43 3.00
C VAL B 125 -12.92 22.88 3.17
N GLU B 126 -13.40 22.81 4.42
CA GLU B 126 -14.78 22.40 4.66
C GLU B 126 -15.75 23.31 3.93
N VAL B 127 -15.47 24.62 3.94
CA VAL B 127 -16.33 25.57 3.26
C VAL B 127 -16.32 25.32 1.75
N ALA B 128 -15.13 25.07 1.19
CA ALA B 128 -15.03 24.77 -0.23
C ALA B 128 -15.87 23.55 -0.61
N MET B 129 -15.79 22.50 0.21
CA MET B 129 -16.57 21.28 -0.07
C MET B 129 -18.07 21.54 0.01
N LYS B 130 -18.49 22.38 0.98
CA LYS B 130 -19.91 22.69 1.07
C LYS B 130 -20.38 23.53 -0.11
N MET B 131 -19.53 24.47 -0.56
CA MET B 131 -19.82 25.20 -1.79
C MET B 131 -20.05 24.24 -2.96
N ALA B 132 -19.20 23.21 -3.06
CA ALA B 132 -19.33 22.26 -4.16
C ALA B 132 -20.63 21.46 -4.04
N LEU B 133 -21.02 21.12 -2.82
CA LEU B 133 -22.30 20.43 -2.62
C LEU B 133 -23.47 21.31 -3.05
N GLN B 134 -23.49 22.58 -2.58
CA GLN B 134 -24.61 23.45 -2.89
C GLN B 134 -24.65 23.83 -4.36
N TYR B 135 -23.48 23.96 -4.99
CA TYR B 135 -23.40 24.17 -6.44
C TYR B 135 -24.23 23.14 -7.20
N TRP B 136 -23.96 21.86 -6.97
CA TRP B 136 -24.67 20.81 -7.71
C TRP B 136 -26.13 20.72 -7.31
N GLN B 137 -26.42 20.87 -6.02
CA GLN B 137 -27.81 20.91 -5.59
C GLN B 137 -28.57 22.01 -6.33
N ALA B 138 -27.95 23.20 -6.41
CA ALA B 138 -28.60 24.32 -7.08
C ALA B 138 -28.75 24.09 -8.59
N LYS B 139 -27.88 23.30 -9.19
CA LYS B 139 -27.96 23.05 -10.63
C LYS B 139 -28.92 21.90 -10.96
N GLY B 140 -29.67 21.42 -9.98
CA GLY B 140 -30.64 20.38 -10.27
C GLY B 140 -30.01 19.02 -10.51
N GLU B 141 -28.75 18.86 -10.12
CA GLU B 141 -28.00 17.64 -10.39
C GLU B 141 -27.13 17.35 -9.17
N PRO B 142 -27.74 16.81 -8.11
CA PRO B 142 -27.02 16.67 -6.85
C PRO B 142 -25.91 15.64 -6.95
N ARG B 143 -24.75 16.01 -6.41
CA ARG B 143 -23.56 15.19 -6.36
C ARG B 143 -23.01 15.28 -4.93
N ARG B 144 -22.62 14.13 -4.38
CA ARG B 144 -22.23 14.09 -2.97
C ARG B 144 -20.84 13.53 -2.72
N ARG B 145 -20.17 12.98 -3.73
CA ARG B 145 -18.86 12.37 -3.53
C ARG B 145 -17.74 13.34 -3.88
N PHE B 146 -16.65 13.22 -3.15
CA PHE B 146 -15.41 13.93 -3.43
C PHE B 146 -14.33 12.93 -3.83
N LEU B 147 -13.45 13.38 -4.71
CA LEU B 147 -12.29 12.60 -5.13
C LEU B 147 -11.04 13.30 -4.63
N THR B 148 -10.25 12.58 -3.83
CA THR B 148 -8.99 13.06 -3.30
C THR B 148 -7.93 12.00 -3.55
N PHE B 149 -6.68 12.35 -3.23
CA PHE B 149 -5.54 11.51 -3.51
C PHE B 149 -4.86 11.09 -2.21
N ARG B 150 -4.47 9.82 -2.15
CA ARG B 150 -3.86 9.25 -0.96
C ARG B 150 -2.37 8.99 -1.18
N ASP B 180 -19.10 8.71 1.54
CA ASP B 180 -18.54 7.80 0.55
C ASP B 180 -17.59 8.54 -0.39
N ASN B 181 -16.35 8.71 0.05
CA ASN B 181 -15.35 9.44 -0.72
C ASN B 181 -14.48 8.50 -1.55
N LEU B 182 -13.88 9.07 -2.59
CA LEU B 182 -13.09 8.35 -3.58
C LEU B 182 -11.63 8.74 -3.42
N PHE B 183 -10.77 7.74 -3.22
CA PHE B 183 -9.35 7.94 -2.98
C PHE B 183 -8.56 7.35 -4.13
N ALA B 184 -7.94 8.21 -4.91
CA ALA B 184 -7.03 7.83 -5.98
C ALA B 184 -5.61 7.77 -5.45
N PRO B 185 -4.79 6.87 -5.96
CA PRO B 185 -3.40 6.81 -5.52
C PRO B 185 -2.60 7.98 -6.09
N ALA B 186 -1.46 8.22 -5.45
CA ALA B 186 -0.56 9.26 -5.90
C ALA B 186 0.06 8.90 -7.25
N PRO B 187 0.28 9.88 -8.11
CA PRO B 187 1.05 9.61 -9.34
C PRO B 187 2.50 9.31 -9.01
N GLN B 188 3.06 8.33 -9.72
CA GLN B 188 4.38 7.76 -9.43
C GLN B 188 5.53 8.54 -10.06
N SER B 189 5.32 9.17 -11.21
CA SER B 189 6.40 9.86 -11.90
C SER B 189 7.07 10.86 -10.97
N ARG B 190 8.40 10.87 -10.99
CA ARG B 190 9.12 11.82 -10.14
C ARG B 190 8.73 13.24 -10.52
N PHE B 191 8.46 14.06 -9.50
CA PHE B 191 7.84 15.36 -9.72
C PHE B 191 8.68 16.26 -10.64
N ASP B 192 10.02 16.15 -10.56
CA ASP B 192 10.90 17.01 -11.35
C ASP B 192 11.53 16.27 -12.52
N GLY B 193 11.12 15.02 -12.74
CA GLY B 193 11.63 14.26 -13.85
C GLY B 193 10.59 14.01 -14.92
N GLU B 194 10.73 12.91 -15.64
CA GLU B 194 9.90 12.68 -16.81
C GLU B 194 8.52 12.15 -16.43
N TRP B 195 7.57 12.44 -17.30
CA TRP B 195 6.16 12.11 -17.10
C TRP B 195 5.84 10.81 -17.82
N ASP B 196 5.13 9.92 -17.13
CA ASP B 196 4.56 8.72 -17.74
C ASP B 196 3.04 8.83 -17.67
N GLU B 197 2.40 8.87 -18.85
CA GLU B 197 0.95 8.97 -18.94
C GLU B 197 0.24 7.89 -18.15
N MET B 198 0.86 6.71 -17.98
CA MET B 198 0.24 5.64 -17.23
C MET B 198 -0.15 6.05 -15.81
N ASP B 199 0.50 7.09 -15.28
CA ASP B 199 0.18 7.58 -13.93
C ASP B 199 -1.30 7.95 -13.79
N MET B 200 -1.95 8.35 -14.87
CA MET B 200 -3.33 8.85 -14.78
C MET B 200 -4.37 7.74 -14.80
N VAL B 201 -3.99 6.50 -15.08
CA VAL B 201 -4.98 5.44 -15.27
C VAL B 201 -5.91 5.27 -14.06
N PRO B 202 -5.41 5.18 -12.81
CA PRO B 202 -6.36 4.99 -11.70
C PRO B 202 -7.30 6.18 -11.50
N PHE B 203 -6.82 7.41 -11.71
CA PHE B 203 -7.71 8.56 -11.65
C PHE B 203 -8.74 8.52 -12.78
N ALA B 204 -8.27 8.26 -14.00
CA ALA B 204 -9.14 8.18 -15.16
C ALA B 204 -10.23 7.12 -14.98
N ARG B 205 -9.85 5.95 -14.45
CA ARG B 205 -10.83 4.87 -14.31
C ARG B 205 -11.82 5.15 -13.19
N LEU B 206 -11.37 5.78 -12.10
CA LEU B 206 -12.30 6.28 -11.10
C LEU B 206 -13.25 7.31 -11.71
N MET B 207 -12.71 8.24 -12.48
CA MET B 207 -13.52 9.25 -13.14
C MET B 207 -14.54 8.59 -14.06
N ALA B 208 -14.09 7.67 -14.90
CA ALA B 208 -15.01 7.00 -15.82
C ALA B 208 -16.11 6.26 -15.08
N ALA B 209 -15.81 5.74 -13.89
CA ALA B 209 -16.75 4.94 -13.13
C ALA B 209 -17.71 5.77 -12.28
N HIS B 210 -17.33 7.00 -11.92
CA HIS B 210 -18.10 7.78 -10.95
C HIS B 210 -18.26 9.25 -11.36
N ARG B 211 -18.05 9.57 -12.65
CA ARG B 211 -18.10 10.95 -13.13
C ARG B 211 -19.33 11.70 -12.65
N HIS B 212 -20.48 11.04 -12.64
CA HIS B 212 -21.75 11.73 -12.41
C HIS B 212 -22.09 11.89 -10.93
N GLU B 213 -21.31 11.27 -10.05
CA GLU B 213 -21.50 11.39 -8.60
C GLU B 213 -20.49 12.33 -7.95
N ILE B 214 -19.43 12.71 -8.65
CA ILE B 214 -18.35 13.49 -8.08
C ILE B 214 -18.69 14.97 -8.14
N ALA B 215 -18.81 15.59 -6.97
CA ALA B 215 -19.04 17.02 -6.87
C ALA B 215 -17.77 17.82 -7.14
N ALA B 216 -16.64 17.33 -6.63
CA ALA B 216 -15.39 18.05 -6.78
C ALA B 216 -14.21 17.10 -6.55
N VAL B 217 -13.10 17.45 -7.19
CA VAL B 217 -11.78 16.93 -6.89
C VAL B 217 -11.11 17.92 -5.95
N ILE B 218 -10.48 17.40 -4.88
CA ILE B 218 -9.75 18.22 -3.92
C ILE B 218 -8.29 17.76 -3.92
N LEU B 219 -7.37 18.70 -4.11
CA LEU B 219 -5.96 18.31 -4.08
C LEU B 219 -5.11 19.47 -3.59
N GLU B 220 -3.86 19.13 -3.16
CA GLU B 220 -2.81 20.11 -2.97
C GLU B 220 -1.95 20.12 -4.23
N PRO B 221 -1.65 21.30 -4.78
CA PRO B 221 -0.94 21.35 -6.06
C PRO B 221 0.56 21.10 -5.86
N ILE B 222 1.04 20.02 -6.48
CA ILE B 222 2.45 19.62 -6.51
C ILE B 222 2.89 19.06 -5.16
N VAL B 223 3.00 19.94 -4.17
CA VAL B 223 3.54 19.56 -2.85
C VAL B 223 2.39 19.17 -1.92
N GLN B 224 2.50 17.98 -1.31
CA GLN B 224 1.47 17.43 -0.44
C GLN B 224 1.84 17.70 1.02
N GLY B 225 1.60 18.94 1.45
CA GLY B 225 1.89 19.30 2.83
C GLY B 225 1.15 18.45 3.84
N ALA B 226 -0.01 17.92 3.46
CA ALA B 226 -0.80 17.04 4.31
C ALA B 226 -0.58 15.56 3.99
N GLY B 227 0.31 15.24 3.03
CA GLY B 227 0.55 13.86 2.64
C GLY B 227 2.01 13.47 2.60
N GLY B 228 2.68 13.54 3.74
CA GLY B 228 4.06 13.10 3.82
C GLY B 228 5.06 13.94 3.06
N MET B 229 4.72 15.20 2.78
CA MET B 229 5.59 16.11 2.02
C MET B 229 6.02 15.50 0.68
N ARG B 230 5.19 14.59 0.16
CA ARG B 230 5.45 14.04 -1.16
C ARG B 230 5.21 15.11 -2.22
N MET B 231 5.74 14.88 -3.41
CA MET B 231 5.66 15.86 -4.49
C MET B 231 5.26 15.16 -5.78
N TYR B 232 4.29 15.76 -6.49
CA TYR B 232 3.69 15.15 -7.67
C TYR B 232 4.05 15.96 -8.92
N HIS B 233 4.14 15.26 -10.04
CA HIS B 233 4.48 15.88 -11.32
C HIS B 233 3.39 16.86 -11.75
N PRO B 234 3.76 18.04 -12.27
CA PRO B 234 2.74 19.03 -12.67
C PRO B 234 1.85 18.57 -13.80
N GLU B 235 2.34 17.67 -14.67
CA GLU B 235 1.47 17.16 -15.72
C GLU B 235 0.25 16.44 -15.15
N TRP B 236 0.42 15.75 -14.01
CA TRP B 236 -0.71 15.14 -13.33
C TRP B 236 -1.77 16.19 -13.00
N LEU B 237 -1.33 17.36 -12.50
CA LEU B 237 -2.26 18.42 -12.13
C LEU B 237 -2.93 19.01 -13.36
N LYS B 238 -2.15 19.21 -14.44
CA LYS B 238 -2.70 19.69 -15.70
C LYS B 238 -3.78 18.74 -16.21
N ARG B 239 -3.53 17.42 -16.11
CA ARG B 239 -4.48 16.44 -16.65
C ARG B 239 -5.74 16.37 -15.81
N VAL B 240 -5.60 16.45 -14.47
CA VAL B 240 -6.76 16.49 -13.59
C VAL B 240 -7.67 17.68 -13.95
N ARG B 241 -7.08 18.86 -14.14
CA ARG B 241 -7.87 20.04 -14.48
C ARG B 241 -8.64 19.82 -15.78
N LYS B 242 -7.98 19.25 -16.80
CA LYS B 242 -8.64 19.03 -18.09
C LYS B 242 -9.76 18.01 -17.96
N MET B 243 -9.54 16.94 -17.19
CA MET B 243 -10.58 15.93 -17.01
C MET B 243 -11.76 16.49 -16.23
N CYS B 244 -11.48 17.36 -15.24
CA CYS B 244 -12.58 18.05 -14.57
C CYS B 244 -13.33 18.95 -15.55
N ASP B 245 -12.61 19.74 -16.36
CA ASP B 245 -13.24 20.61 -17.35
C ASP B 245 -14.18 19.83 -18.26
N ARG B 246 -13.74 18.65 -18.69
CA ARG B 246 -14.51 17.83 -19.61
C ARG B 246 -15.81 17.34 -18.98
N GLU B 247 -15.80 17.08 -17.67
CA GLU B 247 -16.95 16.57 -16.94
C GLU B 247 -17.74 17.65 -16.22
N GLY B 248 -17.27 18.91 -16.24
CA GLY B 248 -17.92 19.93 -15.46
C GLY B 248 -17.67 19.87 -13.97
N ILE B 249 -16.72 19.05 -13.55
CA ILE B 249 -16.46 18.83 -12.12
C ILE B 249 -15.60 19.98 -11.57
N LEU B 250 -15.91 20.43 -10.36
CA LEU B 250 -15.17 21.50 -9.74
C LEU B 250 -13.82 20.99 -9.24
N LEU B 251 -12.79 21.82 -9.40
CA LEU B 251 -11.47 21.56 -8.86
C LEU B 251 -11.26 22.46 -7.66
N ILE B 252 -10.98 21.86 -6.50
CA ILE B 252 -10.66 22.60 -5.27
C ILE B 252 -9.17 22.43 -5.02
N ALA B 253 -8.45 23.54 -5.05
CA ALA B 253 -7.01 23.54 -4.79
C ALA B 253 -6.76 24.03 -3.37
N ASP B 254 -6.13 23.17 -2.57
CA ASP B 254 -5.70 23.49 -1.20
C ASP B 254 -4.27 24.02 -1.29
N GLU B 255 -4.13 25.34 -1.26
CA GLU B 255 -2.83 26.00 -1.23
C GLU B 255 -2.55 26.64 0.12
N ILE B 256 -3.14 26.04 1.16
CA ILE B 256 -2.91 26.54 2.52
C ILE B 256 -1.44 26.37 2.88
N ALA B 257 -0.80 25.28 2.40
CA ALA B 257 0.63 25.11 2.60
C ALA B 257 1.46 25.68 1.44
N THR B 258 0.98 25.54 0.20
CA THR B 258 1.81 25.83 -0.99
C THR B 258 1.76 27.28 -1.43
N GLY B 259 0.77 28.03 -0.96
CA GLY B 259 0.50 29.35 -1.52
C GLY B 259 1.54 30.40 -1.13
N PHE B 260 1.42 31.57 -1.79
CA PHE B 260 2.18 32.76 -1.43
C PHE B 260 3.69 32.56 -1.59
N GLY B 261 4.07 31.96 -2.73
CA GLY B 261 5.46 31.95 -3.17
C GLY B 261 6.32 30.76 -2.74
N ARG B 262 5.80 29.86 -1.90
CA ARG B 262 6.67 28.90 -1.23
C ARG B 262 7.34 27.90 -2.18
N THR B 263 6.64 27.48 -3.23
CA THR B 263 7.23 26.59 -4.23
C THR B 263 7.95 27.34 -5.36
N GLY B 264 8.17 28.65 -5.23
CA GLY B 264 8.80 29.42 -6.28
C GLY B 264 7.83 30.06 -7.26
N LYS B 265 6.52 29.82 -7.10
CA LYS B 265 5.47 30.51 -7.82
C LYS B 265 4.55 31.13 -6.79
N LEU B 266 3.94 32.26 -7.15
CA LEU B 266 3.02 32.91 -6.21
C LEU B 266 1.98 31.91 -5.71
N PHE B 267 1.37 31.15 -6.63
CA PHE B 267 0.56 30.01 -6.25
C PHE B 267 1.07 28.78 -7.00
N ALA B 268 1.11 27.63 -6.28
CA ALA B 268 1.71 26.43 -6.83
C ALA B 268 0.92 25.89 -8.03
N CYS B 269 -0.37 26.25 -8.14
CA CYS B 269 -1.11 25.91 -9.35
C CYS B 269 -0.39 26.36 -10.62
N GLU B 270 0.41 27.42 -10.54
CA GLU B 270 1.10 27.92 -11.74
C GLU B 270 2.07 26.90 -12.33
N HIS B 271 2.54 25.94 -11.54
CA HIS B 271 3.50 24.95 -12.06
C HIS B 271 2.90 24.10 -13.17
N ALA B 272 1.57 23.95 -13.20
CA ALA B 272 0.87 23.21 -14.23
C ALA B 272 0.11 24.11 -15.20
N GLY B 273 0.08 25.42 -14.97
CA GLY B 273 -0.63 26.32 -15.84
C GLY B 273 -2.13 26.27 -15.70
N ILE B 274 -2.65 25.98 -14.50
CA ILE B 274 -4.08 25.81 -14.36
C ILE B 274 -4.62 26.70 -13.24
N THR B 275 -5.92 26.88 -13.26
CA THR B 275 -6.62 27.66 -12.24
C THR B 275 -7.71 26.79 -11.65
N ALA B 276 -7.82 26.80 -10.32
CA ALA B 276 -8.87 26.06 -9.63
C ALA B 276 -10.20 26.79 -9.70
N ASP B 277 -11.28 26.03 -9.44
CA ASP B 277 -12.61 26.65 -9.29
C ASP B 277 -12.78 27.24 -7.90
N ILE B 278 -12.17 26.60 -6.90
CA ILE B 278 -12.12 27.11 -5.53
C ILE B 278 -10.70 26.97 -5.01
N LEU B 279 -10.16 28.07 -4.49
CA LEU B 279 -8.78 28.13 -4.00
C LEU B 279 -8.83 28.40 -2.50
N CYS B 280 -8.18 27.51 -1.72
CA CYS B 280 -8.18 27.62 -0.27
C CYS B 280 -6.80 28.07 0.19
N LEU B 281 -6.77 29.05 1.10
CA LEU B 281 -5.56 29.75 1.46
C LEU B 281 -5.53 29.97 2.97
N GLY B 282 -4.31 30.07 3.49
CA GLY B 282 -4.13 30.31 4.90
C GLY B 282 -2.66 30.48 5.21
N LYS B 283 -2.31 30.11 6.44
CA LYS B 283 -0.94 30.12 6.97
C LYS B 283 -0.17 31.38 6.63
N ALA B 284 0.63 31.36 5.56
CA ALA B 284 1.42 32.53 5.20
C ALA B 284 0.54 33.74 4.87
N LEU B 285 -0.77 33.54 4.73
CA LEU B 285 -1.70 34.65 4.52
C LEU B 285 -1.47 35.76 5.55
N THR B 286 -1.33 35.36 6.84
CA THR B 286 -1.12 36.33 7.92
C THR B 286 0.35 36.56 8.24
N GLY B 287 1.26 36.01 7.43
CA GLY B 287 2.66 36.06 7.81
C GLY B 287 2.95 35.16 8.99
N GLY B 288 2.03 34.24 9.27
CA GLY B 288 2.19 33.36 10.42
C GLY B 288 2.16 34.08 11.76
N THR B 289 1.34 35.13 11.88
CA THR B 289 1.19 35.80 13.18
C THR B 289 -0.01 35.32 13.98
N MET B 290 -1.04 34.83 13.29
CA MET B 290 -2.33 34.48 13.87
C MET B 290 -3.14 33.79 12.77
N THR B 291 -4.15 33.03 13.19
CA THR B 291 -4.85 32.21 12.21
C THR B 291 -5.86 33.03 11.42
N LEU B 292 -5.96 32.70 10.14
CA LEU B 292 -6.94 33.23 9.20
C LEU B 292 -6.88 32.32 7.99
N SER B 293 -8.00 32.21 7.27
CA SER B 293 -8.02 31.40 6.05
C SER B 293 -9.05 31.98 5.11
N ALA B 294 -9.04 31.47 3.87
CA ALA B 294 -9.97 31.98 2.87
C ALA B 294 -10.23 30.89 1.85
N ALA B 295 -11.47 30.84 1.35
CA ALA B 295 -11.83 30.14 0.12
C ALA B 295 -12.22 31.20 -0.89
N ILE B 296 -11.56 31.19 -2.07
CA ILE B 296 -11.89 32.13 -3.15
C ILE B 296 -12.46 31.32 -4.30
N THR B 297 -13.59 31.77 -4.84
CA THR B 297 -14.20 30.99 -5.90
C THR B 297 -14.60 31.90 -7.04
N THR B 298 -15.10 31.26 -8.08
CA THR B 298 -15.59 31.93 -9.28
C THR B 298 -16.98 32.50 -9.04
N ARG B 299 -17.37 33.40 -9.96
CA ARG B 299 -18.71 33.97 -9.90
C ARG B 299 -19.77 32.92 -10.19
N THR B 300 -19.47 31.97 -11.07
CA THR B 300 -20.45 30.94 -11.38
C THR B 300 -20.74 30.08 -10.17
N VAL B 301 -19.70 29.71 -9.41
CA VAL B 301 -19.92 28.99 -8.15
C VAL B 301 -20.70 29.87 -7.18
N ALA B 302 -20.22 31.10 -6.94
CA ALA B 302 -20.85 31.98 -5.96
C ALA B 302 -22.32 32.25 -6.29
N GLU B 303 -22.62 32.56 -7.55
CA GLU B 303 -24.00 32.83 -7.96
C GLU B 303 -24.87 31.61 -7.75
N THR B 304 -24.41 30.45 -8.25
CA THR B 304 -25.16 29.21 -8.12
C THR B 304 -25.41 28.86 -6.65
N ILE B 305 -24.53 29.29 -5.76
CA ILE B 305 -24.76 29.14 -4.33
C ILE B 305 -26.05 29.84 -3.92
N PRO B 317 -19.94 31.96 14.92
CA PRO B 317 -19.71 32.77 13.73
C PRO B 317 -18.90 34.01 14.09
N THR B 318 -18.66 34.13 15.40
CA THR B 318 -18.07 35.32 16.02
C THR B 318 -16.91 35.93 15.23
N PHE B 319 -15.93 35.13 14.82
CA PHE B 319 -14.66 35.71 14.39
C PHE B 319 -14.47 35.75 12.88
N MET B 320 -15.47 35.39 12.09
CA MET B 320 -15.35 35.53 10.63
C MET B 320 -15.06 36.98 10.27
N GLY B 321 -14.03 37.19 9.42
CA GLY B 321 -13.68 38.53 9.01
C GLY B 321 -12.85 39.34 9.99
N ASN B 322 -12.35 38.69 11.08
CA ASN B 322 -11.63 39.36 12.17
C ASN B 322 -10.75 40.52 11.69
N PRO B 323 -11.12 41.76 12.05
CA PRO B 323 -10.30 42.92 11.65
C PRO B 323 -8.81 42.76 11.92
N LEU B 324 -8.44 42.29 13.12
CA LEU B 324 -7.03 42.21 13.47
C LEU B 324 -6.27 41.31 12.48
N ALA B 325 -6.81 40.11 12.23
CA ALA B 325 -6.16 39.19 11.31
C ALA B 325 -6.17 39.73 9.89
N CYS B 326 -7.28 40.38 9.46
CA CYS B 326 -7.31 40.92 8.10
C CYS B 326 -6.24 41.98 7.93
N ALA B 327 -6.05 42.83 8.96
CA ALA B 327 -5.07 43.92 8.84
C ALA B 327 -3.65 43.38 8.71
N VAL B 328 -3.30 42.34 9.50
CA VAL B 328 -1.93 41.84 9.40
C VAL B 328 -1.75 41.03 8.12
N ALA B 329 -2.81 40.35 7.66
CA ALA B 329 -2.68 39.62 6.40
C ALA B 329 -2.47 40.59 5.24
N SER B 330 -3.17 41.74 5.28
CA SER B 330 -2.98 42.74 4.23
C SER B 330 -1.53 43.24 4.20
N GLU B 331 -0.93 43.39 5.38
CA GLU B 331 0.47 43.81 5.42
C GLU B 331 1.39 42.71 4.92
N SER B 332 1.08 41.44 5.27
CA SER B 332 1.87 40.33 4.75
C SER B 332 1.83 40.28 3.23
N LEU B 333 0.66 40.50 2.64
CA LEU B 333 0.55 40.53 1.18
C LEU B 333 1.28 41.73 0.59
N ARG B 334 1.23 42.88 1.28
CA ARG B 334 1.98 44.05 0.83
C ARG B 334 3.48 43.77 0.77
N LEU B 335 3.99 42.98 1.72
CA LEU B 335 5.39 42.60 1.66
C LEU B 335 5.69 41.76 0.42
N LEU B 336 4.72 40.93 -0.01
CA LEU B 336 4.92 40.16 -1.22
C LEU B 336 4.84 41.01 -2.50
N GLU B 337 4.14 42.16 -2.45
CA GLU B 337 3.94 42.97 -3.65
C GLU B 337 5.25 43.44 -4.26
N SER B 338 6.30 43.61 -3.45
CA SER B 338 7.57 44.08 -4.00
C SER B 338 8.20 43.08 -4.97
N GLY B 339 7.80 41.82 -4.92
CA GLY B 339 8.38 40.79 -5.75
C GLY B 339 9.69 40.22 -5.24
N GLU B 340 10.16 40.67 -4.07
CA GLU B 340 11.47 40.23 -3.59
C GLU B 340 11.46 38.76 -3.18
N TRP B 341 10.28 38.23 -2.81
CA TRP B 341 10.19 36.81 -2.46
C TRP B 341 10.70 35.92 -3.59
N GLN B 342 10.62 36.41 -4.84
CA GLN B 342 10.95 35.55 -5.97
C GLN B 342 12.45 35.26 -6.04
N PRO B 343 13.36 36.25 -6.03
CA PRO B 343 14.79 35.90 -5.98
C PRO B 343 15.22 35.33 -4.64
N GLN B 344 14.49 35.63 -3.56
CA GLN B 344 14.77 35.00 -2.28
C GLN B 344 14.53 33.50 -2.35
N VAL B 345 13.36 33.10 -2.85
CA VAL B 345 12.98 31.69 -2.84
C VAL B 345 13.82 30.92 -3.85
N ALA B 346 14.17 31.56 -4.98
CA ALA B 346 15.05 30.92 -5.96
C ALA B 346 16.44 30.69 -5.38
N ALA B 347 16.94 31.65 -4.61
CA ALA B 347 18.25 31.49 -3.97
C ALA B 347 18.21 30.38 -2.92
N ILE B 348 17.12 30.33 -2.14
CA ILE B 348 16.95 29.27 -1.15
C ILE B 348 16.87 27.91 -1.84
N GLU B 349 16.05 27.84 -2.89
CA GLU B 349 15.91 26.61 -3.65
C GLU B 349 17.26 26.12 -4.17
N ALA B 350 18.10 27.03 -4.69
CA ALA B 350 19.37 26.63 -5.29
C ALA B 350 20.36 26.16 -4.23
N GLN B 351 20.34 26.80 -3.06
CA GLN B 351 21.22 26.38 -1.97
C GLN B 351 20.75 25.04 -1.40
N LEU B 352 19.42 24.87 -1.26
CA LEU B 352 18.87 23.61 -0.79
C LEU B 352 19.25 22.46 -1.72
N GLN B 353 19.05 22.65 -3.04
CA GLN B 353 19.50 21.66 -4.01
C GLN B 353 20.97 21.28 -3.80
N ALA B 354 21.82 22.28 -3.58
CA ALA B 354 23.27 22.05 -3.59
C ALA B 354 23.74 21.43 -2.27
N GLU B 355 23.20 21.89 -1.15
CA GLU B 355 23.70 21.45 0.14
C GLU B 355 22.99 20.20 0.64
N LEU B 356 21.81 19.85 0.07
CA LEU B 356 21.13 18.62 0.42
C LEU B 356 21.42 17.48 -0.55
N ALA B 357 21.93 17.79 -1.74
CA ALA B 357 22.28 16.75 -2.71
C ALA B 357 23.20 15.66 -2.15
N PRO B 358 24.23 15.96 -1.34
CA PRO B 358 25.03 14.86 -0.77
C PRO B 358 24.25 13.95 0.17
N ALA B 359 23.09 14.37 0.69
CA ALA B 359 22.34 13.44 1.51
C ALA B 359 21.85 12.23 0.71
N ARG B 360 21.70 12.37 -0.62
CA ARG B 360 21.32 11.23 -1.45
C ARG B 360 22.32 10.09 -1.31
N GLY B 361 23.55 10.42 -0.96
CA GLY B 361 24.61 9.45 -0.77
C GLY B 361 24.58 8.71 0.55
N SER B 362 23.65 9.04 1.46
CA SER B 362 23.61 8.39 2.76
C SER B 362 22.73 7.14 2.68
N ALA B 363 23.25 6.02 3.22
CA ALA B 363 22.51 4.77 3.17
C ALA B 363 21.15 4.90 3.87
N LEU B 364 21.04 5.79 4.85
CA LEU B 364 19.82 6.03 5.60
C LEU B 364 18.83 6.91 4.87
N VAL B 365 19.20 7.47 3.72
CA VAL B 365 18.33 8.39 2.99
C VAL B 365 17.69 7.65 1.83
N ALA B 366 16.36 7.76 1.72
CA ALA B 366 15.57 7.20 0.63
C ALA B 366 15.38 8.18 -0.50
N ASP B 367 15.22 9.46 -0.18
CA ASP B 367 14.96 10.45 -1.21
C ASP B 367 15.26 11.85 -0.69
N VAL B 368 15.75 12.69 -1.58
CA VAL B 368 15.86 14.12 -1.36
C VAL B 368 15.04 14.81 -2.45
N ARG B 369 14.16 15.73 -2.04
CA ARG B 369 13.34 16.47 -2.99
C ARG B 369 13.24 17.94 -2.57
N VAL B 370 13.50 18.81 -3.53
CA VAL B 370 13.55 20.26 -3.31
C VAL B 370 12.64 20.94 -4.33
N LEU B 371 11.87 21.92 -3.86
CA LEU B 371 11.08 22.76 -4.76
C LEU B 371 10.84 24.08 -4.06
N GLY B 372 11.23 25.19 -4.70
CA GLY B 372 11.15 26.46 -3.98
C GLY B 372 11.90 26.43 -2.66
N ALA B 373 11.28 27.00 -1.62
CA ALA B 373 11.92 27.07 -0.31
C ALA B 373 11.46 25.90 0.56
N ILE B 374 11.58 24.69 0.00
CA ILE B 374 11.18 23.45 0.64
C ILE B 374 12.24 22.41 0.32
N GLY B 375 12.87 21.86 1.34
CA GLY B 375 13.79 20.75 1.14
C GLY B 375 13.43 19.59 2.04
N VAL B 376 13.17 18.45 1.44
CA VAL B 376 12.70 17.25 2.14
C VAL B 376 13.74 16.16 1.99
N VAL B 377 14.17 15.61 3.13
CA VAL B 377 14.98 14.40 3.17
C VAL B 377 14.10 13.33 3.79
N GLU B 378 13.73 12.32 3.01
CA GLU B 378 12.99 11.17 3.52
C GLU B 378 13.96 10.05 3.82
N THR B 379 13.91 9.55 5.05
CA THR B 379 14.84 8.51 5.50
C THR B 379 14.19 7.14 5.35
N ARG B 380 15.03 6.09 5.41
CA ARG B 380 14.55 4.72 5.29
C ARG B 380 13.97 4.20 6.59
N ARG B 381 14.31 4.81 7.72
CA ARG B 381 13.84 4.42 9.04
C ARG B 381 13.37 5.67 9.78
N PRO B 382 12.41 5.52 10.69
CA PRO B 382 11.91 6.70 11.41
C PRO B 382 12.95 7.25 12.37
N VAL B 383 12.85 8.55 12.62
CA VAL B 383 13.82 9.24 13.46
C VAL B 383 13.57 8.92 14.93
N ASN B 384 14.66 8.96 15.68
CA ASN B 384 14.64 8.97 17.14
C ASN B 384 14.38 10.42 17.57
N MET B 385 13.13 10.72 17.96
CA MET B 385 12.70 12.11 18.07
C MET B 385 13.47 12.85 19.16
N ALA B 386 13.58 12.25 20.35
CA ALA B 386 14.26 12.93 21.45
C ALA B 386 15.73 13.20 21.09
N ALA B 387 16.46 12.15 20.69
CA ALA B 387 17.89 12.28 20.44
C ALA B 387 18.18 13.25 19.28
N LEU B 388 17.40 13.15 18.20
CA LEU B 388 17.67 14.00 17.04
C LEU B 388 17.29 15.45 17.32
N GLN B 389 16.18 15.67 18.03
CA GLN B 389 15.80 17.04 18.36
C GLN B 389 16.83 17.69 19.28
N ARG B 390 17.37 16.93 20.24
CA ARG B 390 18.43 17.46 21.09
C ARG B 390 19.62 17.88 20.26
N PHE B 391 19.99 17.06 19.28
CA PHE B 391 21.15 17.36 18.45
C PHE B 391 20.95 18.67 17.70
N PHE B 392 19.76 18.84 17.10
CA PHE B 392 19.46 20.06 16.36
C PHE B 392 19.58 21.29 17.27
N VAL B 393 18.91 21.26 18.44
CA VAL B 393 18.97 22.41 19.34
C VAL B 393 20.41 22.68 19.78
N GLU B 394 21.17 21.64 20.12
CA GLU B 394 22.56 21.82 20.51
C GLU B 394 23.40 22.38 19.36
N GLN B 395 22.94 22.23 18.12
CA GLN B 395 23.60 22.83 16.96
C GLN B 395 23.10 24.24 16.68
N GLY B 396 22.16 24.74 17.49
CA GLY B 396 21.65 26.09 17.33
C GLY B 396 20.65 26.27 16.21
N VAL B 397 19.96 25.21 15.80
CA VAL B 397 18.96 25.26 14.74
C VAL B 397 17.65 24.68 15.25
N TRP B 398 16.53 25.22 14.73
CA TRP B 398 15.21 24.67 15.00
C TRP B 398 14.72 23.95 13.75
N ILE B 399 14.76 22.62 13.81
CA ILE B 399 14.30 21.74 12.76
C ILE B 399 13.44 20.68 13.45
N ARG B 400 12.17 20.58 13.05
CA ARG B 400 11.23 19.67 13.70
C ARG B 400 10.92 18.50 12.77
N PRO B 401 11.60 17.37 12.90
CA PRO B 401 11.35 16.23 12.03
C PRO B 401 10.07 15.50 12.43
N PHE B 402 9.70 14.53 11.59
CA PHE B 402 8.49 13.74 11.81
C PHE B 402 8.62 12.40 11.10
N GLY B 403 8.54 11.31 11.87
CA GLY B 403 8.65 9.97 11.33
C GLY B 403 9.90 9.78 10.50
N ARG B 404 9.73 9.58 9.19
CA ARG B 404 10.85 9.43 8.27
C ARG B 404 11.17 10.73 7.52
N LEU B 405 10.77 11.88 8.06
CA LEU B 405 10.92 13.14 7.35
C LEU B 405 11.78 14.12 8.16
N ILE B 406 12.86 14.60 7.54
CA ILE B 406 13.64 15.71 8.06
C ILE B 406 13.59 16.76 6.96
N TYR B 407 12.81 17.81 7.18
CA TYR B 407 12.55 18.74 6.11
C TYR B 407 12.75 20.17 6.57
N LEU B 408 13.08 21.01 5.59
CA LEU B 408 13.36 22.43 5.79
C LEU B 408 12.34 23.27 5.01
N MET B 409 11.83 24.32 5.67
CA MET B 409 10.94 25.29 5.04
C MET B 409 11.20 26.62 5.72
N PRO B 410 12.34 27.23 5.45
CA PRO B 410 12.76 28.37 6.24
C PRO B 410 12.04 29.62 5.80
N PRO B 411 12.05 30.65 6.65
CA PRO B 411 11.54 31.97 6.23
C PRO B 411 12.34 32.51 5.05
N TYR B 412 11.64 33.32 4.24
CA TYR B 412 12.23 33.81 3.00
C TYR B 412 13.42 34.74 3.23
N ILE B 413 13.53 35.31 4.43
CA ILE B 413 14.55 36.28 4.79
C ILE B 413 15.82 35.62 5.32
N ILE B 414 15.88 34.29 5.27
CA ILE B 414 17.02 33.57 5.85
C ILE B 414 18.29 33.87 5.04
N THR B 415 19.40 34.03 5.76
CA THR B 415 20.69 34.33 5.15
C THR B 415 21.36 33.06 4.65
N PRO B 416 22.32 33.18 3.72
CA PRO B 416 23.05 31.98 3.26
C PRO B 416 23.70 31.21 4.40
N GLU B 417 24.37 31.94 5.30
CA GLU B 417 25.08 31.30 6.41
C GLU B 417 24.11 30.60 7.36
N GLN B 418 22.99 31.25 7.68
CA GLN B 418 21.96 30.63 8.49
C GLN B 418 21.43 29.34 7.85
N LEU B 419 21.19 29.40 6.53
CA LEU B 419 20.68 28.23 5.82
C LEU B 419 21.72 27.11 5.78
N THR B 420 23.00 27.46 5.61
CA THR B 420 24.05 26.44 5.62
C THR B 420 24.12 25.74 6.98
N ARG B 421 23.86 26.48 8.07
CA ARG B 421 23.77 25.82 9.38
C ARG B 421 22.67 24.76 9.36
N LEU B 422 21.52 25.09 8.76
CA LEU B 422 20.40 24.14 8.68
C LEU B 422 20.78 22.90 7.89
N THR B 423 21.32 23.08 6.66
CA THR B 423 21.61 21.92 5.81
C THR B 423 22.77 21.09 6.36
N ARG B 424 23.74 21.75 7.01
CA ARG B 424 24.83 21.03 7.67
C ARG B 424 24.30 20.05 8.70
N ALA B 425 23.40 20.53 9.56
CA ALA B 425 22.82 19.65 10.59
C ALA B 425 22.06 18.48 9.97
N VAL B 426 21.28 18.75 8.91
CA VAL B 426 20.51 17.68 8.29
C VAL B 426 21.44 16.60 7.76
N ASN B 427 22.49 17.03 7.03
CA ASN B 427 23.47 16.09 6.49
C ASN B 427 24.19 15.31 7.58
N GLN B 428 24.59 16.00 8.66
CA GLN B 428 25.21 15.30 9.77
C GLN B 428 24.24 14.29 10.39
N ALA B 429 22.96 14.66 10.49
CA ALA B 429 21.99 13.76 11.12
C ALA B 429 21.86 12.44 10.37
N VAL B 430 21.77 12.50 9.03
CA VAL B 430 21.43 11.32 8.24
C VAL B 430 22.68 10.49 7.94
N GLN B 431 23.78 10.80 8.60
CA GLN B 431 24.98 9.98 8.54
C GLN B 431 25.17 9.14 9.80
N ASP B 432 24.34 9.34 10.82
CA ASP B 432 24.47 8.66 12.10
C ASP B 432 23.23 7.81 12.38
N GLU B 433 23.46 6.53 12.69
CA GLU B 433 22.39 5.58 12.96
C GLU B 433 21.71 5.86 14.29
N THR B 434 22.43 6.47 15.25
CA THR B 434 21.86 6.63 16.59
C THR B 434 20.71 7.61 16.62
N PHE B 435 20.52 8.40 15.56
CA PHE B 435 19.37 9.28 15.45
C PHE B 435 18.18 8.57 14.83
N PHE B 436 18.26 7.26 14.64
CA PHE B 436 17.18 6.51 13.99
C PHE B 436 16.90 5.23 14.75
N SER B 437 15.63 4.99 15.03
CA SER B 437 15.18 3.69 15.50
C SER B 437 15.13 2.72 14.32
N GLU B 438 14.69 1.51 14.59
CA GLU B 438 14.55 0.51 13.53
C GLU B 438 13.15 0.54 12.95
N MET C 10 -9.73 -28.63 -34.31
CA MET C 10 -10.10 -29.60 -33.29
C MET C 10 -11.40 -30.31 -33.65
N THR C 11 -11.41 -31.61 -33.39
CA THR C 11 -12.54 -32.46 -33.70
C THR C 11 -13.13 -33.03 -32.42
N LEU C 12 -14.36 -33.55 -32.53
CA LEU C 12 -14.93 -34.30 -31.41
C LEU C 12 -14.02 -35.46 -31.02
N ASP C 13 -13.42 -36.11 -32.01
CA ASP C 13 -12.57 -37.25 -31.70
C ASP C 13 -11.35 -36.83 -30.90
N ASP C 14 -10.84 -35.62 -31.15
CA ASP C 14 -9.75 -35.09 -30.34
C ASP C 14 -10.20 -34.88 -28.89
N LEU C 15 -11.42 -34.37 -28.70
CA LEU C 15 -11.92 -34.19 -27.34
C LEU C 15 -12.20 -35.53 -26.67
N ALA C 16 -12.66 -36.52 -27.44
CA ALA C 16 -12.83 -37.86 -26.90
C ALA C 16 -11.48 -38.47 -26.53
N PHE C 17 -10.46 -38.20 -27.35
CA PHE C 17 -9.15 -38.71 -27.03
C PHE C 17 -8.59 -38.07 -25.75
N ASP C 18 -8.72 -36.74 -25.64
CA ASP C 18 -8.29 -36.04 -24.42
C ASP C 18 -8.95 -36.66 -23.18
N ARG C 19 -10.26 -36.88 -23.25
CA ARG C 19 -11.00 -37.38 -22.09
C ARG C 19 -10.55 -38.78 -21.71
N ARG C 20 -10.17 -39.58 -22.69
CA ARG C 20 -9.85 -40.97 -22.47
C ARG C 20 -8.38 -41.20 -22.09
N HIS C 21 -7.49 -40.29 -22.49
CA HIS C 21 -6.05 -40.55 -22.43
C HIS C 21 -5.22 -39.47 -21.77
N ILE C 22 -5.78 -38.29 -21.49
CA ILE C 22 -5.00 -37.14 -21.07
C ILE C 22 -5.46 -36.72 -19.68
N TRP C 23 -4.55 -36.79 -18.72
CA TRP C 23 -4.84 -36.38 -17.35
C TRP C 23 -4.79 -34.86 -17.23
N HIS C 24 -5.78 -34.30 -16.54
CA HIS C 24 -5.78 -32.89 -16.24
C HIS C 24 -5.68 -32.68 -14.73
N PRO C 25 -5.18 -31.54 -14.27
CA PRO C 25 -4.93 -31.37 -12.83
C PRO C 25 -6.21 -31.49 -12.01
N TYR C 26 -6.13 -32.26 -10.93
CA TYR C 26 -7.20 -32.34 -9.93
C TYR C 26 -8.51 -32.83 -10.55
N THR C 27 -8.42 -33.93 -11.28
CA THR C 27 -9.61 -34.55 -11.87
C THR C 27 -9.34 -36.03 -12.07
N SER C 28 -10.43 -36.80 -12.15
CA SER C 28 -10.34 -38.23 -12.29
C SER C 28 -10.23 -38.64 -13.76
N MET C 29 -9.82 -39.89 -13.99
CA MET C 29 -9.82 -40.47 -15.32
C MET C 29 -11.04 -41.33 -15.63
N THR C 30 -11.73 -41.85 -14.60
CA THR C 30 -12.94 -42.63 -14.86
C THR C 30 -14.08 -41.75 -15.33
N SER C 31 -14.39 -40.70 -14.58
CA SER C 31 -15.46 -39.76 -14.90
C SER C 31 -14.93 -38.33 -14.86
N PRO C 32 -14.11 -37.95 -15.83
CA PRO C 32 -13.58 -36.58 -15.83
C PRO C 32 -14.67 -35.57 -16.12
N LEU C 33 -14.44 -34.35 -15.64
CA LEU C 33 -15.43 -33.34 -16.02
C LEU C 33 -15.06 -32.71 -17.36
N PRO C 34 -16.05 -32.21 -18.09
CA PRO C 34 -15.76 -31.58 -19.39
C PRO C 34 -14.66 -30.54 -19.29
N VAL C 35 -13.80 -30.54 -20.30
CA VAL C 35 -12.77 -29.54 -20.47
C VAL C 35 -13.11 -28.75 -21.73
N TYR C 36 -12.65 -27.51 -21.77
CA TYR C 36 -13.01 -26.63 -22.88
C TYR C 36 -11.81 -26.45 -23.79
N PRO C 37 -11.99 -26.57 -25.10
CA PRO C 37 -10.86 -26.55 -26.03
C PRO C 37 -10.44 -25.14 -26.40
N VAL C 38 -9.29 -24.72 -25.87
CA VAL C 38 -8.66 -23.45 -26.21
C VAL C 38 -7.64 -23.71 -27.32
N VAL C 39 -7.74 -22.97 -28.42
CA VAL C 39 -6.89 -23.18 -29.58
C VAL C 39 -5.88 -22.06 -29.78
N SER C 40 -6.13 -20.87 -29.25
CA SER C 40 -5.20 -19.75 -29.35
C SER C 40 -5.63 -18.74 -28.30
N ALA C 41 -4.79 -17.71 -28.13
CA ALA C 41 -5.07 -16.68 -27.13
C ALA C 41 -4.38 -15.40 -27.54
N HIS C 42 -4.98 -14.27 -27.14
CA HIS C 42 -4.52 -12.94 -27.53
C HIS C 42 -4.98 -11.94 -26.48
N GLY C 43 -4.09 -11.01 -26.14
CA GLY C 43 -4.42 -9.98 -25.16
C GLY C 43 -4.83 -10.63 -23.85
N CYS C 44 -6.05 -10.31 -23.39
CA CYS C 44 -6.62 -10.90 -22.19
C CYS C 44 -7.74 -11.89 -22.50
N GLU C 45 -7.74 -12.45 -23.71
CA GLU C 45 -8.81 -13.33 -24.15
C GLU C 45 -8.27 -14.69 -24.60
N LEU C 46 -9.03 -15.73 -24.25
CA LEU C 46 -8.83 -17.08 -24.75
C LEU C 46 -9.80 -17.35 -25.89
N SER C 47 -9.30 -17.98 -26.95
CA SER C 47 -10.10 -18.34 -28.12
C SER C 47 -10.44 -19.82 -28.06
N LEU C 48 -11.74 -20.13 -28.03
CA LEU C 48 -12.13 -21.53 -28.03
C LEU C 48 -12.18 -22.06 -29.46
N ALA C 49 -12.23 -23.39 -29.56
CA ALA C 49 -12.30 -24.04 -30.87
C ALA C 49 -13.54 -23.60 -31.64
N GLY C 50 -14.65 -23.37 -30.94
CA GLY C 50 -15.85 -22.96 -31.65
C GLY C 50 -15.90 -21.52 -32.08
N GLY C 51 -14.92 -20.71 -31.68
CA GLY C 51 -14.91 -19.30 -31.99
C GLY C 51 -15.30 -18.40 -30.84
N GLU C 52 -15.76 -18.95 -29.72
CA GLU C 52 -16.06 -18.14 -28.56
C GLU C 52 -14.78 -17.54 -27.97
N GLN C 53 -14.85 -16.26 -27.63
CA GLN C 53 -13.77 -15.57 -26.95
C GLN C 53 -14.12 -15.43 -25.47
N LEU C 54 -13.19 -15.81 -24.60
CA LEU C 54 -13.39 -15.76 -23.16
C LEU C 54 -12.43 -14.74 -22.56
N VAL C 55 -12.95 -13.89 -21.68
CA VAL C 55 -12.10 -12.98 -20.94
C VAL C 55 -11.42 -13.74 -19.81
N ASP C 56 -10.09 -13.65 -19.75
CA ASP C 56 -9.34 -14.43 -18.78
C ASP C 56 -9.32 -13.72 -17.43
N GLY C 57 -9.81 -14.43 -16.41
CA GLY C 57 -9.71 -13.94 -15.05
C GLY C 57 -8.66 -14.60 -14.20
N MET C 58 -7.89 -15.56 -14.76
CA MET C 58 -7.02 -16.43 -13.96
C MET C 58 -5.53 -16.25 -14.24
N SER C 59 -5.16 -15.61 -15.34
CA SER C 59 -3.77 -15.46 -15.75
C SER C 59 -3.08 -16.82 -15.85
N SER C 60 -3.85 -17.85 -16.24
CA SER C 60 -3.34 -19.21 -16.29
C SER C 60 -2.70 -19.59 -14.95
N TRP C 61 -3.39 -19.22 -13.87
CA TRP C 61 -2.93 -19.32 -12.49
C TRP C 61 -1.68 -18.45 -12.25
N TRP C 62 -1.92 -17.14 -12.07
CA TRP C 62 -0.95 -16.13 -11.66
C TRP C 62 -0.05 -15.60 -12.78
N ALA C 63 0.47 -16.50 -13.62
CA ALA C 63 1.73 -16.25 -14.31
C ALA C 63 1.61 -15.26 -15.47
N ALA C 64 0.45 -15.20 -16.14
CA ALA C 64 0.34 -14.46 -17.40
C ALA C 64 -0.03 -12.99 -17.14
N ILE C 65 0.89 -12.29 -16.45
CA ILE C 65 0.58 -10.94 -16.00
C ILE C 65 0.55 -9.97 -17.17
N HIS C 66 1.26 -10.27 -18.26
CA HIS C 66 1.26 -9.43 -19.44
C HIS C 66 0.21 -9.87 -20.46
N GLY C 67 -0.64 -10.81 -20.09
CA GLY C 67 -1.58 -11.31 -21.07
C GLY C 67 -0.98 -12.42 -21.92
N TYR C 68 -1.64 -12.63 -23.06
CA TYR C 68 -1.33 -13.72 -23.98
C TYR C 68 -0.84 -13.17 -25.30
N ASN C 69 0.03 -13.95 -25.97
CA ASN C 69 0.56 -13.60 -27.30
C ASN C 69 1.17 -12.21 -27.29
N HIS C 70 1.91 -11.90 -26.22
CA HIS C 70 2.48 -10.56 -26.10
C HIS C 70 3.61 -10.38 -27.11
N PRO C 71 3.60 -9.30 -27.90
CA PRO C 71 4.57 -9.20 -29.00
C PRO C 71 6.01 -9.05 -28.54
N ARG C 72 6.25 -8.47 -27.36
CA ARG C 72 7.61 -8.41 -26.84
C ARG C 72 8.07 -9.77 -26.32
N LEU C 73 7.17 -10.52 -25.68
CA LEU C 73 7.53 -11.87 -25.23
C LEU C 73 7.77 -12.79 -26.42
N ASN C 74 6.91 -12.67 -27.44
CA ASN C 74 7.09 -13.43 -28.67
C ASN C 74 8.44 -13.13 -29.31
N ALA C 75 8.80 -11.85 -29.40
CA ALA C 75 10.03 -11.45 -30.05
C ALA C 75 11.27 -11.90 -29.26
N ALA C 76 11.18 -11.91 -27.93
CA ALA C 76 12.31 -12.39 -27.14
C ALA C 76 12.52 -13.89 -27.35
N LEU C 77 11.44 -14.66 -27.37
CA LEU C 77 11.54 -16.09 -27.63
C LEU C 77 12.12 -16.35 -29.02
N LYS C 78 11.57 -15.69 -30.05
CA LYS C 78 12.02 -15.98 -31.42
C LYS C 78 13.47 -15.57 -31.63
N GLY C 79 13.91 -14.48 -30.98
CA GLY C 79 15.28 -14.06 -31.13
C GLY C 79 16.26 -15.02 -30.49
N GLN C 80 15.86 -15.62 -29.36
CA GLN C 80 16.75 -16.57 -28.69
C GLN C 80 16.81 -17.90 -29.44
N ILE C 81 15.66 -18.34 -29.97
CA ILE C 81 15.63 -19.55 -30.80
C ILE C 81 16.65 -19.43 -31.92
N ASP C 82 16.76 -18.25 -32.53
CA ASP C 82 17.70 -18.03 -33.61
C ASP C 82 19.14 -18.24 -33.17
N GLN C 83 19.45 -18.09 -31.89
CA GLN C 83 20.80 -18.31 -31.39
C GLN C 83 20.96 -19.74 -30.87
N MET C 84 20.14 -20.12 -29.89
CA MET C 84 19.99 -21.50 -29.44
C MET C 84 18.86 -21.55 -28.43
N SER C 85 18.04 -22.60 -28.56
CA SER C 85 16.99 -22.83 -27.57
C SER C 85 17.57 -23.29 -26.24
N HIS C 86 18.61 -24.11 -26.28
CA HIS C 86 19.13 -24.65 -25.03
C HIS C 86 20.56 -25.12 -25.20
N VAL C 87 21.32 -24.97 -24.11
CA VAL C 87 22.60 -25.62 -23.89
C VAL C 87 22.68 -25.91 -22.39
N MET C 88 23.43 -26.95 -22.04
CA MET C 88 23.59 -27.30 -20.63
C MET C 88 24.32 -26.19 -19.87
N PHE C 89 24.12 -26.19 -18.55
CA PHE C 89 24.65 -25.17 -17.65
C PHE C 89 25.83 -25.66 -16.81
N GLY C 90 26.25 -26.93 -16.94
CA GLY C 90 27.42 -27.41 -16.23
C GLY C 90 28.70 -27.06 -16.96
N GLY C 91 29.54 -26.22 -16.35
CA GLY C 91 30.75 -25.74 -16.99
C GLY C 91 30.54 -24.66 -18.04
N ILE C 92 29.32 -24.15 -18.17
CA ILE C 92 28.92 -23.25 -19.25
C ILE C 92 28.04 -22.16 -18.68
N THR C 93 28.22 -20.94 -19.20
CA THR C 93 27.23 -19.88 -19.01
C THR C 93 26.96 -19.24 -20.36
N HIS C 94 25.94 -18.38 -20.42
CA HIS C 94 25.46 -17.87 -21.70
C HIS C 94 24.78 -16.53 -21.46
N PRO C 95 24.55 -15.74 -22.52
CA PRO C 95 24.04 -14.37 -22.35
C PRO C 95 22.68 -14.31 -21.67
N PRO C 96 21.70 -15.17 -22.03
CA PRO C 96 20.38 -15.03 -21.38
C PRO C 96 20.43 -15.21 -19.87
N ALA C 97 21.20 -16.19 -19.39
CA ALA C 97 21.30 -16.42 -17.94
C ALA C 97 21.91 -15.21 -17.24
N VAL C 98 22.94 -14.60 -17.84
CA VAL C 98 23.59 -13.46 -17.20
C VAL C 98 22.67 -12.25 -17.17
N ALA C 99 21.95 -11.99 -18.27
CA ALA C 99 21.07 -10.82 -18.32
C ALA C 99 19.89 -10.97 -17.36
N LEU C 100 19.33 -12.17 -17.27
CA LEU C 100 18.25 -12.41 -16.32
C LEU C 100 18.73 -12.23 -14.89
N CYS C 101 19.87 -12.85 -14.56
CA CYS C 101 20.34 -12.80 -13.18
C CYS C 101 20.76 -11.38 -12.80
N ARG C 102 21.31 -10.62 -13.76
CA ARG C 102 21.57 -9.19 -13.52
C ARG C 102 20.29 -8.46 -13.12
N GLN C 103 19.18 -8.79 -13.77
CA GLN C 103 17.91 -8.15 -13.45
C GLN C 103 17.38 -8.63 -12.10
N LEU C 104 17.44 -9.93 -11.84
CA LEU C 104 16.91 -10.44 -10.58
C LEU C 104 17.70 -9.88 -9.40
N VAL C 105 19.02 -9.79 -9.53
CA VAL C 105 19.85 -9.26 -8.45
C VAL C 105 19.55 -7.79 -8.21
N ALA C 106 19.37 -7.03 -9.30
CA ALA C 106 19.20 -5.58 -9.17
C ALA C 106 17.84 -5.24 -8.58
N MET C 107 16.81 -6.01 -8.95
CA MET C 107 15.43 -5.65 -8.59
C MET C 107 15.07 -6.12 -7.19
N THR C 108 15.81 -7.07 -6.65
CA THR C 108 15.62 -7.58 -5.30
C THR C 108 16.49 -6.80 -4.33
N PRO C 109 16.15 -6.82 -3.03
CA PRO C 109 16.98 -6.13 -2.03
C PRO C 109 18.46 -6.47 -2.14
N ALA C 110 19.30 -5.57 -1.62
CA ALA C 110 20.74 -5.63 -1.87
C ALA C 110 21.36 -6.93 -1.37
N SER C 111 20.91 -7.43 -0.22
CA SER C 111 21.47 -8.63 0.37
C SER C 111 21.19 -9.88 -0.44
N LEU C 112 20.14 -9.86 -1.26
CA LEU C 112 19.81 -11.00 -2.13
C LEU C 112 20.60 -10.85 -3.43
N GLU C 113 21.63 -11.72 -3.61
CA GLU C 113 22.57 -11.51 -4.70
C GLU C 113 23.12 -12.79 -5.33
N CYS C 114 22.73 -13.98 -4.87
CA CYS C 114 23.17 -15.25 -5.44
C CYS C 114 21.98 -16.01 -5.97
N VAL C 115 21.98 -16.30 -7.28
CA VAL C 115 20.81 -16.81 -7.99
C VAL C 115 21.06 -18.27 -8.39
N PHE C 116 20.17 -19.16 -7.94
CA PHE C 116 20.11 -20.56 -8.38
C PHE C 116 18.88 -20.70 -9.25
N LEU C 117 19.08 -20.90 -10.55
CA LEU C 117 17.97 -21.10 -11.48
C LEU C 117 17.49 -22.55 -11.42
N ALA C 118 16.18 -22.73 -11.59
CA ALA C 118 15.58 -24.06 -11.58
C ALA C 118 14.41 -24.07 -12.55
N ASP C 119 13.76 -25.23 -12.68
CA ASP C 119 12.74 -25.34 -13.71
C ASP C 119 11.34 -25.00 -13.20
N SER C 120 10.93 -25.58 -12.08
CA SER C 120 9.57 -25.37 -11.57
C SER C 120 9.63 -24.72 -10.20
N GLY C 121 8.49 -24.17 -9.78
CA GLY C 121 8.44 -23.51 -8.48
C GLY C 121 8.69 -24.49 -7.34
N SER C 122 8.15 -25.71 -7.45
CA SER C 122 8.36 -26.70 -6.40
C SER C 122 9.84 -27.04 -6.24
N VAL C 123 10.59 -27.06 -7.35
CA VAL C 123 12.02 -27.35 -7.25
C VAL C 123 12.76 -26.19 -6.59
N ALA C 124 12.36 -24.94 -6.89
CA ALA C 124 13.01 -23.79 -6.27
C ALA C 124 12.84 -23.81 -4.75
N VAL C 125 11.66 -24.23 -4.27
CA VAL C 125 11.47 -24.32 -2.82
C VAL C 125 12.34 -25.43 -2.25
N GLU C 126 12.37 -26.58 -2.93
CA GLU C 126 13.23 -27.68 -2.49
C GLU C 126 14.69 -27.25 -2.49
N VAL C 127 15.07 -26.40 -3.46
CA VAL C 127 16.43 -25.86 -3.50
C VAL C 127 16.69 -25.01 -2.26
N ALA C 128 15.75 -24.11 -1.95
CA ALA C 128 15.90 -23.26 -0.76
C ALA C 128 16.01 -24.11 0.50
N MET C 129 15.21 -25.19 0.57
CA MET C 129 15.26 -26.03 1.76
C MET C 129 16.58 -26.78 1.85
N LYS C 130 17.10 -27.25 0.71
CA LYS C 130 18.39 -27.92 0.72
C LYS C 130 19.51 -26.94 1.05
N MET C 131 19.39 -25.70 0.57
CA MET C 131 20.33 -24.65 0.96
C MET C 131 20.35 -24.49 2.47
N ALA C 132 19.16 -24.49 3.10
CA ALA C 132 19.08 -24.33 4.53
C ALA C 132 19.70 -25.51 5.26
N LEU C 133 19.49 -26.73 4.75
CA LEU C 133 20.05 -27.90 5.41
C LEU C 133 21.58 -27.90 5.35
N GLN C 134 22.15 -27.58 4.19
CA GLN C 134 23.60 -27.54 4.07
C GLN C 134 24.21 -26.34 4.77
N TYR C 135 23.43 -25.26 4.94
CA TYR C 135 23.91 -24.08 5.65
C TYR C 135 24.24 -24.41 7.11
N TRP C 136 23.30 -25.06 7.81
CA TRP C 136 23.54 -25.44 9.20
C TRP C 136 24.52 -26.59 9.31
N GLN C 137 24.51 -27.54 8.37
CA GLN C 137 25.51 -28.61 8.38
C GLN C 137 26.92 -28.03 8.29
N ALA C 138 27.10 -27.01 7.44
CA ALA C 138 28.39 -26.34 7.38
C ALA C 138 28.72 -25.64 8.70
N LYS C 139 27.71 -25.10 9.38
CA LYS C 139 27.94 -24.43 10.66
C LYS C 139 28.11 -25.42 11.81
N GLY C 140 28.00 -26.72 11.55
CA GLY C 140 28.18 -27.72 12.59
C GLY C 140 27.00 -27.89 13.50
N GLU C 141 25.81 -27.47 13.09
CA GLU C 141 24.62 -27.54 13.91
C GLU C 141 23.60 -28.45 13.24
N PRO C 142 23.22 -29.57 13.87
CA PRO C 142 22.26 -30.49 13.24
C PRO C 142 20.84 -29.95 13.24
N ARG C 143 20.49 -29.14 12.25
CA ARG C 143 19.14 -28.59 12.12
C ARG C 143 18.48 -29.21 10.91
N ARG C 144 17.46 -30.05 11.14
CA ARG C 144 16.81 -30.79 10.08
C ARG C 144 15.34 -30.45 9.86
N ARG C 145 14.75 -29.56 10.65
CA ARG C 145 13.31 -29.33 10.58
C ARG C 145 12.99 -27.91 10.10
N PHE C 146 11.83 -27.79 9.46
CA PHE C 146 11.34 -26.52 8.94
C PHE C 146 10.02 -26.18 9.62
N LEU C 147 9.84 -24.90 9.94
CA LEU C 147 8.58 -24.38 10.43
C LEU C 147 7.79 -23.88 9.23
N THR C 148 6.61 -24.44 9.02
CA THR C 148 5.71 -24.00 7.96
C THR C 148 4.30 -23.88 8.53
N PHE C 149 3.34 -23.53 7.66
CA PHE C 149 2.02 -23.11 8.10
C PHE C 149 0.93 -23.85 7.34
N ARG C 150 -0.14 -24.18 8.07
CA ARG C 150 -1.28 -24.89 7.51
C ARG C 150 -2.10 -23.98 6.60
N ASN C 181 8.01 -32.42 10.07
CA ASN C 181 8.20 -30.97 10.15
C ASN C 181 7.31 -30.33 11.21
N LEU C 182 7.42 -29.01 11.36
CA LEU C 182 6.67 -28.27 12.36
C LEU C 182 5.63 -27.40 11.66
N PHE C 183 4.39 -27.53 12.08
CA PHE C 183 3.30 -26.80 11.44
C PHE C 183 2.69 -25.83 12.44
N ALA C 184 2.65 -24.58 12.06
CA ALA C 184 1.90 -23.58 12.79
C ALA C 184 0.57 -23.31 12.09
N PRO C 185 -0.46 -22.85 12.79
CA PRO C 185 -1.68 -22.46 12.09
C PRO C 185 -1.41 -21.26 11.20
N ALA C 186 -2.21 -21.13 10.16
CA ALA C 186 -2.18 -19.92 9.35
C ALA C 186 -2.51 -18.73 10.24
N PRO C 187 -1.90 -17.56 10.00
CA PRO C 187 -2.27 -16.38 10.78
C PRO C 187 -3.71 -16.00 10.52
N GLN C 188 -4.36 -15.47 11.56
CA GLN C 188 -5.79 -15.18 11.51
C GLN C 188 -6.11 -13.70 11.40
N SER C 189 -5.10 -12.83 11.54
CA SER C 189 -5.31 -11.42 11.29
C SER C 189 -5.61 -11.18 9.81
N ARG C 190 -6.19 -10.03 9.52
CA ARG C 190 -6.53 -9.65 8.16
C ARG C 190 -5.66 -8.49 7.71
N PHE C 191 -5.35 -8.48 6.41
CA PHE C 191 -4.56 -7.40 5.84
C PHE C 191 -5.20 -6.04 6.12
N ASP C 192 -6.50 -5.91 5.84
CA ASP C 192 -7.22 -4.65 6.01
C ASP C 192 -7.87 -4.53 7.38
N GLY C 193 -7.53 -5.41 8.33
CA GLY C 193 -8.15 -5.43 9.63
C GLY C 193 -7.24 -4.93 10.73
N GLU C 194 -7.76 -5.02 11.95
CA GLU C 194 -7.03 -4.59 13.13
C GLU C 194 -6.07 -5.68 13.59
N TRP C 195 -4.89 -5.27 14.03
CA TRP C 195 -3.88 -6.19 14.52
C TRP C 195 -4.06 -6.41 16.02
N ASP C 196 -4.09 -7.67 16.42
CA ASP C 196 -4.09 -8.06 17.83
C ASP C 196 -2.90 -8.96 18.06
N GLU C 197 -2.08 -8.63 19.07
CA GLU C 197 -0.84 -9.35 19.35
C GLU C 197 -1.07 -10.81 19.71
N MET C 198 -2.31 -11.19 20.04
CA MET C 198 -2.63 -12.61 20.24
C MET C 198 -2.38 -13.43 18.97
N ASP C 199 -2.25 -12.78 17.81
CA ASP C 199 -1.99 -13.49 16.56
C ASP C 199 -0.58 -14.07 16.50
N MET C 200 0.33 -13.65 17.37
CA MET C 200 1.69 -14.19 17.41
C MET C 200 1.85 -15.37 18.35
N VAL C 201 0.82 -15.70 19.14
CA VAL C 201 0.98 -16.74 20.17
C VAL C 201 1.30 -18.11 19.57
N PRO C 202 0.59 -18.62 18.55
CA PRO C 202 0.95 -19.95 18.03
C PRO C 202 2.36 -20.03 17.50
N PHE C 203 2.82 -18.98 16.81
CA PHE C 203 4.16 -19.01 16.24
C PHE C 203 5.22 -18.96 17.34
N ALA C 204 5.00 -18.12 18.35
CA ALA C 204 5.97 -18.01 19.44
C ALA C 204 6.00 -19.27 20.30
N ARG C 205 4.87 -19.97 20.41
CA ARG C 205 4.86 -21.22 21.17
C ARG C 205 5.77 -22.27 20.54
N LEU C 206 5.75 -22.36 19.20
CA LEU C 206 6.58 -23.35 18.51
C LEU C 206 8.06 -22.97 18.58
N MET C 207 8.36 -21.68 18.43
CA MET C 207 9.76 -21.25 18.40
C MET C 207 10.48 -21.59 19.68
N ALA C 208 9.98 -21.09 20.81
CA ALA C 208 10.58 -21.39 22.11
C ALA C 208 10.65 -22.89 22.39
N ALA C 209 9.80 -23.69 21.74
CA ALA C 209 9.82 -25.14 21.93
C ALA C 209 10.83 -25.84 21.02
N HIS C 210 11.16 -25.27 19.86
CA HIS C 210 12.05 -25.95 18.92
C HIS C 210 13.03 -25.02 18.23
N ARG C 211 13.34 -23.87 18.84
CA ARG C 211 14.21 -22.89 18.21
C ARG C 211 15.52 -23.49 17.71
N HIS C 212 16.18 -24.30 18.55
CA HIS C 212 17.48 -24.84 18.20
C HIS C 212 17.42 -25.92 17.13
N GLU C 213 16.22 -26.37 16.75
CA GLU C 213 16.05 -27.44 15.78
C GLU C 213 15.62 -26.95 14.42
N ILE C 214 15.19 -25.70 14.31
CA ILE C 214 14.58 -25.18 13.10
C ILE C 214 15.67 -24.65 12.18
N ALA C 215 15.80 -25.28 11.00
CA ALA C 215 16.70 -24.77 9.99
C ALA C 215 16.16 -23.51 9.35
N ALA C 216 14.86 -23.47 9.07
CA ALA C 216 14.26 -22.34 8.38
C ALA C 216 12.77 -22.31 8.67
N VAL C 217 12.22 -21.11 8.59
CA VAL C 217 10.79 -20.88 8.47
C VAL C 217 10.49 -20.66 7.00
N ILE C 218 9.45 -21.34 6.50
CA ILE C 218 9.00 -21.16 5.12
C ILE C 218 7.60 -20.57 5.16
N LEU C 219 7.37 -19.55 4.34
CA LEU C 219 6.05 -18.94 4.28
C LEU C 219 5.86 -18.29 2.93
N GLU C 220 4.58 -18.07 2.59
CA GLU C 220 4.20 -17.13 1.55
C GLU C 220 3.89 -15.79 2.19
N PRO C 221 4.50 -14.70 1.76
CA PRO C 221 4.28 -13.42 2.45
C PRO C 221 2.92 -12.82 2.09
N ILE C 222 2.16 -12.49 3.15
CA ILE C 222 0.89 -11.74 3.11
C ILE C 222 -0.25 -12.55 2.55
N VAL C 223 -0.06 -13.13 1.36
CA VAL C 223 -1.11 -13.89 0.70
C VAL C 223 -0.69 -15.35 0.63
N GLN C 224 -1.59 -16.24 1.06
CA GLN C 224 -1.35 -17.69 1.01
C GLN C 224 -1.97 -18.22 -0.28
N GLY C 225 -1.25 -17.99 -1.39
CA GLY C 225 -1.78 -18.35 -2.70
C GLY C 225 -2.11 -19.83 -2.84
N ALA C 226 -1.44 -20.67 -2.05
CA ALA C 226 -1.78 -22.09 -2.02
C ALA C 226 -2.86 -22.38 -0.97
N GLY C 227 -2.62 -21.97 0.27
CA GLY C 227 -3.47 -22.36 1.38
C GLY C 227 -4.68 -21.48 1.65
N GLY C 228 -5.57 -21.37 0.66
CA GLY C 228 -6.87 -20.75 0.88
C GLY C 228 -6.99 -19.28 0.53
N MET C 229 -5.94 -18.68 -0.06
CA MET C 229 -6.00 -17.30 -0.54
C MET C 229 -6.21 -16.30 0.60
N ARG C 230 -5.80 -16.67 1.81
CA ARG C 230 -5.87 -15.75 2.92
C ARG C 230 -4.93 -14.57 2.69
N MET C 231 -5.30 -13.43 3.28
CA MET C 231 -4.52 -12.19 3.18
C MET C 231 -4.39 -11.67 4.60
N TYR C 232 -3.22 -11.84 5.20
CA TYR C 232 -3.07 -11.57 6.62
C TYR C 232 -2.32 -10.26 6.84
N HIS C 233 -2.24 -9.86 8.11
CA HIS C 233 -1.73 -8.55 8.46
C HIS C 233 -0.20 -8.56 8.38
N PRO C 234 0.41 -7.58 7.70
CA PRO C 234 1.87 -7.61 7.53
C PRO C 234 2.65 -7.45 8.82
N GLU C 235 2.01 -6.96 9.89
CA GLU C 235 2.72 -6.89 11.17
C GLU C 235 3.14 -8.29 11.63
N TRP C 236 2.34 -9.31 11.31
CA TRP C 236 2.72 -10.68 11.64
C TRP C 236 4.01 -11.08 10.95
N LEU C 237 4.19 -10.65 9.70
CA LEU C 237 5.39 -11.01 8.96
C LEU C 237 6.60 -10.26 9.49
N LYS C 238 6.42 -9.00 9.88
CA LYS C 238 7.49 -8.20 10.46
C LYS C 238 8.01 -8.81 11.76
N ARG C 239 7.12 -9.45 12.53
CA ARG C 239 7.52 -10.07 13.78
C ARG C 239 8.18 -11.43 13.57
N VAL C 240 7.75 -12.18 12.55
CA VAL C 240 8.44 -13.43 12.24
C VAL C 240 9.87 -13.17 11.80
N ARG C 241 10.08 -12.11 11.02
CA ARG C 241 11.42 -11.76 10.57
C ARG C 241 12.33 -11.43 11.75
N LYS C 242 11.80 -10.65 12.72
CA LYS C 242 12.60 -10.28 13.89
C LYS C 242 12.86 -11.50 14.77
N MET C 243 11.86 -12.37 14.91
CA MET C 243 12.06 -13.60 15.69
C MET C 243 13.11 -14.50 15.04
N CYS C 244 13.12 -14.57 13.71
CA CYS C 244 14.11 -15.39 13.02
C CYS C 244 15.52 -14.81 13.19
N ASP C 245 15.63 -13.47 13.16
CA ASP C 245 16.93 -12.83 13.35
C ASP C 245 17.50 -13.12 14.74
N ARG C 246 16.66 -13.12 15.76
CA ARG C 246 17.16 -13.34 17.11
C ARG C 246 17.65 -14.77 17.32
N GLU C 247 17.12 -15.73 16.56
CA GLU C 247 17.58 -17.11 16.64
C GLU C 247 18.61 -17.47 15.59
N GLY C 248 18.87 -16.58 14.62
CA GLY C 248 19.69 -16.93 13.49
C GLY C 248 19.04 -17.87 12.51
N ILE C 249 17.72 -18.05 12.61
CA ILE C 249 16.99 -18.97 11.75
C ILE C 249 16.73 -18.31 10.40
N LEU C 250 16.92 -19.06 9.33
CA LEU C 250 16.66 -18.53 8.01
C LEU C 250 15.16 -18.41 7.75
N LEU C 251 14.80 -17.37 6.99
CA LEU C 251 13.44 -17.13 6.52
C LEU C 251 13.43 -17.35 5.02
N ILE C 252 12.69 -18.37 4.58
CA ILE C 252 12.47 -18.62 3.15
C ILE C 252 11.12 -18.01 2.78
N ALA C 253 11.13 -17.06 1.85
CA ALA C 253 9.91 -16.47 1.33
C ALA C 253 9.59 -17.10 -0.02
N ASP C 254 8.48 -17.84 -0.06
CA ASP C 254 7.93 -18.37 -1.30
C ASP C 254 7.05 -17.29 -1.94
N GLU C 255 7.62 -16.54 -2.88
CA GLU C 255 6.90 -15.53 -3.66
C GLU C 255 6.61 -16.00 -5.08
N ILE C 256 6.48 -17.32 -5.26
CA ILE C 256 6.22 -17.82 -6.61
C ILE C 256 4.84 -17.37 -7.09
N ALA C 257 3.89 -17.21 -6.17
CA ALA C 257 2.57 -16.68 -6.51
C ALA C 257 2.49 -15.16 -6.35
N THR C 258 3.14 -14.61 -5.31
CA THR C 258 2.95 -13.22 -4.91
C THR C 258 3.88 -12.24 -5.62
N GLY C 259 4.96 -12.71 -6.24
CA GLY C 259 5.98 -11.81 -6.72
C GLY C 259 5.60 -11.08 -7.98
N PHE C 260 6.46 -10.12 -8.34
CA PHE C 260 6.35 -9.37 -9.59
C PHE C 260 5.04 -8.60 -9.70
N GLY C 261 4.64 -7.98 -8.59
CA GLY C 261 3.65 -6.92 -8.59
C GLY C 261 2.24 -7.30 -8.19
N ARG C 262 1.93 -8.60 -8.05
CA ARG C 262 0.55 -9.08 -8.00
C ARG C 262 -0.22 -8.55 -6.78
N THR C 263 0.48 -8.23 -5.68
CA THR C 263 -0.19 -7.73 -4.47
C THR C 263 -0.13 -6.21 -4.34
N GLY C 264 0.34 -5.50 -5.37
CA GLY C 264 0.48 -4.06 -5.34
C GLY C 264 1.89 -3.60 -5.10
N LYS C 265 2.75 -4.50 -4.63
CA LYS C 265 4.17 -4.24 -4.43
C LYS C 265 4.94 -5.21 -5.32
N LEU C 266 6.15 -4.80 -5.71
CA LEU C 266 6.96 -5.64 -6.59
C LEU C 266 7.14 -7.04 -6.00
N PHE C 267 7.41 -7.10 -4.70
CA PHE C 267 7.48 -8.33 -3.94
C PHE C 267 6.66 -8.15 -2.67
N ALA C 268 5.87 -9.17 -2.32
CA ALA C 268 4.91 -9.05 -1.23
C ALA C 268 5.58 -8.85 0.13
N CYS C 269 6.86 -9.21 0.26
CA CYS C 269 7.59 -8.91 1.48
C CYS C 269 7.64 -7.41 1.78
N GLU C 270 7.56 -6.56 0.74
CA GLU C 270 7.59 -5.11 0.95
C GLU C 270 6.45 -4.63 1.83
N HIS C 271 5.31 -5.32 1.80
CA HIS C 271 4.19 -4.96 2.66
C HIS C 271 4.60 -4.96 4.14
N ALA C 272 5.61 -5.75 4.49
CA ALA C 272 6.09 -5.86 5.87
C ALA C 272 7.44 -5.18 6.08
N GLY C 273 8.04 -4.61 5.03
CA GLY C 273 9.34 -3.99 5.14
C GLY C 273 10.46 -4.96 5.50
N ILE C 274 10.33 -6.22 5.10
CA ILE C 274 11.26 -7.26 5.51
C ILE C 274 11.95 -7.83 4.28
N THR C 275 13.09 -8.48 4.52
CA THR C 275 13.86 -9.13 3.47
C THR C 275 14.09 -10.58 3.88
N ALA C 276 13.79 -11.50 2.98
CA ALA C 276 14.01 -12.92 3.24
C ALA C 276 15.50 -13.26 3.12
N ASP C 277 15.88 -14.36 3.78
CA ASP C 277 17.21 -14.94 3.57
C ASP C 277 17.28 -15.69 2.24
N ILE C 278 16.20 -16.39 1.88
CA ILE C 278 16.07 -17.02 0.56
C ILE C 278 14.72 -16.63 -0.01
N LEU C 279 14.73 -16.23 -1.28
CA LEU C 279 13.55 -15.77 -1.99
C LEU C 279 13.31 -16.69 -3.18
N CYS C 280 12.10 -17.26 -3.24
CA CYS C 280 11.72 -18.19 -4.30
C CYS C 280 10.76 -17.49 -5.25
N LEU C 281 11.07 -17.59 -6.55
CA LEU C 281 10.35 -16.87 -7.58
C LEU C 281 10.02 -17.85 -8.70
N GLY C 282 8.98 -17.49 -9.46
CA GLY C 282 8.57 -18.33 -10.57
C GLY C 282 7.39 -17.72 -11.31
N LYS C 283 6.61 -18.59 -11.93
CA LYS C 283 5.37 -18.24 -12.64
C LYS C 283 5.46 -16.96 -13.48
N ALA C 284 5.10 -15.80 -12.91
CA ALA C 284 5.15 -14.56 -13.67
C ALA C 284 6.56 -14.21 -14.13
N LEU C 285 7.58 -14.89 -13.58
CA LEU C 285 8.97 -14.65 -13.96
C LEU C 285 9.14 -14.67 -15.47
N THR C 286 8.50 -15.63 -16.14
CA THR C 286 8.57 -15.77 -17.58
C THR C 286 7.42 -15.08 -18.30
N GLY C 287 6.60 -14.31 -17.58
CA GLY C 287 5.35 -13.83 -18.14
C GLY C 287 4.32 -14.92 -18.38
N GLY C 288 4.48 -16.09 -17.78
CA GLY C 288 3.54 -17.18 -17.99
C GLY C 288 3.61 -17.87 -19.34
N THR C 289 4.78 -17.85 -19.99
CA THR C 289 4.96 -18.45 -21.31
C THR C 289 5.49 -19.88 -21.25
N MET C 290 6.23 -20.20 -20.19
CA MET C 290 6.95 -21.47 -20.04
C MET C 290 7.53 -21.50 -18.63
N THR C 291 7.86 -22.70 -18.17
CA THR C 291 8.27 -22.82 -16.77
C THR C 291 9.71 -22.39 -16.58
N LEU C 292 9.95 -21.76 -15.44
CA LEU C 292 11.26 -21.33 -14.94
C LEU C 292 11.03 -20.92 -13.49
N SER C 293 12.06 -21.09 -12.66
CA SER C 293 11.99 -20.62 -11.28
C SER C 293 13.38 -20.18 -10.84
N ALA C 294 13.46 -19.64 -9.62
CA ALA C 294 14.77 -19.31 -9.06
C ALA C 294 14.68 -19.24 -7.54
N ALA C 295 15.80 -19.58 -6.91
CA ALA C 295 16.00 -19.32 -5.49
C ALA C 295 17.16 -18.33 -5.38
N ILE C 296 16.88 -17.17 -4.78
CA ILE C 296 17.90 -16.14 -4.59
C ILE C 296 18.21 -16.07 -3.10
N THR C 297 19.51 -16.05 -2.78
CA THR C 297 19.90 -16.05 -1.39
C THR C 297 21.01 -15.03 -1.19
N THR C 298 21.46 -14.93 0.05
CA THR C 298 22.50 -13.99 0.45
C THR C 298 23.88 -14.59 0.23
N ARG C 299 24.88 -13.71 0.22
CA ARG C 299 26.27 -14.13 0.12
C ARG C 299 26.67 -14.98 1.33
N THR C 300 26.18 -14.63 2.52
CA THR C 300 26.55 -15.39 3.71
C THR C 300 26.03 -16.82 3.65
N VAL C 301 24.81 -17.01 3.14
CA VAL C 301 24.29 -18.36 2.95
C VAL C 301 25.13 -19.10 1.91
N ALA C 302 25.33 -18.46 0.75
CA ALA C 302 26.07 -19.07 -0.34
C ALA C 302 27.48 -19.46 0.08
N GLU C 303 28.19 -18.53 0.74
CA GLU C 303 29.55 -18.81 1.20
C GLU C 303 29.57 -19.92 2.23
N THR C 304 28.66 -19.87 3.20
CA THR C 304 28.64 -20.88 4.27
C THR C 304 28.45 -22.27 3.68
N ILE C 305 27.52 -22.40 2.74
CA ILE C 305 27.26 -23.69 2.09
C ILE C 305 28.50 -24.14 1.32
N SER C 306 29.10 -23.23 0.54
CA SER C 306 30.21 -23.59 -0.33
C SER C 306 31.43 -24.09 0.44
N ASN C 307 31.65 -23.54 1.64
CA ASN C 307 32.81 -23.92 2.44
C ASN C 307 32.60 -25.18 3.26
N GLY C 308 31.38 -25.71 3.30
CA GLY C 308 31.14 -26.97 3.96
C GLY C 308 31.75 -28.15 3.22
N GLU C 309 31.67 -29.31 3.85
CA GLU C 309 32.27 -30.52 3.31
C GLU C 309 31.58 -30.95 2.02
N THR C 318 18.91 -30.62 -15.30
CA THR C 318 19.33 -30.83 -16.69
C THR C 318 19.10 -29.58 -17.52
N PHE C 319 17.88 -29.06 -17.47
CA PHE C 319 17.51 -27.84 -18.18
C PHE C 319 17.76 -26.59 -17.36
N MET C 320 18.63 -26.68 -16.35
CA MET C 320 18.98 -25.54 -15.52
C MET C 320 19.51 -24.40 -16.38
N GLY C 321 18.98 -23.20 -16.15
CA GLY C 321 19.46 -22.03 -16.88
C GLY C 321 19.02 -21.96 -18.33
N ASN C 322 18.02 -22.76 -18.73
CA ASN C 322 17.53 -22.85 -20.10
C ASN C 322 17.54 -21.49 -20.81
N PRO C 323 18.36 -21.32 -21.84
CA PRO C 323 18.44 -20.02 -22.53
C PRO C 323 17.09 -19.48 -22.98
N LEU C 324 16.23 -20.34 -23.53
CA LEU C 324 14.93 -19.87 -24.02
C LEU C 324 14.12 -19.25 -22.88
N ALA C 325 13.95 -20.00 -21.79
CA ALA C 325 13.20 -19.51 -20.63
C ALA C 325 13.81 -18.24 -20.07
N CYS C 326 15.16 -18.17 -20.04
CA CYS C 326 15.81 -17.00 -19.46
C CYS C 326 15.58 -15.76 -20.32
N ALA C 327 15.55 -15.93 -21.65
CA ALA C 327 15.35 -14.80 -22.56
C ALA C 327 13.96 -14.21 -22.41
N VAL C 328 12.92 -15.06 -22.31
CA VAL C 328 11.58 -14.51 -22.18
C VAL C 328 11.36 -13.94 -20.78
N ALA C 329 11.97 -14.54 -19.75
CA ALA C 329 11.89 -13.97 -18.41
C ALA C 329 12.55 -12.60 -18.35
N SER C 330 13.73 -12.47 -18.99
CA SER C 330 14.39 -11.17 -19.04
C SER C 330 13.49 -10.12 -19.67
N GLU C 331 12.75 -10.47 -20.73
CA GLU C 331 11.86 -9.49 -21.34
C GLU C 331 10.64 -9.23 -20.46
N SER C 332 10.16 -10.26 -19.77
CA SER C 332 9.04 -10.05 -18.85
C SER C 332 9.43 -9.08 -17.74
N LEU C 333 10.67 -9.17 -17.25
CA LEU C 333 11.12 -8.21 -16.25
C LEU C 333 11.34 -6.82 -16.86
N ARG C 334 11.80 -6.77 -18.11
CA ARG C 334 11.91 -5.49 -18.80
C ARG C 334 10.58 -4.77 -18.85
N LEU C 335 9.52 -5.51 -19.21
CA LEU C 335 8.17 -4.94 -19.21
C LEU C 335 7.81 -4.35 -17.85
N LEU C 336 8.26 -4.99 -16.77
CA LEU C 336 8.00 -4.46 -15.44
C LEU C 336 8.87 -3.26 -15.10
N GLU C 337 10.01 -3.09 -15.77
CA GLU C 337 10.93 -2.00 -15.43
C GLU C 337 10.32 -0.63 -15.65
N SER C 338 9.40 -0.51 -16.61
CA SER C 338 8.72 0.76 -16.84
C SER C 338 7.90 1.21 -15.64
N GLY C 339 7.52 0.27 -14.76
CA GLY C 339 6.68 0.60 -13.63
C GLY C 339 5.20 0.69 -13.91
N GLU C 340 4.77 0.44 -15.16
CA GLU C 340 3.37 0.55 -15.51
C GLU C 340 2.48 -0.41 -14.71
N TRP C 341 3.05 -1.51 -14.20
CA TRP C 341 2.25 -2.46 -13.43
C TRP C 341 1.71 -1.83 -12.14
N GLN C 342 2.40 -0.83 -11.58
CA GLN C 342 1.98 -0.29 -10.29
C GLN C 342 0.63 0.42 -10.39
N PRO C 343 0.42 1.40 -11.27
CA PRO C 343 -0.94 1.97 -11.38
C PRO C 343 -1.95 1.02 -12.02
N GLN C 344 -1.50 0.08 -12.86
CA GLN C 344 -2.40 -0.94 -13.40
C GLN C 344 -3.01 -1.78 -12.27
N VAL C 345 -2.16 -2.29 -11.37
CA VAL C 345 -2.63 -3.15 -10.29
C VAL C 345 -3.44 -2.34 -9.28
N ALA C 346 -3.01 -1.11 -9.01
CA ALA C 346 -3.75 -0.24 -8.11
C ALA C 346 -5.15 0.03 -8.63
N ALA C 347 -5.30 0.13 -9.95
CA ALA C 347 -6.62 0.39 -10.53
C ALA C 347 -7.47 -0.87 -10.55
N ILE C 348 -6.84 -2.02 -10.82
CA ILE C 348 -7.52 -3.31 -10.73
C ILE C 348 -7.98 -3.57 -9.30
N GLU C 349 -7.10 -3.30 -8.33
CA GLU C 349 -7.46 -3.44 -6.92
C GLU C 349 -8.68 -2.59 -6.58
N ALA C 350 -8.68 -1.32 -7.00
CA ALA C 350 -9.80 -0.44 -6.67
C ALA C 350 -11.10 -0.94 -7.30
N GLN C 351 -11.00 -1.51 -8.50
CA GLN C 351 -12.21 -1.98 -9.17
C GLN C 351 -12.69 -3.29 -8.57
N LEU C 352 -11.75 -4.19 -8.23
CA LEU C 352 -12.14 -5.43 -7.57
C LEU C 352 -12.85 -5.15 -6.25
N GLN C 353 -12.30 -4.21 -5.46
CA GLN C 353 -12.92 -3.85 -4.18
C GLN C 353 -14.35 -3.37 -4.38
N ALA C 354 -14.55 -2.51 -5.37
CA ALA C 354 -15.85 -1.88 -5.57
C ALA C 354 -16.87 -2.86 -6.14
N GLU C 355 -16.46 -3.68 -7.11
CA GLU C 355 -17.43 -4.52 -7.82
C GLU C 355 -17.65 -5.87 -7.15
N LEU C 356 -16.71 -6.33 -6.30
CA LEU C 356 -16.96 -7.55 -5.53
C LEU C 356 -17.62 -7.28 -4.18
N ALA C 357 -17.57 -6.03 -3.70
CA ALA C 357 -18.17 -5.70 -2.41
C ALA C 357 -19.64 -6.13 -2.29
N PRO C 358 -20.50 -5.99 -3.29
CA PRO C 358 -21.90 -6.40 -3.09
C PRO C 358 -22.07 -7.91 -2.95
N ALA C 359 -21.06 -8.69 -3.31
CA ALA C 359 -21.14 -10.13 -3.06
C ALA C 359 -21.20 -10.44 -1.57
N ARG C 360 -20.74 -9.51 -0.71
CA ARG C 360 -20.87 -9.70 0.73
C ARG C 360 -22.32 -9.89 1.15
N GLY C 361 -23.25 -9.32 0.39
CA GLY C 361 -24.67 -9.42 0.70
C GLY C 361 -25.32 -10.71 0.26
N SER C 362 -24.55 -11.62 -0.31
CA SER C 362 -25.09 -12.89 -0.79
C SER C 362 -25.05 -13.92 0.33
N ALA C 363 -26.17 -14.63 0.50
CA ALA C 363 -26.27 -15.59 1.60
C ALA C 363 -25.14 -16.61 1.55
N LEU C 364 -24.75 -17.03 0.36
CA LEU C 364 -23.74 -18.07 0.18
C LEU C 364 -22.31 -17.56 0.34
N VAL C 365 -22.10 -16.26 0.56
CA VAL C 365 -20.75 -15.71 0.61
C VAL C 365 -20.33 -15.53 2.06
N ALA C 366 -19.21 -16.15 2.44
CA ALA C 366 -18.64 -16.02 3.78
C ALA C 366 -17.74 -14.82 3.93
N ASP C 367 -17.03 -14.45 2.86
CA ASP C 367 -16.03 -13.41 2.92
C ASP C 367 -15.65 -12.96 1.51
N VAL C 368 -15.31 -11.68 1.40
CA VAL C 368 -14.72 -11.10 0.20
C VAL C 368 -13.44 -10.39 0.62
N ARG C 369 -12.32 -10.72 -0.04
CA ARG C 369 -11.06 -10.06 0.29
C ARG C 369 -10.29 -9.78 -0.99
N VAL C 370 -9.68 -8.59 -1.03
CA VAL C 370 -9.01 -8.09 -2.22
C VAL C 370 -7.66 -7.52 -1.82
N LEU C 371 -6.62 -7.87 -2.57
CA LEU C 371 -5.31 -7.25 -2.40
C LEU C 371 -4.61 -7.26 -3.75
N GLY C 372 -4.17 -6.08 -4.20
CA GLY C 372 -3.55 -6.00 -5.50
C GLY C 372 -4.53 -6.44 -6.57
N ALA C 373 -4.01 -7.18 -7.55
CA ALA C 373 -4.82 -7.77 -8.61
C ALA C 373 -5.28 -9.16 -8.23
N ILE C 374 -5.73 -9.33 -6.98
CA ILE C 374 -6.27 -10.58 -6.45
C ILE C 374 -7.63 -10.27 -5.85
N GLY C 375 -8.66 -10.98 -6.30
CA GLY C 375 -9.99 -10.85 -5.72
C GLY C 375 -10.52 -12.20 -5.33
N VAL C 376 -10.93 -12.36 -4.07
CA VAL C 376 -11.33 -13.65 -3.55
C VAL C 376 -12.74 -13.54 -2.97
N VAL C 377 -13.65 -14.35 -3.49
CA VAL C 377 -14.97 -14.55 -2.90
C VAL C 377 -14.98 -15.94 -2.29
N GLU C 378 -15.08 -16.01 -0.96
CA GLU C 378 -15.11 -17.29 -0.26
C GLU C 378 -16.56 -17.62 0.06
N THR C 379 -16.99 -18.80 -0.37
CA THR C 379 -18.39 -19.20 -0.24
C THR C 379 -18.57 -20.17 0.92
N ARG C 380 -19.82 -20.28 1.38
CA ARG C 380 -20.08 -21.12 2.55
C ARG C 380 -20.13 -22.59 2.18
N ARG C 381 -20.50 -22.90 0.94
CA ARG C 381 -20.57 -24.25 0.42
C ARG C 381 -19.63 -24.38 -0.77
N PRO C 382 -19.12 -25.59 -1.03
CA PRO C 382 -18.24 -25.77 -2.19
C PRO C 382 -19.05 -25.70 -3.49
N VAL C 383 -18.34 -25.34 -4.56
CA VAL C 383 -18.99 -25.10 -5.85
C VAL C 383 -19.30 -26.41 -6.56
N ASN C 384 -20.37 -26.38 -7.34
CA ASN C 384 -20.64 -27.42 -8.34
C ASN C 384 -19.84 -27.07 -9.59
N MET C 385 -18.76 -27.81 -9.83
CA MET C 385 -17.74 -27.33 -10.76
C MET C 385 -18.23 -27.34 -12.21
N ALA C 386 -18.89 -28.42 -12.63
CA ALA C 386 -19.36 -28.48 -14.01
C ALA C 386 -20.37 -27.40 -14.29
N ALA C 387 -21.36 -27.26 -13.40
CA ALA C 387 -22.45 -26.31 -13.60
C ALA C 387 -21.94 -24.87 -13.60
N LEU C 388 -21.05 -24.54 -12.66
CA LEU C 388 -20.55 -23.16 -12.55
C LEU C 388 -19.58 -22.82 -13.68
N GLN C 389 -18.74 -23.78 -14.06
CA GLN C 389 -17.82 -23.53 -15.17
C GLN C 389 -18.58 -23.33 -16.46
N ARG C 390 -19.71 -24.05 -16.61
CA ARG C 390 -20.57 -23.86 -17.78
C ARG C 390 -21.16 -22.46 -17.79
N PHE C 391 -21.56 -21.97 -16.61
CA PHE C 391 -22.12 -20.62 -16.50
C PHE C 391 -21.10 -19.56 -16.87
N PHE C 392 -19.89 -19.67 -16.30
CA PHE C 392 -18.83 -18.71 -16.61
C PHE C 392 -18.54 -18.69 -18.11
N VAL C 393 -18.39 -19.87 -18.73
CA VAL C 393 -18.09 -19.90 -20.16
C VAL C 393 -19.26 -19.34 -20.96
N GLU C 394 -20.50 -19.64 -20.53
CA GLU C 394 -21.67 -19.07 -21.19
C GLU C 394 -21.67 -17.55 -21.15
N GLN C 395 -21.06 -16.96 -20.13
CA GLN C 395 -20.98 -15.51 -19.98
C GLN C 395 -19.75 -14.92 -20.67
N GLY C 396 -19.00 -15.74 -21.41
CA GLY C 396 -17.80 -15.29 -22.12
C GLY C 396 -16.60 -14.95 -21.25
N VAL C 397 -16.39 -15.69 -20.16
CA VAL C 397 -15.30 -15.42 -19.25
C VAL C 397 -14.68 -16.75 -18.82
N TRP C 398 -13.39 -16.71 -18.47
CA TRP C 398 -12.70 -17.89 -17.93
C TRP C 398 -12.34 -17.64 -16.47
N ILE C 399 -13.10 -18.27 -15.58
CA ILE C 399 -12.88 -18.24 -14.15
C ILE C 399 -12.91 -19.69 -13.67
N ARG C 400 -11.83 -20.11 -13.04
CA ARG C 400 -11.64 -21.49 -12.61
C ARG C 400 -11.71 -21.52 -11.10
N PRO C 401 -12.89 -21.74 -10.52
CA PRO C 401 -13.00 -21.75 -9.06
C PRO C 401 -12.47 -23.06 -8.50
N PHE C 402 -12.36 -23.09 -7.17
CA PHE C 402 -11.90 -24.29 -6.50
C PHE C 402 -12.46 -24.35 -5.10
N GLY C 403 -13.03 -25.50 -4.75
CA GLY C 403 -13.68 -25.70 -3.47
C GLY C 403 -14.69 -24.61 -3.14
N ARG C 404 -14.39 -23.85 -2.09
CA ARG C 404 -15.23 -22.76 -1.63
C ARG C 404 -14.70 -21.42 -2.08
N LEU C 405 -13.83 -21.41 -3.10
CA LEU C 405 -13.17 -20.18 -3.54
C LEU C 405 -13.50 -19.91 -5.01
N ILE C 406 -14.15 -18.77 -5.24
CA ILE C 406 -14.26 -18.18 -6.57
C ILE C 406 -13.37 -16.95 -6.55
N TYR C 407 -12.29 -16.97 -7.35
CA TYR C 407 -11.30 -15.91 -7.25
C TYR C 407 -10.82 -15.46 -8.61
N LEU C 408 -10.37 -14.20 -8.63
CA LEU C 408 -9.93 -13.50 -9.83
C LEU C 408 -8.49 -13.05 -9.64
N MET C 409 -7.70 -13.26 -10.70
CA MET C 409 -6.30 -12.85 -10.72
C MET C 409 -5.95 -12.54 -12.17
N PRO C 410 -6.48 -11.45 -12.70
CA PRO C 410 -6.42 -11.23 -14.13
C PRO C 410 -5.08 -10.64 -14.54
N PRO C 411 -4.75 -10.71 -15.83
CA PRO C 411 -3.56 -10.02 -16.34
C PRO C 411 -3.62 -8.53 -16.03
N TYR C 412 -2.43 -7.92 -15.88
CA TYR C 412 -2.37 -6.51 -15.52
C TYR C 412 -2.90 -5.61 -16.63
N ILE C 413 -3.01 -6.13 -17.86
CA ILE C 413 -3.44 -5.33 -19.00
C ILE C 413 -4.94 -5.37 -19.21
N ILE C 414 -5.69 -6.01 -18.31
CA ILE C 414 -7.13 -6.16 -18.54
C ILE C 414 -7.79 -4.77 -18.53
N THR C 415 -8.75 -4.59 -19.45
CA THR C 415 -9.50 -3.34 -19.50
C THR C 415 -10.55 -3.31 -18.39
N PRO C 416 -10.98 -2.10 -17.98
CA PRO C 416 -12.10 -2.02 -17.02
C PRO C 416 -13.32 -2.81 -17.48
N GLU C 417 -13.64 -2.75 -18.76
CA GLU C 417 -14.86 -3.41 -19.25
C GLU C 417 -14.73 -4.92 -19.16
N GLN C 418 -13.55 -5.46 -19.51
CA GLN C 418 -13.33 -6.89 -19.35
C GLN C 418 -13.42 -7.30 -17.89
N LEU C 419 -12.87 -6.47 -17.00
CA LEU C 419 -12.86 -6.82 -15.58
C LEU C 419 -14.26 -6.76 -15.00
N THR C 420 -15.07 -5.79 -15.45
CA THR C 420 -16.46 -5.73 -15.02
C THR C 420 -17.23 -6.97 -15.44
N ARG C 421 -16.86 -7.57 -16.58
CA ARG C 421 -17.51 -8.81 -16.98
C ARG C 421 -17.21 -9.93 -16.00
N LEU C 422 -15.95 -10.00 -15.52
CA LEU C 422 -15.59 -11.00 -14.53
C LEU C 422 -16.37 -10.81 -13.24
N THR C 423 -16.34 -9.59 -12.68
CA THR C 423 -16.95 -9.36 -11.38
C THR C 423 -18.46 -9.51 -11.42
N ARG C 424 -19.09 -9.15 -12.54
CA ARG C 424 -20.53 -9.36 -12.66
C ARG C 424 -20.85 -10.85 -12.69
N ALA C 425 -20.04 -11.64 -13.40
CA ALA C 425 -20.26 -13.08 -13.44
C ALA C 425 -20.10 -13.69 -12.05
N VAL C 426 -19.08 -13.25 -11.30
CA VAL C 426 -18.87 -13.76 -9.96
C VAL C 426 -20.07 -13.43 -9.07
N ASN C 427 -20.53 -12.17 -9.13
CA ASN C 427 -21.70 -11.76 -8.33
C ASN C 427 -22.93 -12.58 -8.69
N GLN C 428 -23.16 -12.83 -9.98
CA GLN C 428 -24.36 -13.56 -10.38
C GLN C 428 -24.30 -15.01 -9.90
N ALA C 429 -23.11 -15.61 -9.94
CA ALA C 429 -22.97 -17.01 -9.52
C ALA C 429 -23.28 -17.18 -8.04
N VAL C 430 -22.69 -16.34 -7.18
CA VAL C 430 -22.89 -16.49 -5.74
C VAL C 430 -24.33 -16.18 -5.31
N GLN C 431 -25.16 -15.69 -6.23
CA GLN C 431 -26.57 -15.49 -5.95
C GLN C 431 -27.43 -16.72 -6.22
N ASP C 432 -26.85 -17.77 -6.79
CA ASP C 432 -27.61 -18.92 -7.29
C ASP C 432 -27.18 -20.17 -6.53
N GLU C 433 -28.13 -20.78 -5.81
CA GLU C 433 -27.84 -21.98 -5.04
C GLU C 433 -27.45 -23.16 -5.92
N THR C 434 -27.92 -23.17 -7.18
CA THR C 434 -27.74 -24.32 -8.05
C THR C 434 -26.28 -24.53 -8.43
N PHE C 435 -25.46 -23.48 -8.39
CA PHE C 435 -24.04 -23.57 -8.66
C PHE C 435 -23.25 -24.10 -7.46
N PHE C 436 -23.95 -24.66 -6.46
CA PHE C 436 -23.28 -25.10 -5.24
C PHE C 436 -23.84 -26.46 -4.82
N SER C 437 -23.09 -27.11 -3.92
CA SER C 437 -23.46 -28.43 -3.42
C SER C 437 -24.34 -28.31 -2.17
N MET D 10 29.40 -11.47 -25.13
CA MET D 10 29.64 -11.53 -23.69
C MET D 10 30.94 -10.83 -23.32
N THR D 11 30.82 -9.80 -22.49
CA THR D 11 31.98 -9.06 -22.02
C THR D 11 32.67 -9.82 -20.89
N LEU D 12 33.90 -9.40 -20.58
CA LEU D 12 34.60 -9.97 -19.43
C LEU D 12 33.87 -9.66 -18.13
N ASP D 13 33.13 -8.55 -18.08
CA ASP D 13 32.34 -8.24 -16.89
C ASP D 13 31.17 -9.20 -16.73
N ASP D 14 30.62 -9.70 -17.86
CA ASP D 14 29.53 -10.68 -17.79
C ASP D 14 29.99 -11.96 -17.11
N LEU D 15 31.22 -12.40 -17.39
CA LEU D 15 31.75 -13.59 -16.75
C LEU D 15 32.11 -13.32 -15.29
N ALA D 16 32.55 -12.10 -14.97
CA ALA D 16 32.76 -11.74 -13.57
C ALA D 16 31.46 -11.77 -12.79
N PHE D 17 30.37 -11.29 -13.40
CA PHE D 17 29.09 -11.29 -12.71
C PHE D 17 28.59 -12.72 -12.49
N ASP D 18 28.65 -13.54 -13.53
CA ASP D 18 28.27 -14.95 -13.45
C ASP D 18 29.01 -15.64 -12.31
N ARG D 19 30.32 -15.40 -12.21
CA ARG D 19 31.13 -16.06 -11.19
C ARG D 19 30.64 -15.69 -9.79
N ARG D 20 30.33 -14.41 -9.60
CA ARG D 20 30.02 -13.90 -8.27
C ARG D 20 28.57 -14.15 -7.87
N HIS D 21 27.67 -14.30 -8.83
CA HIS D 21 26.23 -14.24 -8.58
C HIS D 21 25.42 -15.41 -9.08
N ILE D 22 25.93 -16.19 -10.04
CA ILE D 22 25.14 -17.21 -10.72
C ILE D 22 25.64 -18.58 -10.29
N TRP D 23 24.75 -19.34 -9.64
CA TRP D 23 25.06 -20.72 -9.28
C TRP D 23 25.00 -21.62 -10.51
N HIS D 24 25.93 -22.55 -10.58
CA HIS D 24 25.91 -23.59 -11.60
C HIS D 24 25.80 -24.96 -10.96
N PRO D 25 25.35 -25.98 -11.70
CA PRO D 25 25.15 -27.30 -11.10
C PRO D 25 26.42 -27.83 -10.45
N TYR D 26 26.27 -28.30 -9.21
CA TYR D 26 27.35 -28.97 -8.47
C TYR D 26 28.63 -28.14 -8.46
N THR D 27 28.49 -26.87 -8.12
CA THR D 27 29.63 -25.97 -7.97
C THR D 27 29.53 -25.24 -6.64
N SER D 28 30.65 -24.62 -6.27
CA SER D 28 30.76 -23.76 -5.11
C SER D 28 30.75 -22.31 -5.55
N MET D 29 30.21 -21.44 -4.70
CA MET D 29 30.20 -20.01 -4.99
C MET D 29 31.46 -19.29 -4.48
N THR D 30 32.21 -19.89 -3.55
CA THR D 30 33.43 -19.24 -3.07
C THR D 30 34.65 -19.58 -3.92
N SER D 31 34.75 -20.81 -4.40
CA SER D 31 35.87 -21.24 -5.23
C SER D 31 35.35 -21.97 -6.46
N PRO D 32 34.57 -21.29 -7.30
CA PRO D 32 34.00 -21.96 -8.47
C PRO D 32 35.06 -22.19 -9.54
N LEU D 33 34.87 -23.27 -10.29
CA LEU D 33 35.74 -23.55 -11.43
C LEU D 33 35.28 -22.74 -12.64
N PRO D 34 36.18 -22.51 -13.60
CA PRO D 34 35.79 -21.69 -14.77
C PRO D 34 34.63 -22.28 -15.54
N VAL D 35 33.78 -21.39 -16.04
CA VAL D 35 32.73 -21.75 -16.97
C VAL D 35 33.09 -21.17 -18.33
N TYR D 36 32.51 -21.75 -19.36
CA TYR D 36 32.82 -21.34 -20.72
C TYR D 36 31.62 -20.65 -21.34
N PRO D 37 31.84 -19.49 -21.96
CA PRO D 37 30.72 -18.69 -22.49
C PRO D 37 30.27 -19.20 -23.85
N VAL D 38 29.10 -19.84 -23.87
CA VAL D 38 28.46 -20.29 -25.10
C VAL D 38 27.42 -19.23 -25.48
N VAL D 39 27.55 -18.65 -26.68
CA VAL D 39 26.61 -17.63 -27.13
C VAL D 39 25.61 -18.16 -28.16
N SER D 40 25.92 -19.25 -28.86
CA SER D 40 25.00 -19.85 -29.80
C SER D 40 25.47 -21.28 -30.05
N ALA D 41 24.67 -22.03 -30.82
CA ALA D 41 24.99 -23.41 -31.13
C ALA D 41 24.28 -23.80 -32.41
N HIS D 42 24.93 -24.66 -33.20
CA HIS D 42 24.43 -25.05 -34.51
C HIS D 42 24.85 -26.47 -34.79
N GLY D 43 23.91 -27.28 -35.28
CA GLY D 43 24.22 -28.66 -35.61
C GLY D 43 24.75 -29.40 -34.39
N CYS D 44 25.96 -29.96 -34.50
CA CYS D 44 26.57 -30.65 -33.37
C CYS D 44 27.69 -29.81 -32.73
N GLU D 45 27.68 -28.50 -32.95
CA GLU D 45 28.72 -27.63 -32.44
C GLU D 45 28.15 -26.52 -31.56
N LEU D 46 28.93 -26.16 -30.53
CA LEU D 46 28.71 -24.99 -29.70
C LEU D 46 29.66 -23.88 -30.13
N SER D 47 29.19 -22.64 -30.04
CA SER D 47 29.96 -21.46 -30.36
C SER D 47 30.25 -20.66 -29.08
N LEU D 48 31.53 -20.45 -28.80
CA LEU D 48 31.97 -19.65 -27.67
C LEU D 48 32.07 -18.17 -28.04
N ALA D 49 31.93 -17.31 -27.02
CA ALA D 49 31.90 -15.87 -27.24
C ALA D 49 33.12 -15.36 -28.01
N GLY D 50 34.27 -16.02 -27.84
CA GLY D 50 35.45 -15.63 -28.59
C GLY D 50 35.42 -15.99 -30.06
N GLY D 51 34.60 -16.95 -30.45
CA GLY D 51 34.58 -17.46 -31.82
C GLY D 51 34.91 -18.93 -31.94
N GLU D 52 35.38 -19.57 -30.87
CA GLU D 52 35.75 -20.98 -30.91
C GLU D 52 34.54 -21.88 -31.11
N GLN D 53 34.75 -22.98 -31.83
CA GLN D 53 33.73 -23.99 -32.06
C GLN D 53 34.12 -25.27 -31.34
N LEU D 54 33.19 -25.85 -30.60
CA LEU D 54 33.40 -27.11 -29.90
C LEU D 54 32.41 -28.15 -30.40
N VAL D 55 32.92 -29.33 -30.74
CA VAL D 55 32.04 -30.45 -31.05
C VAL D 55 31.41 -30.93 -29.76
N ASP D 56 30.07 -31.06 -29.76
CA ASP D 56 29.37 -31.47 -28.53
C ASP D 56 29.38 -32.98 -28.42
N GLY D 57 29.90 -33.49 -27.30
CA GLY D 57 29.81 -34.90 -27.02
C GLY D 57 28.78 -35.27 -25.96
N MET D 58 28.07 -34.27 -25.41
CA MET D 58 27.20 -34.50 -24.25
C MET D 58 25.70 -34.38 -24.52
N SER D 59 25.30 -33.81 -25.67
CA SER D 59 23.89 -33.54 -25.98
C SER D 59 23.21 -32.75 -24.86
N SER D 60 23.99 -31.90 -24.19
CA SER D 60 23.50 -31.11 -23.06
C SER D 60 22.84 -32.02 -22.01
N TRP D 61 23.54 -33.12 -21.72
CA TRP D 61 23.07 -34.18 -20.82
C TRP D 61 21.83 -34.84 -21.43
N TRP D 62 22.07 -35.76 -22.38
CA TRP D 62 21.09 -36.66 -22.98
C TRP D 62 20.19 -36.02 -24.03
N ALA D 63 19.68 -34.82 -23.76
CA ALA D 63 18.42 -34.38 -24.37
C ALA D 63 18.55 -33.95 -25.83
N ALA D 64 19.72 -33.46 -26.24
CA ALA D 64 19.84 -32.78 -27.53
C ALA D 64 20.15 -33.77 -28.65
N ILE D 65 19.26 -34.76 -28.80
CA ILE D 65 19.51 -35.86 -29.72
C ILE D 65 19.57 -35.39 -31.18
N HIS D 66 18.92 -34.28 -31.50
CA HIS D 66 18.90 -33.75 -32.87
C HIS D 66 19.94 -32.67 -33.06
N GLY D 67 20.81 -32.45 -32.07
CA GLY D 67 21.73 -31.34 -32.14
C GLY D 67 21.05 -30.04 -31.78
N TYR D 68 21.66 -28.96 -32.25
CA TYR D 68 21.32 -27.61 -31.83
C TYR D 68 20.77 -26.81 -33.00
N ASN D 69 19.92 -25.83 -32.69
CA ASN D 69 19.37 -24.89 -33.67
C ASN D 69 18.77 -25.65 -34.85
N HIS D 70 17.95 -26.64 -34.53
CA HIS D 70 17.36 -27.46 -35.58
C HIS D 70 16.23 -26.70 -36.27
N PRO D 71 16.26 -26.56 -37.60
CA PRO D 71 15.23 -25.74 -38.28
C PRO D 71 13.80 -26.20 -38.02
N ARG D 72 13.56 -27.51 -37.98
CA ARG D 72 12.20 -28.00 -37.78
C ARG D 72 11.74 -27.79 -36.34
N LEU D 73 12.65 -27.95 -35.39
CA LEU D 73 12.30 -27.65 -34.00
C LEU D 73 12.04 -26.15 -33.83
N ASN D 74 12.83 -25.32 -34.48
CA ASN D 74 12.62 -23.87 -34.44
C ASN D 74 11.25 -23.47 -34.97
N ALA D 75 10.89 -23.97 -36.16
CA ALA D 75 9.61 -23.59 -36.75
C ALA D 75 8.44 -24.11 -35.91
N ALA D 76 8.59 -25.30 -35.32
CA ALA D 76 7.54 -25.81 -34.46
C ALA D 76 7.30 -24.86 -33.28
N LEU D 77 8.39 -24.36 -32.68
CA LEU D 77 8.27 -23.42 -31.58
C LEU D 77 7.65 -22.11 -32.03
N LYS D 78 8.19 -21.53 -33.11
CA LYS D 78 7.72 -20.23 -33.59
C LYS D 78 6.26 -20.31 -34.04
N GLY D 79 5.88 -21.42 -34.67
CA GLY D 79 4.51 -21.57 -35.12
C GLY D 79 3.54 -21.66 -33.95
N GLN D 80 3.95 -22.33 -32.88
CA GLN D 80 3.09 -22.39 -31.70
C GLN D 80 3.05 -21.04 -30.98
N ILE D 81 4.19 -20.34 -30.92
CA ILE D 81 4.21 -18.99 -30.34
C ILE D 81 3.15 -18.11 -30.98
N ASP D 82 2.94 -18.28 -32.29
CA ASP D 82 1.97 -17.43 -33.00
C ASP D 82 0.54 -17.68 -32.54
N GLN D 83 0.24 -18.88 -32.05
CA GLN D 83 -1.10 -19.21 -31.59
C GLN D 83 -1.27 -18.87 -30.11
N MET D 84 -0.39 -19.41 -29.27
CA MET D 84 -0.22 -19.08 -27.86
C MET D 84 0.96 -19.85 -27.31
N SER D 85 1.79 -19.16 -26.52
CA SER D 85 2.88 -19.83 -25.84
C SER D 85 2.35 -20.71 -24.71
N HIS D 86 1.32 -20.25 -23.98
CA HIS D 86 0.86 -21.04 -22.86
C HIS D 86 -0.59 -20.69 -22.50
N VAL D 87 -1.30 -21.72 -22.02
CA VAL D 87 -2.58 -21.54 -21.34
C VAL D 87 -2.66 -22.66 -20.30
N MET D 88 -3.36 -22.38 -19.21
CA MET D 88 -3.50 -23.37 -18.14
C MET D 88 -4.26 -24.59 -18.63
N PHE D 89 -4.01 -25.71 -17.95
CA PHE D 89 -4.55 -27.02 -18.29
C PHE D 89 -5.73 -27.43 -17.41
N GLY D 90 -6.07 -26.61 -16.41
CA GLY D 90 -7.20 -26.90 -15.54
C GLY D 90 -8.50 -26.55 -16.20
N GLY D 91 -9.30 -27.55 -16.55
CA GLY D 91 -10.55 -27.33 -17.25
C GLY D 91 -10.39 -26.99 -18.71
N ILE D 92 -9.19 -27.15 -19.26
CA ILE D 92 -8.88 -26.72 -20.61
C ILE D 92 -7.98 -27.74 -21.28
N THR D 93 -8.27 -28.04 -22.55
CA THR D 93 -7.31 -28.75 -23.38
C THR D 93 -7.06 -27.93 -24.64
N HIS D 94 -6.07 -28.35 -25.43
CA HIS D 94 -5.61 -27.55 -26.55
C HIS D 94 -4.94 -28.46 -27.58
N PRO D 95 -4.78 -28.00 -28.81
CA PRO D 95 -4.30 -28.87 -29.88
C PRO D 95 -2.91 -29.43 -29.62
N PRO D 96 -1.97 -28.65 -29.06
CA PRO D 96 -0.65 -29.23 -28.79
C PRO D 96 -0.68 -30.41 -27.82
N ALA D 97 -1.48 -30.32 -26.75
CA ALA D 97 -1.53 -31.45 -25.80
C ALA D 97 -2.06 -32.70 -26.48
N VAL D 98 -3.08 -32.55 -27.33
CA VAL D 98 -3.72 -33.70 -27.96
C VAL D 98 -2.77 -34.37 -28.93
N ALA D 99 -2.07 -33.57 -29.76
CA ALA D 99 -1.18 -34.14 -30.76
C ALA D 99 0.00 -34.86 -30.11
N LEU D 100 0.51 -34.32 -29.01
CA LEU D 100 1.64 -34.95 -28.31
C LEU D 100 1.21 -36.26 -27.65
N CYS D 101 0.11 -36.22 -26.89
CA CYS D 101 -0.35 -37.44 -26.23
C CYS D 101 -0.75 -38.52 -27.23
N ARG D 102 -1.32 -38.13 -28.38
CA ARG D 102 -1.57 -39.12 -29.43
C ARG D 102 -0.29 -39.83 -29.83
N GLN D 103 0.80 -39.07 -29.96
CA GLN D 103 2.09 -39.64 -30.35
C GLN D 103 2.65 -40.51 -29.25
N LEU D 104 2.58 -40.03 -28.01
CA LEU D 104 3.13 -40.79 -26.89
C LEU D 104 2.39 -42.10 -26.71
N VAL D 105 1.05 -42.06 -26.79
CA VAL D 105 0.25 -43.27 -26.67
C VAL D 105 0.56 -44.24 -27.80
N ALA D 106 0.64 -43.74 -29.05
CA ALA D 106 0.83 -44.63 -30.19
C ALA D 106 2.22 -45.26 -30.19
N MET D 107 3.25 -44.50 -29.80
CA MET D 107 4.62 -45.00 -29.92
C MET D 107 5.04 -45.91 -28.76
N THR D 108 4.27 -45.91 -27.64
CA THR D 108 4.53 -46.80 -26.51
C THR D 108 3.74 -48.08 -26.65
N PRO D 109 4.10 -49.14 -25.87
CA PRO D 109 3.30 -50.37 -25.85
C PRO D 109 1.83 -50.11 -25.67
N ALA D 110 0.99 -51.04 -26.16
CA ALA D 110 -0.44 -50.78 -26.21
C ALA D 110 -1.04 -50.60 -24.83
N SER D 111 -0.47 -51.25 -23.80
CA SER D 111 -1.01 -51.14 -22.45
C SER D 111 -0.80 -49.76 -21.83
N LEU D 112 0.13 -48.97 -22.36
CA LEU D 112 0.45 -47.66 -21.81
C LEU D 112 -0.28 -46.60 -22.62
N GLU D 113 -1.36 -46.05 -22.05
CA GLU D 113 -2.29 -45.21 -22.81
C GLU D 113 -2.84 -44.03 -22.05
N CYS D 114 -2.44 -43.80 -20.80
CA CYS D 114 -2.92 -42.66 -20.02
C CYS D 114 -1.73 -41.78 -19.66
N VAL D 115 -1.75 -40.53 -20.12
CA VAL D 115 -0.60 -39.63 -20.09
C VAL D 115 -0.83 -38.55 -19.04
N PHE D 116 0.13 -38.40 -18.13
CA PHE D 116 0.18 -37.30 -17.18
C PHE D 116 1.40 -36.44 -17.54
N LEU D 117 1.14 -35.27 -18.12
CA LEU D 117 2.22 -34.34 -18.48
C LEU D 117 2.70 -33.58 -17.26
N ALA D 118 4.03 -33.32 -17.21
CA ALA D 118 4.64 -32.56 -16.13
C ALA D 118 5.76 -31.70 -16.71
N ASP D 119 6.48 -31.00 -15.82
CA ASP D 119 7.49 -30.04 -16.27
CA ASP D 119 7.50 -30.02 -16.23
C ASP D 119 8.90 -30.65 -16.31
N SER D 120 9.34 -31.30 -15.24
CA SER D 120 10.68 -31.84 -15.17
C SER D 120 10.65 -33.34 -14.94
N GLY D 121 11.80 -33.98 -15.20
CA GLY D 121 11.90 -35.42 -15.03
C GLY D 121 11.69 -35.84 -13.58
N SER D 122 12.20 -35.05 -12.64
CA SER D 122 12.04 -35.38 -11.23
CA SER D 122 12.04 -35.38 -11.23
C SER D 122 10.57 -35.35 -10.82
N VAL D 123 9.81 -34.39 -11.35
CA VAL D 123 8.38 -34.31 -11.03
C VAL D 123 7.63 -35.49 -11.63
N ALA D 124 8.04 -35.96 -12.82
CA ALA D 124 7.34 -37.08 -13.42
C ALA D 124 7.60 -38.36 -12.64
N VAL D 125 8.79 -38.51 -12.05
CA VAL D 125 9.03 -39.64 -11.16
C VAL D 125 8.13 -39.52 -9.93
N GLU D 126 8.10 -38.33 -9.33
CA GLU D 126 7.24 -38.09 -8.17
C GLU D 126 5.78 -38.37 -8.50
N VAL D 127 5.35 -38.00 -9.71
CA VAL D 127 3.99 -38.30 -10.13
C VAL D 127 3.77 -39.80 -10.18
N ALA D 128 4.71 -40.51 -10.79
CA ALA D 128 4.61 -41.98 -10.84
C ALA D 128 4.50 -42.56 -9.43
N MET D 129 5.37 -42.11 -8.53
CA MET D 129 5.37 -42.63 -7.17
C MET D 129 4.05 -42.33 -6.46
N LYS D 130 3.50 -41.13 -6.68
CA LYS D 130 2.21 -40.81 -6.07
C LYS D 130 1.08 -41.64 -6.69
N MET D 131 1.16 -41.93 -7.99
CA MET D 131 0.18 -42.81 -8.62
C MET D 131 0.17 -44.18 -7.94
N ALA D 132 1.35 -44.74 -7.71
CA ALA D 132 1.45 -46.02 -7.03
C ALA D 132 0.82 -45.96 -5.64
N LEU D 133 1.10 -44.88 -4.89
CA LEU D 133 0.54 -44.76 -3.54
C LEU D 133 -0.99 -44.72 -3.59
N GLN D 134 -1.56 -44.00 -4.56
CA GLN D 134 -3.02 -43.90 -4.62
C GLN D 134 -3.63 -45.18 -5.15
N TYR D 135 -2.93 -45.85 -6.06
CA TYR D 135 -3.33 -47.17 -6.55
C TYR D 135 -3.62 -48.12 -5.39
N TRP D 136 -2.69 -48.25 -4.44
CA TRP D 136 -2.88 -49.20 -3.36
C TRP D 136 -3.86 -48.68 -2.32
N GLN D 137 -3.90 -47.36 -2.11
CA GLN D 137 -4.93 -46.77 -1.26
C GLN D 137 -6.32 -47.14 -1.77
N ALA D 138 -6.53 -47.01 -3.09
CA ALA D 138 -7.82 -47.33 -3.69
C ALA D 138 -8.12 -48.82 -3.62
N LYS D 139 -7.10 -49.68 -3.73
CA LYS D 139 -7.33 -51.11 -3.70
C LYS D 139 -7.65 -51.64 -2.30
N GLY D 140 -7.57 -50.79 -1.27
CA GLY D 140 -7.82 -51.22 0.08
C GLY D 140 -6.64 -51.86 0.79
N GLU D 141 -5.47 -51.89 0.17
CA GLU D 141 -4.24 -52.36 0.81
C GLU D 141 -3.19 -51.27 0.61
N PRO D 142 -3.21 -50.24 1.44
CA PRO D 142 -2.27 -49.14 1.27
C PRO D 142 -0.83 -49.58 1.52
N ARG D 143 0.08 -49.09 0.67
CA ARG D 143 1.50 -49.41 0.74
C ARG D 143 2.29 -48.13 0.57
N ARG D 144 3.35 -47.98 1.38
CA ARG D 144 4.10 -46.73 1.42
C ARG D 144 5.55 -46.85 0.96
N ARG D 145 6.05 -48.07 0.75
CA ARG D 145 7.47 -48.29 0.49
C ARG D 145 7.74 -48.47 -1.00
N PHE D 146 8.93 -48.05 -1.41
CA PHE D 146 9.43 -48.20 -2.77
C PHE D 146 10.72 -48.99 -2.73
N LEU D 147 10.88 -49.90 -3.71
CA LEU D 147 12.08 -50.72 -3.82
C LEU D 147 12.86 -50.25 -5.04
N THR D 148 14.12 -49.89 -4.82
CA THR D 148 15.03 -49.42 -5.85
C THR D 148 16.35 -50.19 -5.76
N PHE D 149 17.24 -49.91 -6.69
CA PHE D 149 18.55 -50.53 -6.72
C PHE D 149 19.61 -49.45 -6.62
N ASN D 181 12.83 -46.41 2.59
CA ASN D 181 12.70 -47.16 1.35
C ASN D 181 13.65 -48.34 1.31
N LEU D 182 13.46 -49.22 0.33
CA LEU D 182 14.18 -50.48 0.25
C LEU D 182 15.17 -50.44 -0.91
N PHE D 183 16.42 -50.79 -0.63
CA PHE D 183 17.50 -50.71 -1.60
C PHE D 183 18.08 -52.11 -1.80
N ALA D 184 17.82 -52.68 -2.96
CA ALA D 184 18.55 -53.86 -3.35
C ALA D 184 19.92 -53.46 -3.91
N PRO D 185 20.92 -54.31 -3.79
CA PRO D 185 22.22 -53.99 -4.39
C PRO D 185 22.09 -53.86 -5.89
N ALA D 186 22.98 -53.04 -6.47
CA ALA D 186 23.01 -52.87 -7.90
C ALA D 186 23.19 -54.22 -8.58
N PRO D 187 22.58 -54.42 -9.75
CA PRO D 187 22.84 -55.64 -10.52
C PRO D 187 24.31 -55.73 -10.89
N GLN D 188 24.97 -56.76 -10.35
CA GLN D 188 26.39 -56.97 -10.56
C GLN D 188 26.70 -57.56 -11.93
N SER D 189 25.69 -58.04 -12.64
CA SER D 189 25.90 -58.62 -13.97
C SER D 189 26.02 -57.50 -15.01
N ARG D 190 26.87 -57.73 -16.00
CA ARG D 190 27.07 -56.77 -17.07
C ARG D 190 26.10 -57.03 -18.22
N PHE D 191 25.81 -55.97 -18.98
CA PHE D 191 24.90 -56.09 -20.11
C PHE D 191 25.39 -57.13 -21.12
N ASP D 192 26.58 -56.92 -21.67
CA ASP D 192 27.12 -57.83 -22.68
C ASP D 192 27.83 -59.04 -22.07
N GLY D 193 27.76 -59.19 -20.75
CA GLY D 193 28.36 -60.31 -20.08
C GLY D 193 27.42 -61.49 -19.97
N GLU D 194 27.90 -62.53 -19.29
CA GLU D 194 27.10 -63.72 -19.09
C GLU D 194 26.12 -63.50 -17.94
N TRP D 195 24.90 -64.01 -18.11
CA TRP D 195 23.87 -63.81 -17.10
C TRP D 195 24.05 -64.80 -15.94
N ASP D 196 24.13 -64.26 -14.73
CA ASP D 196 24.28 -65.05 -13.51
C ASP D 196 23.11 -64.71 -12.59
N GLU D 197 22.20 -65.67 -12.41
CA GLU D 197 20.95 -65.40 -11.70
C GLU D 197 21.14 -65.20 -10.21
N MET D 198 22.28 -65.62 -9.65
CA MET D 198 22.52 -65.45 -8.22
C MET D 198 22.46 -63.99 -7.78
N ASP D 199 22.70 -63.07 -8.71
CA ASP D 199 22.70 -61.65 -8.38
C ASP D 199 21.33 -61.14 -7.92
N MET D 200 20.26 -61.88 -8.22
CA MET D 200 18.89 -61.44 -7.88
C MET D 200 18.47 -61.77 -6.46
N VAL D 201 19.21 -62.64 -5.77
CA VAL D 201 18.74 -63.15 -4.47
C VAL D 201 18.46 -62.03 -3.47
N PRO D 202 19.38 -61.10 -3.20
CA PRO D 202 19.04 -60.03 -2.24
C PRO D 202 17.83 -59.21 -2.64
N PHE D 203 17.60 -59.03 -3.95
CA PHE D 203 16.40 -58.32 -4.39
C PHE D 203 15.15 -59.15 -4.11
N ALA D 204 15.20 -60.45 -4.39
CA ALA D 204 14.05 -61.31 -4.13
C ALA D 204 13.76 -61.40 -2.64
N ARG D 205 14.80 -61.53 -1.81
CA ARG D 205 14.61 -61.56 -0.36
C ARG D 205 13.99 -60.26 0.13
N LEU D 206 14.43 -59.13 -0.42
CA LEU D 206 13.84 -57.85 -0.04
C LEU D 206 12.38 -57.79 -0.46
N MET D 207 12.09 -58.18 -1.70
CA MET D 207 10.70 -58.16 -2.16
C MET D 207 9.84 -59.13 -1.37
N ALA D 208 10.35 -60.35 -1.15
CA ALA D 208 9.60 -61.34 -0.39
C ALA D 208 9.32 -60.85 1.02
N ALA D 209 10.36 -60.35 1.71
CA ALA D 209 10.20 -59.93 3.09
C ALA D 209 9.27 -58.73 3.23
N HIS D 210 9.00 -58.01 2.14
CA HIS D 210 8.20 -56.80 2.17
C HIS D 210 7.16 -56.78 1.06
N ARG D 211 6.72 -57.96 0.59
CA ARG D 211 5.86 -57.99 -0.60
C ARG D 211 4.56 -57.23 -0.39
N HIS D 212 4.07 -57.12 0.86
CA HIS D 212 2.83 -56.40 1.11
C HIS D 212 3.04 -54.98 1.58
N GLU D 213 4.29 -54.49 1.58
CA GLU D 213 4.60 -53.10 1.86
C GLU D 213 5.05 -52.33 0.63
N ILE D 214 5.44 -53.01 -0.43
CA ILE D 214 6.05 -52.37 -1.59
C ILE D 214 4.96 -51.95 -2.57
N ALA D 215 4.82 -50.63 -2.75
CA ALA D 215 3.87 -50.10 -3.71
C ALA D 215 4.39 -50.26 -5.13
N ALA D 216 5.71 -50.09 -5.31
CA ALA D 216 6.28 -50.19 -6.64
C ALA D 216 7.77 -50.46 -6.54
N VAL D 217 8.29 -51.04 -7.61
CA VAL D 217 9.72 -51.04 -7.92
C VAL D 217 9.97 -49.92 -8.92
N ILE D 218 10.99 -49.11 -8.64
CA ILE D 218 11.45 -48.06 -9.55
C ILE D 218 12.87 -48.40 -9.98
N LEU D 219 13.15 -48.25 -11.27
CA LEU D 219 14.48 -48.51 -11.80
C LEU D 219 14.65 -47.76 -13.11
N GLU D 220 15.93 -47.62 -13.53
CA GLU D 220 16.25 -47.24 -14.90
C GLU D 220 16.60 -48.49 -15.70
N PRO D 221 15.91 -48.75 -16.82
CA PRO D 221 16.12 -50.00 -17.55
C PRO D 221 17.47 -50.02 -18.25
N ILE D 222 18.28 -51.03 -17.89
CA ILE D 222 19.59 -51.36 -18.47
C ILE D 222 20.67 -50.35 -18.05
N VAL D 223 20.52 -49.08 -18.44
CA VAL D 223 21.54 -48.07 -18.18
C VAL D 223 21.11 -47.25 -16.97
N GLN D 224 21.96 -47.25 -15.94
CA GLN D 224 21.71 -46.47 -14.73
C GLN D 224 22.28 -45.07 -14.93
N GLY D 225 21.49 -44.22 -15.60
CA GLY D 225 21.97 -42.91 -15.97
C GLY D 225 22.07 -41.93 -14.82
N ALA D 226 21.25 -42.14 -13.77
CA ALA D 226 21.28 -41.25 -12.63
C ALA D 226 22.47 -41.50 -11.70
N GLY D 227 23.19 -42.61 -11.87
CA GLY D 227 24.28 -42.90 -10.95
C GLY D 227 25.27 -43.96 -11.39
N GLY D 228 26.31 -43.53 -12.08
CA GLY D 228 27.44 -44.38 -12.39
C GLY D 228 27.51 -44.87 -13.82
N MET D 229 26.45 -44.66 -14.61
CA MET D 229 26.43 -45.08 -16.02
C MET D 229 26.70 -46.57 -16.19
N ARG D 230 26.29 -47.36 -15.20
CA ARG D 230 26.42 -48.81 -15.31
C ARG D 230 25.40 -49.37 -16.29
N MET D 231 25.74 -50.50 -16.89
CA MET D 231 24.89 -51.16 -17.88
C MET D 231 24.73 -52.61 -17.49
N TYR D 232 23.52 -53.00 -17.08
CA TYR D 232 23.33 -54.35 -16.58
C TYR D 232 22.60 -55.22 -17.61
N HIS D 233 22.62 -56.52 -17.34
CA HIS D 233 22.09 -57.51 -18.26
C HIS D 233 20.56 -57.39 -18.37
N PRO D 234 20.02 -57.52 -19.58
CA PRO D 234 18.56 -57.37 -19.74
C PRO D 234 17.75 -58.46 -19.05
N GLU D 235 18.32 -59.65 -18.85
CA GLU D 235 17.58 -60.71 -18.16
C GLU D 235 17.21 -60.28 -16.75
N TRP D 236 18.06 -59.48 -16.12
CA TRP D 236 17.76 -58.93 -14.81
C TRP D 236 16.46 -58.14 -14.81
N LEU D 237 16.11 -57.55 -15.96
CA LEU D 237 14.90 -56.75 -16.09
C LEU D 237 13.69 -57.61 -16.40
N LYS D 238 13.88 -58.72 -17.11
CA LYS D 238 12.79 -59.67 -17.32
C LYS D 238 12.35 -60.29 -16.00
N ARG D 239 13.31 -60.53 -15.10
CA ARG D 239 13.01 -61.17 -13.83
C ARG D 239 12.30 -60.21 -12.88
N VAL D 240 12.73 -58.96 -12.83
CA VAL D 240 12.02 -57.99 -12.01
C VAL D 240 10.56 -57.90 -12.42
N ARG D 241 10.31 -57.91 -13.73
CA ARG D 241 8.94 -57.77 -14.25
C ARG D 241 8.08 -58.95 -13.85
N LYS D 242 8.62 -60.17 -13.99
CA LYS D 242 7.85 -61.36 -13.61
C LYS D 242 7.62 -61.41 -12.10
N MET D 243 8.61 -60.95 -11.32
CA MET D 243 8.44 -60.94 -9.85
C MET D 243 7.40 -59.92 -9.43
N CYS D 244 7.45 -58.72 -10.00
CA CYS D 244 6.39 -57.74 -9.80
C CYS D 244 5.04 -58.32 -10.19
N ASP D 245 4.98 -58.99 -11.36
CA ASP D 245 3.72 -59.57 -11.82
C ASP D 245 3.17 -60.57 -10.79
N ARG D 246 4.02 -61.47 -10.30
CA ARG D 246 3.55 -62.51 -9.38
C ARG D 246 3.03 -61.92 -8.08
N GLU D 247 3.51 -60.73 -7.70
CA GLU D 247 3.12 -60.10 -6.45
C GLU D 247 2.13 -58.96 -6.65
N GLY D 248 1.79 -58.63 -7.90
CA GLY D 248 0.93 -57.49 -8.14
C GLY D 248 1.58 -56.16 -7.86
N ILE D 249 2.90 -56.13 -7.70
CA ILE D 249 3.63 -54.89 -7.47
C ILE D 249 3.80 -54.15 -8.79
N LEU D 250 3.66 -52.83 -8.74
CA LEU D 250 3.82 -52.01 -9.94
C LEU D 250 5.30 -51.81 -10.25
N LEU D 251 5.61 -51.78 -11.55
CA LEU D 251 6.95 -51.48 -12.02
C LEU D 251 6.97 -50.10 -12.64
N ILE D 252 7.79 -49.22 -12.10
CA ILE D 252 7.96 -47.87 -12.64
C ILE D 252 9.30 -47.86 -13.38
N ALA D 253 9.25 -47.60 -14.70
CA ALA D 253 10.46 -47.49 -15.51
C ALA D 253 10.78 -46.02 -15.73
N ASP D 254 11.91 -45.58 -15.18
CA ASP D 254 12.41 -44.23 -15.39
C ASP D 254 13.29 -44.25 -16.64
N GLU D 255 12.71 -43.85 -17.78
CA GLU D 255 13.43 -43.74 -19.04
C GLU D 255 13.68 -42.29 -19.42
N ILE D 256 13.75 -41.42 -18.41
CA ILE D 256 14.01 -40.00 -18.66
C ILE D 256 15.36 -39.84 -19.34
N ALA D 257 16.32 -40.71 -19.01
CA ALA D 257 17.61 -40.73 -19.69
C ALA D 257 17.68 -41.75 -20.81
N THR D 258 17.07 -42.92 -20.65
CA THR D 258 17.27 -43.98 -21.65
C THR D 258 16.32 -43.89 -22.84
N GLY D 259 15.33 -43.00 -22.79
CA GLY D 259 14.28 -43.01 -23.77
C GLY D 259 14.69 -42.46 -25.13
N PHE D 260 13.83 -42.71 -26.12
CA PHE D 260 13.92 -42.09 -27.44
C PHE D 260 15.23 -42.45 -28.15
N GLY D 261 15.57 -43.74 -28.12
CA GLY D 261 16.56 -44.29 -29.03
C GLY D 261 17.99 -44.36 -28.52
N ARG D 262 18.26 -43.88 -27.30
CA ARG D 262 19.65 -43.62 -26.91
C ARG D 262 20.44 -44.91 -26.71
N THR D 263 19.78 -46.00 -26.30
CA THR D 263 20.49 -47.26 -26.06
C THR D 263 20.44 -48.21 -27.25
N GLY D 264 19.89 -47.78 -28.38
CA GLY D 264 19.74 -48.62 -29.55
C GLY D 264 18.32 -49.10 -29.78
N LYS D 265 17.43 -48.87 -28.82
CA LYS D 265 16.01 -49.17 -28.95
C LYS D 265 15.22 -47.91 -28.62
N LEU D 266 13.99 -47.84 -29.15
CA LEU D 266 13.17 -46.67 -28.90
C LEU D 266 13.02 -46.40 -27.41
N PHE D 267 12.70 -47.46 -26.64
CA PHE D 267 12.69 -47.42 -25.19
C PHE D 267 13.53 -48.57 -24.67
N ALA D 268 14.32 -48.32 -23.61
CA ALA D 268 15.30 -49.33 -23.22
C ALA D 268 14.67 -50.56 -22.57
N CYS D 269 13.39 -50.50 -22.17
CA CYS D 269 12.70 -51.70 -21.75
C CYS D 269 12.69 -52.77 -22.84
N GLU D 270 12.78 -52.36 -24.12
CA GLU D 270 12.74 -53.32 -25.22
C GLU D 270 13.90 -54.31 -25.19
N HIS D 271 15.04 -53.91 -24.62
CA HIS D 271 16.17 -54.84 -24.53
C HIS D 271 15.79 -56.10 -23.76
N ALA D 272 14.84 -55.98 -22.84
CA ALA D 272 14.33 -57.10 -22.06
C ALA D 272 12.98 -57.57 -22.56
N GLY D 273 12.38 -56.87 -23.51
CA GLY D 273 11.07 -57.26 -24.00
C GLY D 273 9.99 -57.18 -22.94
N ILE D 274 10.08 -56.20 -22.05
CA ILE D 274 9.09 -56.04 -20.99
C ILE D 274 8.47 -54.65 -21.09
N THR D 275 7.33 -54.49 -20.41
CA THR D 275 6.60 -53.24 -20.34
C THR D 275 6.35 -52.88 -18.88
N ALA D 276 6.61 -51.63 -18.53
CA ALA D 276 6.33 -51.16 -17.18
C ALA D 276 4.85 -50.86 -17.01
N ASP D 277 4.44 -50.67 -15.74
CA ASP D 277 3.11 -50.17 -15.44
C ASP D 277 3.04 -48.67 -15.47
N ILE D 278 4.15 -48.00 -15.17
CA ILE D 278 4.28 -46.55 -15.33
C ILE D 278 5.62 -46.27 -15.98
N LEU D 279 5.59 -45.47 -17.04
CA LEU D 279 6.78 -45.13 -17.83
C LEU D 279 7.00 -43.63 -17.73
N CYS D 280 8.19 -43.23 -17.27
CA CYS D 280 8.55 -41.84 -17.09
C CYS D 280 9.51 -41.44 -18.20
N LEU D 281 9.24 -40.29 -18.81
CA LEU D 281 9.98 -39.78 -19.96
C LEU D 281 10.26 -38.29 -19.75
N GLY D 282 11.25 -37.81 -20.50
CA GLY D 282 11.64 -36.43 -20.42
C GLY D 282 12.80 -36.16 -21.34
N LYS D 283 13.60 -35.14 -21.00
CA LYS D 283 14.84 -34.76 -21.67
C LYS D 283 14.69 -34.74 -23.19
N ALA D 284 15.01 -35.84 -23.86
CA ALA D 284 14.97 -35.84 -25.33
C ALA D 284 13.55 -35.70 -25.88
N LEU D 285 12.55 -35.79 -24.99
CA LEU D 285 11.15 -35.58 -25.36
C LEU D 285 10.96 -34.31 -26.19
N THR D 286 11.56 -33.21 -25.74
CA THR D 286 11.51 -31.92 -26.44
C THR D 286 12.68 -31.73 -27.40
N GLY D 287 13.48 -32.76 -27.65
CA GLY D 287 14.70 -32.57 -28.40
C GLY D 287 15.73 -31.73 -27.68
N GLY D 288 15.58 -31.56 -26.37
CA GLY D 288 16.52 -30.77 -25.60
C GLY D 288 16.40 -29.28 -25.76
N THR D 289 15.20 -28.78 -26.06
CA THR D 289 15.01 -27.34 -26.28
C THR D 289 14.49 -26.62 -25.05
N MET D 290 13.73 -27.32 -24.22
CA MET D 290 13.11 -26.79 -23.01
C MET D 290 12.58 -27.99 -22.22
N THR D 291 12.32 -27.77 -20.92
CA THR D 291 11.92 -28.88 -20.07
C THR D 291 10.47 -29.27 -20.32
N LEU D 292 10.22 -30.57 -20.19
CA LEU D 292 8.92 -31.21 -20.28
C LEU D 292 9.13 -32.66 -19.90
N SER D 293 8.11 -33.25 -19.28
CA SER D 293 8.20 -34.64 -18.84
C SER D 293 6.82 -35.27 -18.94
N ALA D 294 6.78 -36.60 -18.78
CA ALA D 294 5.51 -37.30 -18.79
C ALA D 294 5.61 -38.58 -17.98
N ALA D 295 4.50 -38.91 -17.30
CA ALA D 295 4.30 -40.24 -16.73
C ALA D 295 3.13 -40.87 -17.48
N ILE D 296 3.37 -42.03 -18.10
CA ILE D 296 2.37 -42.75 -18.88
C ILE D 296 2.06 -44.04 -18.13
N THR D 297 0.77 -44.34 -17.96
CA THR D 297 0.44 -45.54 -17.21
C THR D 297 -0.67 -46.31 -17.93
N THR D 298 -1.00 -47.47 -17.34
CA THR D 298 -2.04 -48.35 -17.85
C THR D 298 -3.42 -47.85 -17.47
N ARG D 299 -4.42 -48.32 -18.23
CA ARG D 299 -5.81 -48.01 -17.92
C ARG D 299 -6.19 -48.48 -16.52
N THR D 300 -5.64 -49.62 -16.09
CA THR D 300 -6.03 -50.15 -14.78
C THR D 300 -5.48 -49.28 -13.66
N VAL D 301 -4.23 -48.84 -13.79
CA VAL D 301 -3.68 -47.89 -12.82
C VAL D 301 -4.47 -46.60 -12.86
N ALA D 302 -4.79 -46.13 -14.06
CA ALA D 302 -5.50 -44.86 -14.20
C ALA D 302 -6.91 -44.91 -13.61
N GLU D 303 -7.60 -46.04 -13.78
CA GLU D 303 -8.97 -46.13 -13.29
C GLU D 303 -9.02 -46.52 -11.82
N THR D 304 -8.00 -47.23 -11.33
CA THR D 304 -7.94 -47.54 -9.91
C THR D 304 -7.77 -46.28 -9.08
N ILE D 305 -6.88 -45.38 -9.52
CA ILE D 305 -6.67 -44.10 -8.83
C ILE D 305 -7.98 -43.33 -8.73
N SER D 306 -8.79 -43.38 -9.77
CA SER D 306 -10.05 -42.65 -9.79
C SER D 306 -11.16 -43.42 -9.09
N PRO D 317 -0.63 -25.95 -10.58
CA PRO D 317 0.18 -26.61 -11.61
C PRO D 317 0.24 -25.76 -12.86
N THR D 318 0.62 -24.49 -12.68
CA THR D 318 0.54 -23.46 -13.70
C THR D 318 0.94 -23.95 -15.09
N PHE D 319 2.05 -24.70 -15.20
CA PHE D 319 2.64 -24.93 -16.52
C PHE D 319 2.43 -26.33 -17.05
N MET D 320 1.63 -27.15 -16.36
CA MET D 320 1.29 -28.47 -16.90
C MET D 320 0.59 -28.34 -18.25
N GLY D 321 1.03 -29.16 -19.21
CA GLY D 321 0.47 -29.14 -20.55
C GLY D 321 0.99 -28.06 -21.46
N ASN D 322 2.01 -27.27 -21.01
CA ASN D 322 2.57 -26.12 -21.73
C ASN D 322 2.51 -26.31 -23.24
N PRO D 323 1.61 -25.58 -23.94
CA PRO D 323 1.50 -25.73 -25.40
C PRO D 323 2.81 -25.63 -26.14
N LEU D 324 3.69 -24.71 -25.70
CA LEU D 324 4.94 -24.48 -26.40
C LEU D 324 5.85 -25.70 -26.32
N ALA D 325 5.97 -26.29 -25.12
CA ALA D 325 6.77 -27.50 -24.96
C ALA D 325 6.13 -28.67 -25.68
N CYS D 326 4.79 -28.78 -25.63
CA CYS D 326 4.12 -29.85 -26.37
C CYS D 326 4.41 -29.76 -27.85
N ALA D 327 4.33 -28.56 -28.42
CA ALA D 327 4.46 -28.41 -29.86
C ALA D 327 5.87 -28.81 -30.32
N VAL D 328 6.90 -28.43 -29.58
CA VAL D 328 8.25 -28.80 -30.01
C VAL D 328 8.51 -30.28 -29.73
N ALA D 329 7.92 -30.83 -28.65
CA ALA D 329 8.07 -32.26 -28.40
C ALA D 329 7.44 -33.07 -29.52
N SER D 330 6.27 -32.63 -30.00
CA SER D 330 5.65 -33.29 -31.14
C SER D 330 6.57 -33.28 -32.35
N GLU D 331 7.32 -32.19 -32.56
CA GLU D 331 8.20 -32.14 -33.73
C GLU D 331 9.46 -32.97 -33.51
N SER D 332 9.96 -33.00 -32.27
CA SER D 332 11.06 -33.91 -31.97
C SER D 332 10.68 -35.36 -32.28
N LEU D 333 9.48 -35.77 -31.85
CA LEU D 333 9.02 -37.14 -32.09
C LEU D 333 8.76 -37.39 -33.57
N ARG D 334 8.35 -36.36 -34.33
CA ARG D 334 8.25 -36.54 -35.78
C ARG D 334 9.61 -36.82 -36.41
N LEU D 335 10.66 -36.12 -35.94
CA LEU D 335 12.00 -36.38 -36.46
C LEU D 335 12.41 -37.82 -36.22
N LEU D 336 12.08 -38.36 -35.04
CA LEU D 336 12.38 -39.75 -34.72
C LEU D 336 11.54 -40.74 -35.52
N GLU D 337 10.43 -40.29 -36.08
CA GLU D 337 9.57 -41.19 -36.84
C GLU D 337 10.17 -41.57 -38.18
N SER D 338 11.17 -40.82 -38.66
CA SER D 338 11.87 -41.23 -39.88
C SER D 338 12.64 -42.52 -39.67
N GLY D 339 12.91 -42.90 -38.43
CA GLY D 339 13.68 -44.09 -38.14
C GLY D 339 15.18 -43.96 -38.32
N GLU D 340 15.66 -42.80 -38.79
CA GLU D 340 17.08 -42.61 -39.02
C GLU D 340 17.90 -42.74 -37.73
N TRP D 341 17.29 -42.55 -36.56
CA TRP D 341 18.02 -42.72 -35.31
C TRP D 341 18.57 -44.13 -35.17
N GLN D 342 17.88 -45.13 -35.73
CA GLN D 342 18.30 -46.51 -35.51
C GLN D 342 19.64 -46.82 -36.17
N PRO D 343 19.85 -46.56 -37.47
CA PRO D 343 21.21 -46.75 -38.02
C PRO D 343 22.20 -45.71 -37.55
N GLN D 344 21.74 -44.51 -37.19
CA GLN D 344 22.65 -43.50 -36.66
C GLN D 344 23.21 -43.94 -35.31
N VAL D 345 22.33 -44.42 -34.42
CA VAL D 345 22.79 -44.88 -33.11
C VAL D 345 23.65 -46.14 -33.27
N ALA D 346 23.27 -47.03 -34.19
CA ALA D 346 24.05 -48.26 -34.38
C ALA D 346 25.45 -47.94 -34.90
N ALA D 347 25.57 -46.93 -35.75
CA ALA D 347 26.88 -46.54 -36.27
C ALA D 347 27.72 -45.86 -35.19
N ILE D 348 27.10 -44.95 -34.42
CA ILE D 348 27.77 -44.36 -33.26
C ILE D 348 28.26 -45.45 -32.32
N GLU D 349 27.38 -46.40 -32.00
CA GLU D 349 27.73 -47.52 -31.13
C GLU D 349 28.99 -48.23 -31.64
N ALA D 350 29.03 -48.56 -32.94
CA ALA D 350 30.17 -49.32 -33.46
C ALA D 350 31.45 -48.49 -33.44
N GLN D 351 31.34 -47.18 -33.70
CA GLN D 351 32.53 -46.32 -33.67
C GLN D 351 33.02 -46.09 -32.25
N LEU D 352 32.09 -45.98 -31.29
CA LEU D 352 32.49 -45.88 -29.89
C LEU D 352 33.23 -47.13 -29.45
N GLN D 353 32.71 -48.31 -29.80
CA GLN D 353 33.37 -49.56 -29.39
C GLN D 353 34.77 -49.67 -29.95
N ALA D 354 34.94 -49.34 -31.24
CA ALA D 354 36.25 -49.47 -31.88
C ALA D 354 37.23 -48.43 -31.36
N GLU D 355 36.77 -47.19 -31.17
CA GLU D 355 37.68 -46.11 -30.83
C GLU D 355 37.92 -45.96 -29.33
N LEU D 356 36.99 -46.42 -28.49
CA LEU D 356 37.21 -46.42 -27.04
C LEU D 356 37.91 -47.68 -26.53
N ALA D 357 37.91 -48.75 -27.32
CA ALA D 357 38.57 -50.00 -26.92
C ALA D 357 40.02 -49.82 -26.48
N PRO D 358 40.87 -49.02 -27.15
CA PRO D 358 42.26 -48.89 -26.69
C PRO D 358 42.40 -48.34 -25.28
N ALA D 359 41.37 -47.66 -24.75
CA ALA D 359 41.48 -47.09 -23.42
C ALA D 359 41.57 -48.18 -22.36
N ARG D 360 41.05 -49.38 -22.65
CA ARG D 360 41.16 -50.49 -21.71
C ARG D 360 42.62 -50.81 -21.38
N GLY D 361 43.54 -50.42 -22.23
CA GLY D 361 44.96 -50.63 -22.00
C GLY D 361 45.63 -49.57 -21.17
N SER D 362 44.90 -48.54 -20.76
CA SER D 362 45.48 -47.46 -19.96
C SER D 362 45.42 -47.82 -18.47
N ALA D 363 46.53 -47.56 -17.76
CA ALA D 363 46.59 -47.81 -16.32
C ALA D 363 45.38 -47.22 -15.59
N LEU D 364 45.03 -45.98 -15.92
CA LEU D 364 43.99 -45.28 -15.16
C LEU D 364 42.59 -45.72 -15.49
N VAL D 365 42.39 -46.62 -16.46
CA VAL D 365 41.04 -46.97 -16.92
C VAL D 365 40.65 -48.29 -16.30
N ALA D 366 39.55 -48.27 -15.54
CA ALA D 366 39.03 -49.48 -14.91
C ALA D 366 38.03 -50.21 -15.80
N ASP D 367 37.29 -49.47 -16.64
CA ASP D 367 36.28 -50.09 -17.48
C ASP D 367 35.89 -49.17 -18.62
N VAL D 368 35.63 -49.78 -19.78
CA VAL D 368 35.03 -49.13 -20.94
C VAL D 368 33.75 -49.87 -21.27
N ARG D 369 32.64 -49.14 -21.35
CA ARG D 369 31.37 -49.76 -21.69
C ARG D 369 30.62 -48.88 -22.66
N VAL D 370 30.03 -49.52 -23.67
CA VAL D 370 29.33 -48.85 -24.76
C VAL D 370 27.97 -49.51 -24.95
N LEU D 371 26.95 -48.69 -25.14
CA LEU D 371 25.63 -49.20 -25.51
C LEU D 371 24.91 -48.09 -26.26
N GLY D 372 24.49 -48.39 -27.49
CA GLY D 372 23.91 -47.36 -28.33
C GLY D 372 24.84 -46.18 -28.47
N ALA D 373 24.29 -44.97 -28.28
CA ALA D 373 25.12 -43.76 -28.37
C ALA D 373 25.51 -43.29 -26.97
N ILE D 374 26.00 -44.25 -26.19
CA ILE D 374 26.53 -44.04 -24.84
C ILE D 374 27.89 -44.71 -24.77
N GLY D 375 28.92 -43.93 -24.48
CA GLY D 375 30.28 -44.44 -24.37
C GLY D 375 30.89 -43.99 -23.06
N VAL D 376 31.27 -44.96 -22.21
CA VAL D 376 31.66 -44.69 -20.84
C VAL D 376 33.07 -45.21 -20.64
N VAL D 377 33.93 -44.34 -20.13
CA VAL D 377 35.27 -44.72 -19.69
C VAL D 377 35.30 -44.43 -18.20
N GLU D 378 35.29 -45.49 -17.39
CA GLU D 378 35.38 -45.35 -15.95
C GLU D 378 36.84 -45.47 -15.53
N THR D 379 37.32 -44.46 -14.80
CA THR D 379 38.70 -44.38 -14.39
C THR D 379 38.87 -44.80 -12.94
N ARG D 380 40.12 -45.17 -12.58
CA ARG D 380 40.42 -45.63 -11.24
C ARG D 380 40.55 -44.48 -10.24
N ARG D 381 40.82 -43.28 -10.72
CA ARG D 381 40.94 -42.10 -9.91
C ARG D 381 40.05 -40.99 -10.46
N PRO D 382 39.62 -40.07 -9.62
CA PRO D 382 38.73 -39.00 -10.11
C PRO D 382 39.51 -37.95 -10.88
N VAL D 383 38.82 -37.32 -11.81
CA VAL D 383 39.48 -36.35 -12.69
C VAL D 383 39.75 -35.06 -11.94
N ASN D 384 40.85 -34.42 -12.31
CA ASN D 384 41.10 -33.00 -12.05
C ASN D 384 40.23 -32.22 -13.02
N MET D 385 39.05 -31.77 -12.54
CA MET D 385 38.05 -31.18 -13.43
C MET D 385 38.60 -29.98 -14.20
N ALA D 386 39.32 -29.09 -13.52
CA ALA D 386 39.80 -27.88 -14.17
C ALA D 386 40.78 -28.20 -15.29
N ALA D 387 41.84 -28.95 -14.97
CA ALA D 387 42.86 -29.31 -15.96
C ALA D 387 42.27 -30.09 -17.13
N LEU D 388 41.33 -31.00 -16.86
CA LEU D 388 40.79 -31.84 -17.93
C LEU D 388 39.81 -31.08 -18.81
N GLN D 389 38.96 -30.24 -18.20
CA GLN D 389 38.01 -29.48 -19.00
C GLN D 389 38.72 -28.51 -19.92
N ARG D 390 39.79 -27.87 -19.42
CA ARG D 390 40.58 -27.00 -20.28
C ARG D 390 41.17 -27.78 -21.45
N PHE D 391 41.73 -28.96 -21.16
CA PHE D 391 42.28 -29.81 -22.22
C PHE D 391 41.25 -30.10 -23.29
N PHE D 392 40.07 -30.57 -22.88
CA PHE D 392 39.01 -30.90 -23.83
C PHE D 392 38.65 -29.69 -24.69
N VAL D 393 38.45 -28.53 -24.04
CA VAL D 393 38.11 -27.32 -24.78
C VAL D 393 39.22 -26.97 -25.76
N GLU D 394 40.48 -27.10 -25.31
CA GLU D 394 41.62 -26.82 -26.17
C GLU D 394 41.69 -27.76 -27.37
N GLN D 395 41.06 -28.93 -27.27
CA GLN D 395 40.98 -29.87 -28.38
C GLN D 395 39.74 -29.63 -29.24
N GLY D 396 38.94 -28.61 -28.93
CA GLY D 396 37.78 -28.28 -29.73
C GLY D 396 36.57 -29.15 -29.50
N VAL D 397 36.46 -29.78 -28.33
CA VAL D 397 35.35 -30.68 -28.03
C VAL D 397 34.75 -30.26 -26.70
N TRP D 398 33.44 -30.50 -26.55
CA TRP D 398 32.77 -30.27 -25.28
C TRP D 398 32.46 -31.64 -24.69
N ILE D 399 33.26 -32.01 -23.69
CA ILE D 399 33.08 -33.24 -22.93
C ILE D 399 33.09 -32.84 -21.46
N ARG D 400 32.05 -33.24 -20.73
CA ARG D 400 31.85 -32.79 -19.35
C ARG D 400 32.01 -33.99 -18.43
N PRO D 401 33.22 -34.30 -17.98
CA PRO D 401 33.42 -35.47 -17.13
C PRO D 401 32.85 -35.23 -15.74
N PHE D 402 32.77 -36.31 -14.98
CA PHE D 402 32.23 -36.23 -13.63
C PHE D 402 32.85 -37.34 -12.79
N GLY D 403 33.65 -36.95 -11.80
CA GLY D 403 34.24 -37.90 -10.88
C GLY D 403 35.19 -38.85 -11.55
N ARG D 404 34.86 -40.14 -11.55
CA ARG D 404 35.65 -41.15 -12.24
C ARG D 404 35.02 -41.59 -13.55
N LEU D 405 34.16 -40.74 -14.14
CA LEU D 405 33.47 -41.04 -15.39
C LEU D 405 33.83 -39.99 -16.44
N ILE D 406 34.48 -40.45 -17.51
CA ILE D 406 34.61 -39.68 -18.76
C ILE D 406 33.73 -40.38 -19.79
N TYR D 407 32.59 -39.77 -20.12
CA TYR D 407 31.58 -40.43 -20.93
C TYR D 407 31.13 -39.54 -22.09
N LEU D 408 30.60 -40.22 -23.11
CA LEU D 408 30.14 -39.60 -24.35
C LEU D 408 28.70 -39.98 -24.62
N MET D 409 27.90 -38.98 -25.00
CA MET D 409 26.50 -39.17 -25.35
C MET D 409 26.14 -38.14 -26.42
N PRO D 410 26.69 -38.32 -27.62
CA PRO D 410 26.61 -37.28 -28.63
C PRO D 410 25.24 -37.23 -29.28
N PRO D 411 24.90 -36.09 -29.90
CA PRO D 411 23.71 -36.03 -30.73
C PRO D 411 23.75 -37.07 -31.83
N TYR D 412 22.57 -37.56 -32.20
CA TYR D 412 22.46 -38.63 -33.19
C TYR D 412 23.01 -38.21 -34.54
N ILE D 413 23.03 -36.90 -34.83
CA ILE D 413 23.47 -36.40 -36.13
C ILE D 413 24.98 -36.23 -36.22
N ILE D 414 25.73 -36.60 -35.19
CA ILE D 414 27.18 -36.35 -35.19
C ILE D 414 27.84 -37.10 -36.35
N THR D 415 28.82 -36.45 -37.00
CA THR D 415 29.51 -37.08 -38.12
C THR D 415 30.61 -38.02 -37.61
N PRO D 416 31.11 -38.91 -38.48
CA PRO D 416 32.23 -39.77 -38.04
C PRO D 416 33.44 -38.95 -37.61
N GLU D 417 33.78 -37.90 -38.36
CA GLU D 417 34.96 -37.10 -38.03
C GLU D 417 34.79 -36.40 -36.69
N GLN D 418 33.59 -35.88 -36.41
CA GLN D 418 33.35 -35.23 -35.13
C GLN D 418 33.47 -36.23 -33.98
N LEU D 419 32.94 -37.45 -34.16
CA LEU D 419 32.98 -38.44 -33.09
C LEU D 419 34.41 -38.90 -32.84
N THR D 420 35.20 -39.01 -33.90
CA THR D 420 36.61 -39.37 -33.72
C THR D 420 37.36 -38.31 -32.93
N ARG D 421 37.03 -37.03 -33.17
CA ARG D 421 37.61 -35.98 -32.34
C ARG D 421 37.33 -36.22 -30.86
N LEU D 422 36.13 -36.71 -30.55
CA LEU D 422 35.75 -36.93 -29.15
C LEU D 422 36.50 -38.11 -28.55
N THR D 423 36.55 -39.23 -29.28
CA THR D 423 37.15 -40.46 -28.73
C THR D 423 38.66 -40.32 -28.58
N ARG D 424 39.29 -39.67 -29.55
CA ARG D 424 40.73 -39.42 -29.46
C ARG D 424 41.06 -38.53 -28.28
N ALA D 425 40.24 -37.51 -28.04
CA ALA D 425 40.41 -36.67 -26.85
C ALA D 425 40.27 -37.48 -25.58
N VAL D 426 39.28 -38.38 -25.54
CA VAL D 426 39.10 -39.24 -24.38
C VAL D 426 40.30 -40.16 -24.21
N ASN D 427 40.74 -40.77 -25.31
CA ASN D 427 41.86 -41.69 -25.24
C ASN D 427 43.14 -40.98 -24.79
N GLN D 428 43.33 -39.72 -25.20
CA GLN D 428 44.54 -39.02 -24.78
C GLN D 428 44.48 -38.67 -23.30
N ALA D 429 43.29 -38.33 -22.80
CA ALA D 429 43.20 -37.87 -21.42
C ALA D 429 43.53 -39.00 -20.45
N VAL D 430 43.01 -40.21 -20.70
CA VAL D 430 43.19 -41.30 -19.76
C VAL D 430 44.58 -41.91 -19.82
N GLN D 431 45.42 -41.42 -20.71
CA GLN D 431 46.81 -41.78 -20.78
C GLN D 431 47.70 -40.88 -19.93
N ASP D 432 47.15 -39.79 -19.39
CA ASP D 432 47.94 -38.76 -18.73
C ASP D 432 47.44 -38.57 -17.30
N GLU D 433 48.30 -38.86 -16.32
CA GLU D 433 47.93 -38.79 -14.92
C GLU D 433 47.75 -37.35 -14.43
N THR D 434 48.24 -36.36 -15.19
CA THR D 434 48.04 -34.96 -14.78
C THR D 434 46.56 -34.58 -14.74
N PHE D 435 45.70 -35.30 -15.46
CA PHE D 435 44.28 -35.02 -15.52
C PHE D 435 43.48 -35.69 -14.40
N PHE D 436 44.15 -36.22 -13.38
CA PHE D 436 43.51 -37.02 -12.35
C PHE D 436 44.08 -36.66 -10.98
N SER D 437 43.37 -37.07 -9.94
CA SER D 437 43.75 -36.76 -8.57
C SER D 437 44.06 -38.02 -7.77
#